data_1D9N
#
_entry.id   1D9N
#
_cell.length_a   1.000
_cell.length_b   1.000
_cell.length_c   1.000
_cell.angle_alpha   90.00
_cell.angle_beta   90.00
_cell.angle_gamma   90.00
#
_symmetry.space_group_name_H-M   'P 1'
#
_entity_poly.entity_id   1
_entity_poly.type   'polypeptide(L)'
_entity_poly.pdbx_seq_one_letter_code
;MAEDWLDCPALGPGWKRREVFRKSGATCGRSDTYYQSPTGDRIRSKVELTRYLGPACDLTLFDFKQGILCYPAPK
;
_entity_poly.pdbx_strand_id   A
#
# COMPACT_ATOMS: atom_id res chain seq x y z
N MET A 1 18.38 6.02 7.17
CA MET A 1 17.44 7.07 6.72
C MET A 1 16.30 6.42 5.93
N ALA A 2 15.47 5.65 6.58
CA ALA A 2 14.34 4.99 5.87
C ALA A 2 13.59 4.08 6.84
N GLU A 3 12.62 3.34 6.37
CA GLU A 3 11.86 2.45 7.27
C GLU A 3 11.84 1.03 6.68
N ASP A 4 10.83 0.71 5.91
CA ASP A 4 10.76 -0.66 5.32
C ASP A 4 10.27 -0.55 3.86
N TRP A 5 10.64 0.48 3.17
CA TRP A 5 10.20 0.63 1.76
C TRP A 5 10.57 -0.63 0.97
N LEU A 6 9.66 -1.56 0.85
CA LEU A 6 9.97 -2.81 0.10
C LEU A 6 9.20 -2.81 -1.22
N ASP A 7 9.61 -3.61 -2.16
CA ASP A 7 8.90 -3.68 -3.47
C ASP A 7 7.40 -3.85 -3.22
N CYS A 8 6.59 -3.05 -3.85
CA CYS A 8 5.12 -3.18 -3.66
C CYS A 8 4.58 -4.30 -4.57
N PRO A 9 4.09 -5.35 -3.95
CA PRO A 9 3.54 -6.51 -4.68
C PRO A 9 2.13 -6.22 -5.21
N ALA A 10 1.22 -5.84 -4.34
CA ALA A 10 -0.17 -5.54 -4.79
C ALA A 10 -0.15 -4.82 -6.13
N LEU A 11 0.52 -3.70 -6.21
CA LEU A 11 0.57 -2.95 -7.48
C LEU A 11 1.67 -3.52 -8.38
N GLY A 12 2.88 -3.56 -7.90
CA GLY A 12 3.98 -4.12 -8.74
C GLY A 12 5.25 -3.28 -8.55
N PRO A 13 6.01 -3.16 -9.61
CA PRO A 13 7.27 -2.38 -9.60
C PRO A 13 6.98 -0.88 -9.68
N GLY A 14 7.91 -0.06 -9.25
CA GLY A 14 7.69 1.41 -9.31
C GLY A 14 6.99 1.88 -8.03
N TRP A 15 6.07 1.12 -7.54
CA TRP A 15 5.34 1.52 -6.30
C TRP A 15 6.10 1.00 -5.07
N LYS A 16 6.35 1.85 -4.11
CA LYS A 16 7.08 1.39 -2.89
C LYS A 16 6.07 1.09 -1.79
N ARG A 17 6.12 -0.07 -1.21
CA ARG A 17 5.15 -0.41 -0.14
C ARG A 17 5.84 -0.40 1.22
N ARG A 18 5.70 0.67 1.95
CA ARG A 18 6.34 0.75 3.29
C ARG A 18 5.30 0.45 4.37
N GLU A 19 5.69 -0.18 5.44
CA GLU A 19 4.71 -0.50 6.52
C GLU A 19 5.17 0.12 7.84
N VAL A 20 4.26 0.32 8.76
CA VAL A 20 4.63 0.92 10.07
C VAL A 20 3.86 0.21 11.19
N PHE A 21 4.32 0.32 12.40
CA PHE A 21 3.62 -0.35 13.53
C PHE A 21 3.33 -1.81 13.15
N ARG A 22 4.16 -2.38 12.31
CA ARG A 22 3.94 -3.79 11.89
C ARG A 22 4.93 -4.70 12.63
N LYS A 23 6.15 -4.27 12.78
CA LYS A 23 7.15 -5.11 13.48
C LYS A 23 6.96 -4.98 15.00
N SER A 24 7.52 -3.95 15.59
CA SER A 24 7.37 -3.78 17.06
C SER A 24 5.89 -3.51 17.38
N GLY A 25 5.37 -4.18 18.38
CA GLY A 25 3.94 -3.96 18.75
C GLY A 25 3.32 -5.29 19.17
N ALA A 26 2.30 -5.26 19.99
CA ALA A 26 1.65 -6.52 20.43
C ALA A 26 1.24 -7.34 19.20
N THR A 27 0.79 -8.55 19.42
CA THR A 27 0.38 -9.40 18.27
C THR A 27 -0.75 -8.70 17.49
N CYS A 28 -1.36 -7.71 18.08
CA CYS A 28 -2.47 -7.00 17.39
C CYS A 28 -2.09 -5.53 17.20
N GLY A 29 -0.83 -5.24 17.05
CA GLY A 29 -0.40 -3.83 16.89
C GLY A 29 -0.80 -3.33 15.50
N ARG A 30 -1.89 -2.60 15.41
CA ARG A 30 -2.35 -2.09 14.09
C ARG A 30 -1.15 -1.49 13.34
N SER A 31 -0.79 -2.06 12.23
CA SER A 31 0.37 -1.52 11.45
C SER A 31 -0.15 -0.60 10.34
N ASP A 32 0.29 0.62 10.33
CA ASP A 32 -0.17 1.56 9.26
C ASP A 32 0.62 1.28 7.98
N THR A 33 0.10 1.63 6.85
CA THR A 33 0.85 1.36 5.59
C THR A 33 0.81 2.59 4.67
N TYR A 34 1.95 3.07 4.28
CA TYR A 34 2.00 4.25 3.38
C TYR A 34 2.80 3.88 2.12
N TYR A 35 2.41 4.38 0.99
CA TYR A 35 3.14 4.04 -0.26
C TYR A 35 3.79 5.29 -0.86
N GLN A 36 4.85 5.11 -1.60
CA GLN A 36 5.53 6.27 -2.23
C GLN A 36 5.56 6.08 -3.75
N SER A 37 4.98 6.99 -4.48
CA SER A 37 4.97 6.86 -5.96
C SER A 37 6.40 7.05 -6.48
N PRO A 38 6.59 6.73 -7.73
CA PRO A 38 7.91 6.85 -8.39
C PRO A 38 8.20 8.32 -8.75
N THR A 39 7.34 9.22 -8.35
CA THR A 39 7.56 10.66 -8.66
C THR A 39 7.77 11.45 -7.38
N GLY A 40 7.30 10.93 -6.27
CA GLY A 40 7.48 11.65 -4.98
C GLY A 40 6.10 11.97 -4.38
N ASP A 41 5.08 11.32 -4.86
CA ASP A 41 3.71 11.57 -4.32
C ASP A 41 3.38 10.51 -3.27
N ARG A 42 3.38 10.89 -2.01
CA ARG A 42 3.07 9.89 -0.95
C ARG A 42 1.56 9.83 -0.73
N ILE A 43 1.00 8.66 -0.68
CA ILE A 43 -0.47 8.52 -0.47
C ILE A 43 -0.73 7.52 0.66
N ARG A 44 -1.81 7.70 1.39
CA ARG A 44 -2.09 6.75 2.51
C ARG A 44 -3.61 6.49 2.59
N SER A 45 -4.36 6.94 1.62
CA SER A 45 -5.83 6.70 1.65
C SER A 45 -6.17 5.47 0.80
N LYS A 46 -5.18 4.71 0.45
CA LYS A 46 -5.44 3.49 -0.37
C LYS A 46 -6.01 3.89 -1.73
N VAL A 47 -7.30 3.90 -1.86
CA VAL A 47 -7.90 4.27 -3.18
C VAL A 47 -7.33 5.61 -3.64
N GLU A 48 -7.01 6.48 -2.72
CA GLU A 48 -6.44 7.80 -3.12
C GLU A 48 -5.24 7.56 -4.04
N LEU A 49 -4.38 6.65 -3.68
CA LEU A 49 -3.20 6.38 -4.55
C LEU A 49 -3.68 5.63 -5.79
N THR A 50 -4.76 4.89 -5.67
CA THR A 50 -5.29 4.17 -6.86
C THR A 50 -5.69 5.19 -7.91
N ARG A 51 -6.68 6.00 -7.62
CA ARG A 51 -7.13 7.02 -8.60
C ARG A 51 -5.93 7.87 -9.02
N TYR A 52 -4.92 7.94 -8.20
CA TYR A 52 -3.71 8.74 -8.56
C TYR A 52 -2.97 8.04 -9.70
N LEU A 53 -2.38 6.90 -9.41
CA LEU A 53 -1.65 6.15 -10.46
C LEU A 53 -2.48 6.13 -11.74
N GLY A 54 -3.78 6.03 -11.61
CA GLY A 54 -4.65 6.00 -12.82
C GLY A 54 -5.29 4.61 -12.94
N PRO A 55 -5.70 4.29 -14.14
CA PRO A 55 -6.35 2.98 -14.43
C PRO A 55 -5.29 1.87 -14.51
N ALA A 56 -4.05 2.18 -14.21
CA ALA A 56 -2.99 1.14 -14.27
C ALA A 56 -2.96 0.36 -12.96
N CYS A 57 -3.47 0.92 -11.90
CA CYS A 57 -3.47 0.20 -10.59
C CYS A 57 -4.83 0.35 -9.91
N ASP A 58 -5.10 -0.46 -8.93
CA ASP A 58 -6.41 -0.36 -8.22
C ASP A 58 -6.26 -0.87 -6.79
N LEU A 59 -7.04 -0.35 -5.88
CA LEU A 59 -6.94 -0.82 -4.46
C LEU A 59 -8.33 -0.84 -3.84
N THR A 60 -9.36 -0.73 -4.63
CA THR A 60 -10.74 -0.76 -4.07
C THR A 60 -10.86 -1.91 -3.08
N LEU A 61 -10.38 -3.08 -3.44
CA LEU A 61 -10.47 -4.24 -2.52
C LEU A 61 -9.10 -4.47 -1.84
N PHE A 62 -8.14 -3.63 -2.16
CA PHE A 62 -6.79 -3.79 -1.55
C PHE A 62 -6.86 -3.52 -0.05
N ASP A 63 -6.20 -4.32 0.73
CA ASP A 63 -6.21 -4.10 2.21
C ASP A 63 -5.07 -3.16 2.59
N PHE A 64 -5.39 -1.97 3.02
CA PHE A 64 -4.31 -1.01 3.40
C PHE A 64 -3.64 -1.49 4.69
N LYS A 65 -3.08 -2.67 4.67
CA LYS A 65 -2.41 -3.19 5.89
C LYS A 65 -1.84 -4.58 5.59
N GLN A 66 -2.57 -5.38 4.85
CA GLN A 66 -2.07 -6.75 4.52
C GLN A 66 -1.28 -6.69 3.20
N GLY A 67 -1.63 -5.77 2.33
CA GLY A 67 -0.90 -5.66 1.03
C GLY A 67 -1.53 -6.60 0.00
N ILE A 68 -2.82 -6.79 0.06
CA ILE A 68 -3.48 -7.69 -0.92
C ILE A 68 -4.83 -7.11 -1.36
N LEU A 69 -5.30 -7.47 -2.52
CA LEU A 69 -6.61 -6.96 -3.01
C LEU A 69 -7.32 -8.08 -3.77
N CYS A 70 -8.61 -8.15 -3.70
CA CYS A 70 -9.34 -9.23 -4.43
C CYS A 70 -10.34 -8.61 -5.42
N TYR A 71 -10.69 -9.35 -6.44
CA TYR A 71 -11.66 -8.82 -7.43
C TYR A 71 -12.54 -9.98 -7.96
N PRO A 72 -13.72 -10.08 -7.40
CA PRO A 72 -14.68 -11.14 -7.79
C PRO A 72 -15.33 -10.80 -9.12
N ALA A 73 -14.77 -11.24 -10.22
CA ALA A 73 -15.36 -10.94 -11.54
C ALA A 73 -15.69 -9.44 -11.63
N PRO A 74 -14.73 -8.69 -12.12
CA PRO A 74 -14.88 -7.23 -12.27
C PRO A 74 -15.74 -6.91 -13.50
N LYS A 75 -17.01 -7.20 -13.43
CA LYS A 75 -17.90 -6.91 -14.59
C LYS A 75 -18.69 -5.62 -14.34
N MET A 1 -9.59 2.28 16.01
CA MET A 1 -9.38 3.55 15.27
C MET A 1 -9.17 3.27 13.78
N ALA A 2 -9.77 2.22 13.28
CA ALA A 2 -9.62 1.89 11.84
C ALA A 2 -10.02 3.10 11.00
N GLU A 3 -9.23 3.46 10.02
CA GLU A 3 -9.58 4.63 9.18
C GLU A 3 -10.25 4.15 7.89
N ASP A 4 -9.49 3.55 7.01
CA ASP A 4 -10.08 3.07 5.73
C ASP A 4 -9.34 1.81 5.26
N TRP A 5 -8.77 1.08 6.19
CA TRP A 5 -8.03 -0.16 5.81
C TRP A 5 -8.91 -1.00 4.87
N LEU A 6 -8.78 -0.82 3.59
CA LEU A 6 -9.59 -1.60 2.62
C LEU A 6 -8.74 -2.73 2.03
N ASP A 7 -9.37 -3.75 1.52
CA ASP A 7 -8.61 -4.87 0.92
C ASP A 7 -7.54 -4.31 -0.03
N CYS A 8 -6.33 -4.77 0.08
CA CYS A 8 -5.25 -4.26 -0.82
C CYS A 8 -5.08 -5.21 -2.02
N PRO A 9 -5.49 -4.77 -3.17
CA PRO A 9 -5.39 -5.57 -4.40
C PRO A 9 -3.97 -5.54 -4.95
N ALA A 10 -3.26 -4.46 -4.76
CA ALA A 10 -1.86 -4.38 -5.27
C ALA A 10 -1.09 -5.62 -4.84
N LEU A 11 -1.03 -5.87 -3.56
CA LEU A 11 -0.29 -7.08 -3.08
C LEU A 11 -1.22 -8.29 -3.07
N GLY A 12 -2.33 -8.21 -2.38
CA GLY A 12 -3.27 -9.36 -2.36
C GLY A 12 -4.12 -9.31 -1.08
N PRO A 13 -4.51 -10.47 -0.62
CA PRO A 13 -5.35 -10.60 0.59
C PRO A 13 -4.49 -10.41 1.84
N GLY A 14 -5.11 -10.10 2.94
CA GLY A 14 -4.34 -9.90 4.20
C GLY A 14 -3.79 -8.47 4.24
N TRP A 15 -3.10 -8.06 3.21
CA TRP A 15 -2.54 -6.68 3.18
C TRP A 15 -3.68 -5.67 3.17
N LYS A 16 -3.67 -4.75 4.09
CA LYS A 16 -4.75 -3.73 4.13
C LYS A 16 -4.20 -2.38 3.65
N ARG A 17 -4.65 -1.91 2.52
CA ARG A 17 -4.15 -0.61 2.01
C ARG A 17 -4.99 0.53 2.60
N ARG A 18 -4.39 1.39 3.38
CA ARG A 18 -5.15 2.51 3.98
C ARG A 18 -5.00 3.77 3.11
N GLU A 19 -6.05 4.52 2.94
CA GLU A 19 -5.95 5.75 2.11
C GLU A 19 -6.17 6.98 2.99
N VAL A 20 -5.20 7.85 3.06
CA VAL A 20 -5.36 9.07 3.90
C VAL A 20 -5.07 10.32 3.06
N PHE A 21 -5.59 11.44 3.47
CA PHE A 21 -5.35 12.70 2.70
C PHE A 21 -5.82 12.51 1.26
N ARG A 22 -6.61 11.50 1.00
CA ARG A 22 -7.10 11.27 -0.39
C ARG A 22 -8.28 12.21 -0.65
N LYS A 23 -8.90 12.68 0.40
CA LYS A 23 -10.07 13.59 0.22
C LYS A 23 -9.76 14.94 0.89
N SER A 24 -9.83 14.99 2.19
CA SER A 24 -9.54 16.27 2.91
C SER A 24 -10.57 17.33 2.51
N GLY A 25 -10.50 17.82 1.30
CA GLY A 25 -11.46 18.85 0.85
C GLY A 25 -11.52 18.86 -0.68
N ALA A 26 -10.96 19.86 -1.29
CA ALA A 26 -10.99 19.92 -2.79
C ALA A 26 -9.94 18.94 -3.34
N THR A 27 -9.52 19.14 -4.55
CA THR A 27 -8.50 18.21 -5.14
C THR A 27 -7.10 18.82 -4.98
N CYS A 28 -6.49 18.64 -3.84
CA CYS A 28 -5.14 19.22 -3.62
C CYS A 28 -4.42 18.45 -2.52
N GLY A 29 -4.14 17.19 -2.73
CA GLY A 29 -3.44 16.39 -1.69
C GLY A 29 -2.98 15.06 -2.28
N ARG A 30 -1.70 14.86 -2.39
CA ARG A 30 -1.19 13.57 -2.97
C ARG A 30 -1.80 12.39 -2.20
N SER A 31 -2.27 12.62 -1.02
CA SER A 31 -2.87 11.51 -0.22
C SER A 31 -1.80 10.46 0.09
N ASP A 32 -1.59 10.16 1.34
CA ASP A 32 -0.58 9.14 1.70
C ASP A 32 -1.25 7.78 1.86
N THR A 33 -0.58 6.73 1.49
CA THR A 33 -1.20 5.37 1.62
C THR A 33 -0.40 4.54 2.62
N TYR A 34 -1.04 4.08 3.67
CA TYR A 34 -0.33 3.26 4.68
C TYR A 34 -0.70 1.79 4.50
N TYR A 35 0.13 0.89 4.94
CA TYR A 35 -0.19 -0.56 4.78
C TYR A 35 -0.07 -1.28 6.13
N GLN A 36 -0.97 -2.18 6.41
CA GLN A 36 -0.90 -2.93 7.70
C GLN A 36 -0.89 -4.42 7.43
N SER A 37 0.03 -5.13 8.01
CA SER A 37 0.10 -6.61 7.78
C SER A 37 -1.10 -7.28 8.46
N PRO A 38 -1.21 -8.57 8.26
CA PRO A 38 -2.31 -9.37 8.84
C PRO A 38 -2.03 -9.65 10.32
N THR A 39 -0.91 -9.21 10.81
CA THR A 39 -0.58 -9.45 12.25
C THR A 39 -0.67 -8.14 13.02
N GLY A 40 -0.65 -7.03 12.32
CA GLY A 40 -0.73 -5.72 13.01
C GLY A 40 0.52 -4.89 12.70
N ASP A 41 1.38 -5.40 11.85
CA ASP A 41 2.62 -4.65 11.51
C ASP A 41 2.28 -3.54 10.52
N ARG A 42 2.32 -2.31 10.96
CA ARG A 42 1.98 -1.18 10.04
C ARG A 42 3.27 -0.58 9.47
N ILE A 43 3.37 -0.52 8.16
CA ILE A 43 4.59 0.05 7.53
C ILE A 43 4.19 1.28 6.69
N ARG A 44 5.13 2.11 6.33
CA ARG A 44 4.78 3.30 5.53
C ARG A 44 5.64 3.36 4.27
N SER A 45 6.78 2.75 4.28
CA SER A 45 7.64 2.79 3.05
C SER A 45 7.04 1.84 2.01
N LYS A 46 7.47 1.93 0.79
CA LYS A 46 6.91 1.04 -0.26
C LYS A 46 7.65 -0.29 -0.30
N VAL A 47 8.91 -0.28 -0.62
CA VAL A 47 9.66 -1.56 -0.68
C VAL A 47 9.99 -2.04 0.74
N GLU A 48 9.91 -1.17 1.72
CA GLU A 48 10.19 -1.60 3.11
C GLU A 48 9.05 -2.48 3.59
N LEU A 49 7.83 -2.05 3.39
CA LEU A 49 6.69 -2.89 3.82
C LEU A 49 6.68 -4.15 2.95
N THR A 50 7.31 -4.07 1.81
CA THR A 50 7.39 -5.26 0.91
C THR A 50 8.37 -6.26 1.50
N ARG A 51 9.62 -5.90 1.61
CA ARG A 51 10.61 -6.85 2.19
C ARG A 51 10.07 -7.37 3.51
N TYR A 52 9.18 -6.64 4.12
CA TYR A 52 8.59 -7.11 5.41
C TYR A 52 7.83 -8.41 5.16
N LEU A 53 6.82 -8.37 4.34
CA LEU A 53 6.05 -9.61 4.04
C LEU A 53 7.02 -10.71 3.59
N GLY A 54 7.74 -10.48 2.54
CA GLY A 54 8.70 -11.50 2.04
C GLY A 54 8.80 -11.41 0.51
N PRO A 55 9.32 -12.45 -0.09
CA PRO A 55 9.49 -12.52 -1.56
C PRO A 55 8.14 -12.83 -2.22
N ALA A 56 7.11 -13.04 -1.44
CA ALA A 56 5.78 -13.34 -2.03
C ALA A 56 5.10 -12.05 -2.47
N CYS A 57 5.41 -10.96 -1.83
CA CYS A 57 4.79 -9.67 -2.21
C CYS A 57 5.86 -8.71 -2.74
N ASP A 58 5.57 -7.98 -3.78
CA ASP A 58 6.59 -7.05 -4.33
C ASP A 58 5.96 -5.67 -4.58
N LEU A 59 6.75 -4.64 -4.54
CA LEU A 59 6.21 -3.27 -4.77
C LEU A 59 7.26 -2.42 -5.48
N THR A 60 8.31 -3.04 -5.97
CA THR A 60 9.36 -2.28 -6.67
C THR A 60 8.72 -1.38 -7.73
N LEU A 61 7.63 -1.81 -8.29
CA LEU A 61 6.94 -1.00 -9.32
C LEU A 61 5.61 -0.50 -8.76
N PHE A 62 5.23 -0.98 -7.61
CA PHE A 62 3.95 -0.54 -7.01
C PHE A 62 3.97 0.99 -6.86
N ASP A 63 2.94 1.65 -7.32
CA ASP A 63 2.92 3.13 -7.20
C ASP A 63 2.52 3.52 -5.78
N PHE A 64 3.46 3.94 -4.98
CA PHE A 64 3.14 4.33 -3.58
C PHE A 64 2.25 5.58 -3.59
N LYS A 65 1.09 5.48 -4.16
CA LYS A 65 0.17 6.66 -4.20
C LYS A 65 -1.13 6.25 -4.90
N GLN A 66 -1.03 5.55 -5.99
CA GLN A 66 -2.25 5.11 -6.72
C GLN A 66 -2.75 3.78 -6.15
N GLY A 67 -1.86 2.85 -5.95
CA GLY A 67 -2.28 1.53 -5.39
C GLY A 67 -2.14 0.45 -6.47
N ILE A 68 -1.19 0.59 -7.35
CA ILE A 68 -1.01 -0.43 -8.43
C ILE A 68 0.49 -0.67 -8.66
N LEU A 69 0.83 -1.72 -9.36
CA LEU A 69 2.28 -2.00 -9.62
C LEU A 69 2.44 -2.61 -11.01
N CYS A 70 3.65 -2.88 -11.41
CA CYS A 70 3.87 -3.48 -12.76
C CYS A 70 5.17 -4.29 -12.73
N TYR A 71 5.54 -4.88 -13.84
CA TYR A 71 6.80 -5.68 -13.88
C TYR A 71 7.77 -5.04 -14.87
N PRO A 72 9.04 -5.28 -14.64
CA PRO A 72 10.11 -4.74 -15.50
C PRO A 72 10.21 -5.57 -16.79
N ALA A 73 11.32 -5.49 -17.47
CA ALA A 73 11.47 -6.26 -18.73
C ALA A 73 10.35 -5.90 -19.70
N PRO A 74 10.49 -4.77 -20.34
CA PRO A 74 9.50 -4.28 -21.31
C PRO A 74 9.64 -5.02 -22.64
N LYS A 75 8.90 -4.60 -23.64
CA LYS A 75 8.99 -5.29 -24.96
C LYS A 75 10.09 -4.64 -25.81
N MET A 1 0.72 0.16 -20.14
CA MET A 1 -0.27 0.61 -19.12
C MET A 1 0.43 0.69 -17.75
N ALA A 2 1.73 0.85 -17.75
CA ALA A 2 2.46 0.95 -16.46
C ALA A 2 1.85 2.05 -15.59
N GLU A 3 1.63 1.79 -14.34
CA GLU A 3 1.04 2.83 -13.44
C GLU A 3 2.16 3.61 -12.76
N ASP A 4 1.94 4.04 -11.55
CA ASP A 4 3.00 4.81 -10.84
C ASP A 4 3.66 3.93 -9.78
N TRP A 5 3.89 2.69 -10.09
CA TRP A 5 4.53 1.77 -9.10
C TRP A 5 5.88 2.34 -8.67
N LEU A 6 5.95 2.90 -7.49
CA LEU A 6 7.24 3.47 -7.01
C LEU A 6 7.74 2.66 -5.81
N ASP A 7 9.04 2.57 -5.65
CA ASP A 7 9.59 1.80 -4.50
C ASP A 7 8.79 2.13 -3.24
N CYS A 8 8.41 1.12 -2.48
CA CYS A 8 7.62 1.38 -1.24
C CYS A 8 8.58 1.60 -0.06
N PRO A 9 8.59 2.81 0.46
CA PRO A 9 9.45 3.17 1.59
C PRO A 9 8.86 2.62 2.89
N ALA A 10 7.57 2.69 3.04
CA ALA A 10 6.92 2.18 4.28
C ALA A 10 7.47 0.79 4.60
N LEU A 11 7.63 -0.04 3.61
CA LEU A 11 8.17 -1.41 3.86
C LEU A 11 9.64 -1.45 3.48
N GLY A 12 9.95 -1.21 2.23
CA GLY A 12 11.38 -1.24 1.80
C GLY A 12 11.45 -1.51 0.29
N PRO A 13 12.50 -2.16 -0.12
CA PRO A 13 12.72 -2.50 -1.53
C PRO A 13 11.84 -3.69 -1.94
N GLY A 14 11.50 -3.79 -3.19
CA GLY A 14 10.64 -4.92 -3.65
C GLY A 14 9.18 -4.48 -3.62
N TRP A 15 8.59 -4.40 -2.46
CA TRP A 15 7.17 -3.97 -2.37
C TRP A 15 6.93 -2.78 -3.30
N LYS A 16 6.01 -2.90 -4.23
CA LYS A 16 5.74 -1.77 -5.15
C LYS A 16 4.55 -0.96 -4.65
N ARG A 17 4.79 0.23 -4.16
CA ARG A 17 3.66 1.07 -3.66
C ARG A 17 3.06 1.87 -4.83
N ARG A 18 1.90 1.49 -5.29
CA ARG A 18 1.28 2.23 -6.42
C ARG A 18 0.21 3.19 -5.89
N GLU A 19 0.04 4.31 -6.53
CA GLU A 19 -0.99 5.29 -6.07
C GLU A 19 -2.06 5.44 -7.14
N VAL A 20 -3.25 5.84 -6.77
CA VAL A 20 -4.34 6.01 -7.78
C VAL A 20 -5.15 7.25 -7.45
N PHE A 21 -5.59 7.97 -8.45
CA PHE A 21 -6.39 9.20 -8.19
C PHE A 21 -7.83 8.97 -8.64
N ARG A 22 -8.37 7.80 -8.37
CA ARG A 22 -9.77 7.52 -8.78
C ARG A 22 -9.90 7.63 -10.29
N LYS A 23 -10.00 8.83 -10.80
CA LYS A 23 -10.12 9.01 -12.28
C LYS A 23 -9.57 10.38 -12.67
N SER A 24 -9.79 10.80 -13.89
CA SER A 24 -9.29 12.14 -14.33
C SER A 24 -10.25 13.22 -13.83
N GLY A 25 -9.73 14.19 -13.11
CA GLY A 25 -10.61 15.28 -12.60
C GLY A 25 -10.49 15.35 -11.07
N ALA A 26 -9.77 16.30 -10.57
CA ALA A 26 -9.61 16.43 -9.09
C ALA A 26 -10.73 17.29 -8.52
N THR A 27 -11.29 16.89 -7.41
CA THR A 27 -12.40 17.70 -6.80
C THR A 27 -12.14 17.86 -5.30
N CYS A 28 -11.80 16.78 -4.63
CA CYS A 28 -11.54 16.87 -3.17
C CYS A 28 -10.32 16.01 -2.82
N GLY A 29 -9.25 16.16 -3.57
CA GLY A 29 -8.03 15.35 -3.28
C GLY A 29 -8.41 13.88 -3.14
N ARG A 30 -7.94 13.23 -2.10
CA ARG A 30 -8.28 11.79 -1.92
C ARG A 30 -7.65 10.97 -3.04
N SER A 31 -7.39 9.72 -2.80
CA SER A 31 -6.78 8.86 -3.85
C SER A 31 -6.63 7.43 -3.33
N ASP A 32 -7.03 6.46 -4.08
CA ASP A 32 -6.89 5.05 -3.63
C ASP A 32 -5.45 4.58 -3.83
N THR A 33 -5.04 3.57 -3.11
CA THR A 33 -3.64 3.08 -3.26
C THR A 33 -3.63 1.55 -3.22
N TYR A 34 -2.79 0.94 -4.00
CA TYR A 34 -2.72 -0.55 -4.00
C TYR A 34 -1.27 -1.00 -4.00
N TYR A 35 -0.98 -2.15 -3.46
CA TYR A 35 0.42 -2.62 -3.43
C TYR A 35 0.55 -3.92 -4.22
N GLN A 36 1.67 -4.11 -4.87
CA GLN A 36 1.87 -5.36 -5.66
C GLN A 36 3.21 -5.99 -5.30
N SER A 37 3.22 -7.22 -4.88
CA SER A 37 4.50 -7.88 -4.52
C SER A 37 5.35 -8.03 -5.79
N PRO A 38 6.56 -8.48 -5.61
CA PRO A 38 7.51 -8.69 -6.72
C PRO A 38 7.18 -9.99 -7.44
N THR A 39 6.13 -10.65 -7.05
CA THR A 39 5.75 -11.93 -7.72
C THR A 39 4.46 -11.75 -8.50
N GLY A 40 3.73 -10.70 -8.22
CA GLY A 40 2.45 -10.47 -8.94
C GLY A 40 1.28 -10.45 -7.96
N ASP A 41 1.56 -10.52 -6.69
CA ASP A 41 0.47 -10.51 -5.68
C ASP A 41 -0.08 -9.08 -5.55
N ARG A 42 -1.38 -8.94 -5.49
CA ARG A 42 -1.97 -7.58 -5.37
C ARG A 42 -2.81 -7.52 -4.09
N ILE A 43 -2.43 -6.68 -3.15
CA ILE A 43 -3.20 -6.58 -1.88
C ILE A 43 -3.65 -5.13 -1.66
N ARG A 44 -4.73 -4.94 -0.96
CA ARG A 44 -5.21 -3.56 -0.70
C ARG A 44 -5.45 -3.36 0.80
N SER A 45 -5.69 -4.41 1.53
CA SER A 45 -5.91 -4.26 2.99
C SER A 45 -4.58 -3.95 3.67
N LYS A 46 -4.60 -3.19 4.73
CA LYS A 46 -3.34 -2.83 5.42
C LYS A 46 -2.73 -4.05 6.12
N VAL A 47 -3.32 -4.51 7.18
CA VAL A 47 -2.75 -5.69 7.90
C VAL A 47 -2.84 -6.94 7.03
N GLU A 48 -3.64 -6.91 5.99
CA GLU A 48 -3.75 -8.11 5.12
C GLU A 48 -2.45 -8.23 4.31
N LEU A 49 -2.06 -7.18 3.64
CA LEU A 49 -0.80 -7.24 2.86
C LEU A 49 0.35 -7.47 3.83
N THR A 50 0.19 -7.02 5.04
CA THR A 50 1.25 -7.25 6.07
C THR A 50 1.31 -8.74 6.38
N ARG A 51 0.19 -9.28 6.77
CA ARG A 51 0.14 -10.73 7.06
C ARG A 51 0.72 -11.50 5.89
N TYR A 52 0.69 -10.91 4.72
CA TYR A 52 1.24 -11.59 3.53
C TYR A 52 2.77 -11.59 3.60
N LEU A 53 3.36 -10.44 3.84
CA LEU A 53 4.84 -10.37 3.93
C LEU A 53 5.30 -11.15 5.16
N GLY A 54 4.75 -10.82 6.30
CA GLY A 54 5.14 -11.51 7.56
C GLY A 54 5.65 -10.49 8.55
N PRO A 55 6.61 -10.88 9.35
CA PRO A 55 7.22 -10.00 10.37
C PRO A 55 8.22 -9.04 9.72
N ALA A 56 8.90 -9.49 8.70
CA ALA A 56 9.91 -8.61 8.03
C ALA A 56 9.31 -7.22 7.80
N CYS A 57 8.03 -7.15 7.54
CA CYS A 57 7.40 -5.82 7.30
C CYS A 57 6.26 -5.61 8.30
N ASP A 58 6.03 -4.38 8.69
CA ASP A 58 4.93 -4.11 9.66
C ASP A 58 3.99 -3.05 9.08
N LEU A 59 2.73 -3.13 9.38
CA LEU A 59 1.75 -2.14 8.84
C LEU A 59 0.66 -1.86 9.86
N THR A 60 0.79 -2.37 11.06
CA THR A 60 -0.27 -2.13 12.09
C THR A 60 -0.63 -0.65 12.11
N LEU A 61 0.35 0.22 12.03
CA LEU A 61 0.06 1.68 12.08
C LEU A 61 0.32 2.30 10.71
N PHE A 62 0.47 1.50 9.69
CA PHE A 62 0.73 2.06 8.33
C PHE A 62 -0.54 2.75 7.83
N ASP A 63 -0.39 3.92 7.25
CA ASP A 63 -1.58 4.64 6.72
C ASP A 63 -1.82 4.23 5.27
N PHE A 64 -2.82 3.42 5.03
CA PHE A 64 -3.10 2.98 3.64
C PHE A 64 -3.63 4.16 2.83
N LYS A 65 -2.85 5.19 2.69
CA LYS A 65 -3.31 6.38 1.91
C LYS A 65 -2.15 7.38 1.80
N GLN A 66 -1.38 7.50 2.83
CA GLN A 66 -0.22 8.45 2.79
C GLN A 66 1.05 7.68 2.45
N GLY A 67 1.19 6.49 2.98
CA GLY A 67 2.41 5.68 2.70
C GLY A 67 3.36 5.72 3.90
N ILE A 68 2.82 5.81 5.09
CA ILE A 68 3.70 5.85 6.29
C ILE A 68 3.07 5.01 7.41
N LEU A 69 3.78 4.84 8.49
CA LEU A 69 3.23 4.03 9.62
C LEU A 69 3.79 4.55 10.94
N CYS A 70 3.67 3.79 11.99
CA CYS A 70 4.20 4.23 13.31
C CYS A 70 4.37 3.02 14.22
N TYR A 71 5.04 3.19 15.33
CA TYR A 71 5.24 2.04 16.26
C TYR A 71 5.06 2.52 17.70
N PRO A 72 3.81 2.69 18.09
CA PRO A 72 3.47 3.15 19.45
C PRO A 72 3.59 1.99 20.44
N ALA A 73 2.95 2.10 21.57
CA ALA A 73 3.03 1.00 22.58
C ALA A 73 2.54 1.50 23.94
N PRO A 74 3.11 2.59 24.39
CA PRO A 74 2.77 3.19 25.69
C PRO A 74 1.44 3.96 25.58
N LYS A 75 1.40 4.97 24.75
CA LYS A 75 0.14 5.75 24.60
C LYS A 75 -0.39 5.61 23.18
N MET A 1 10.01 13.27 5.38
CA MET A 1 10.25 13.25 3.92
C MET A 1 11.01 11.96 3.55
N ALA A 2 12.05 11.65 4.28
CA ALA A 2 12.83 10.42 3.98
C ALA A 2 11.89 9.21 3.95
N GLU A 3 12.41 8.05 3.66
CA GLU A 3 11.55 6.83 3.63
C GLU A 3 11.63 6.11 4.97
N ASP A 4 10.64 5.34 5.31
CA ASP A 4 10.67 4.61 6.60
C ASP A 4 9.88 3.30 6.49
N TRP A 5 10.37 2.37 5.71
CA TRP A 5 9.65 1.07 5.55
C TRP A 5 9.17 0.59 6.92
N LEU A 6 7.91 0.75 7.21
CA LEU A 6 7.39 0.30 8.54
C LEU A 6 6.48 -0.91 8.33
N ASP A 7 6.35 -1.74 9.34
CA ASP A 7 5.47 -2.94 9.20
C ASP A 7 4.16 -2.54 8.52
N CYS A 8 3.60 -3.42 7.73
CA CYS A 8 2.32 -3.09 7.04
C CYS A 8 1.20 -3.95 7.61
N PRO A 9 0.41 -3.35 8.49
CA PRO A 9 -0.72 -4.05 9.13
C PRO A 9 -1.90 -4.16 8.15
N ALA A 10 -2.09 -3.19 7.29
CA ALA A 10 -3.21 -3.26 6.33
C ALA A 10 -3.32 -4.67 5.75
N LEU A 11 -2.22 -5.23 5.31
CA LEU A 11 -2.26 -6.61 4.74
C LEU A 11 -1.92 -7.62 5.84
N GLY A 12 -0.75 -7.54 6.39
CA GLY A 12 -0.36 -8.49 7.47
C GLY A 12 1.15 -8.37 7.74
N PRO A 13 1.69 -9.41 8.32
CA PRO A 13 3.13 -9.45 8.64
C PRO A 13 3.96 -9.78 7.40
N GLY A 14 5.15 -9.22 7.30
CA GLY A 14 6.00 -9.49 6.12
C GLY A 14 5.88 -8.33 5.12
N TRP A 15 4.67 -7.94 4.81
CA TRP A 15 4.49 -6.81 3.85
C TRP A 15 5.02 -5.53 4.47
N LYS A 16 5.84 -4.80 3.76
CA LYS A 16 6.40 -3.53 4.31
C LYS A 16 5.63 -2.35 3.72
N ARG A 17 5.06 -1.52 4.56
CA ARG A 17 4.29 -0.35 4.04
C ARG A 17 5.20 0.88 4.01
N ARG A 18 5.56 1.33 2.83
CA ARG A 18 6.44 2.53 2.73
C ARG A 18 5.57 3.76 2.43
N GLU A 19 5.90 4.88 3.01
CA GLU A 19 5.09 6.11 2.76
C GLU A 19 5.99 7.23 2.25
N VAL A 20 5.50 8.02 1.32
CA VAL A 20 6.33 9.13 0.78
C VAL A 20 5.49 10.41 0.75
N PHE A 21 6.11 11.55 0.96
CA PHE A 21 5.35 12.83 0.95
C PHE A 21 5.51 13.50 -0.41
N ARG A 22 4.90 12.95 -1.43
CA ARG A 22 5.01 13.57 -2.79
C ARG A 22 4.19 14.86 -2.83
N LYS A 23 4.74 15.94 -2.36
CA LYS A 23 3.98 17.22 -2.38
C LYS A 23 3.34 17.40 -3.75
N SER A 24 2.13 17.86 -3.80
CA SER A 24 1.45 18.05 -5.11
C SER A 24 0.95 19.49 -5.23
N GLY A 25 0.30 19.99 -4.22
CA GLY A 25 -0.21 21.40 -4.28
C GLY A 25 0.28 22.17 -3.05
N ALA A 26 -0.53 23.07 -2.56
CA ALA A 26 -0.13 23.86 -1.37
C ALA A 26 -0.08 22.96 -0.14
N THR A 27 -1.22 22.55 0.35
CA THR A 27 -1.25 21.66 1.55
C THR A 27 -2.25 20.53 1.33
N CYS A 28 -2.48 20.15 0.11
CA CYS A 28 -3.44 19.05 -0.17
C CYS A 28 -3.16 17.90 0.80
N GLY A 29 -2.14 17.12 0.53
CA GLY A 29 -1.82 15.98 1.44
C GLY A 29 -1.98 14.67 0.67
N ARG A 30 -1.54 14.64 -0.56
CA ARG A 30 -1.67 13.38 -1.36
C ARG A 30 -0.69 12.33 -0.84
N SER A 31 0.58 12.56 -1.04
CA SER A 31 1.59 11.57 -0.56
C SER A 31 1.43 10.26 -1.34
N ASP A 32 2.30 9.31 -1.12
CA ASP A 32 2.19 8.03 -1.84
C ASP A 32 2.41 6.87 -0.87
N THR A 33 2.05 5.67 -1.24
CA THR A 33 2.24 4.52 -0.33
C THR A 33 2.74 3.31 -1.13
N TYR A 34 4.01 3.06 -1.13
CA TYR A 34 4.56 1.89 -1.88
C TYR A 34 4.80 0.75 -0.91
N TYR A 35 4.90 -0.46 -1.40
CA TYR A 35 5.14 -1.61 -0.49
C TYR A 35 6.29 -2.47 -1.01
N GLN A 36 6.92 -3.21 -0.15
CA GLN A 36 8.04 -4.09 -0.60
C GLN A 36 7.81 -5.50 -0.05
N SER A 37 7.90 -6.48 -0.89
CA SER A 37 7.69 -7.89 -0.41
C SER A 37 8.85 -8.29 0.50
N PRO A 38 8.71 -9.43 1.12
CA PRO A 38 9.74 -9.98 2.02
C PRO A 38 10.90 -10.57 1.23
N THR A 39 10.87 -10.45 -0.07
CA THR A 39 11.97 -11.01 -0.91
C THR A 39 12.60 -9.89 -1.74
N GLY A 40 11.91 -8.81 -1.94
CA GLY A 40 12.48 -7.68 -2.73
C GLY A 40 11.48 -7.27 -3.82
N ASP A 41 10.31 -7.82 -3.82
CA ASP A 41 9.29 -7.45 -4.85
C ASP A 41 8.64 -6.12 -4.45
N ARG A 42 8.99 -5.06 -5.12
CA ARG A 42 8.39 -3.74 -4.77
C ARG A 42 7.22 -3.43 -5.70
N ILE A 43 6.07 -3.16 -5.16
CA ILE A 43 4.89 -2.83 -6.01
C ILE A 43 4.29 -1.51 -5.53
N ARG A 44 3.46 -0.88 -6.33
CA ARG A 44 2.86 0.41 -5.89
C ARG A 44 1.59 0.72 -6.69
N SER A 45 1.01 -0.25 -7.33
CA SER A 45 -0.22 0.02 -8.12
C SER A 45 -1.44 -0.40 -7.30
N LYS A 46 -1.28 -0.56 -6.02
CA LYS A 46 -2.43 -0.96 -5.15
C LYS A 46 -2.92 -2.36 -5.53
N VAL A 47 -3.89 -2.44 -6.40
CA VAL A 47 -4.40 -3.79 -6.78
C VAL A 47 -3.28 -4.60 -7.43
N GLU A 48 -2.35 -3.94 -8.05
CA GLU A 48 -1.23 -4.70 -8.68
C GLU A 48 -0.49 -5.46 -7.59
N LEU A 49 -0.14 -4.79 -6.51
CA LEU A 49 0.55 -5.51 -5.42
C LEU A 49 -0.44 -6.49 -4.80
N THR A 50 -1.71 -6.21 -4.94
CA THR A 50 -2.75 -7.12 -4.40
C THR A 50 -2.68 -8.46 -5.14
N ARG A 51 -3.08 -8.46 -6.38
CA ARG A 51 -3.03 -9.72 -7.18
C ARG A 51 -1.69 -10.42 -6.91
N TYR A 52 -0.68 -9.67 -6.57
CA TYR A 52 0.65 -10.29 -6.30
C TYR A 52 0.55 -11.22 -5.08
N LEU A 53 0.23 -10.68 -3.93
CA LEU A 53 0.12 -11.53 -2.72
C LEU A 53 -0.90 -12.65 -2.99
N GLY A 54 -2.10 -12.30 -3.32
CA GLY A 54 -3.14 -13.33 -3.59
C GLY A 54 -4.41 -12.99 -2.81
N PRO A 55 -5.19 -14.00 -2.52
CA PRO A 55 -6.45 -13.84 -1.78
C PRO A 55 -6.19 -13.69 -0.28
N ALA A 56 -4.97 -13.90 0.13
CA ALA A 56 -4.64 -13.78 1.59
C ALA A 56 -4.43 -12.30 1.93
N CYS A 57 -4.28 -11.47 0.94
CA CYS A 57 -4.06 -10.02 1.23
C CYS A 57 -4.95 -9.18 0.31
N ASP A 58 -6.21 -9.06 0.64
CA ASP A 58 -7.12 -8.25 -0.21
C ASP A 58 -6.70 -6.77 -0.14
N LEU A 59 -6.69 -6.10 -1.26
CA LEU A 59 -6.27 -4.67 -1.26
C LEU A 59 -7.16 -3.87 -2.20
N THR A 60 -8.16 -4.49 -2.76
CA THR A 60 -9.07 -3.76 -3.68
C THR A 60 -9.75 -2.62 -2.93
N LEU A 61 -9.80 -2.72 -1.63
CA LEU A 61 -10.46 -1.64 -0.83
C LEU A 61 -9.39 -0.84 -0.10
N PHE A 62 -8.18 -1.34 -0.08
CA PHE A 62 -7.08 -0.61 0.62
C PHE A 62 -6.98 0.82 0.08
N ASP A 63 -6.88 1.78 0.96
CA ASP A 63 -6.77 3.20 0.50
C ASP A 63 -5.31 3.47 0.08
N PHE A 64 -5.05 3.54 -1.18
CA PHE A 64 -3.66 3.78 -1.64
C PHE A 64 -3.24 5.20 -1.25
N LYS A 65 -3.15 5.47 0.02
CA LYS A 65 -2.76 6.83 0.49
C LYS A 65 -2.94 6.93 2.00
N GLN A 66 -3.98 6.33 2.53
CA GLN A 66 -4.21 6.38 4.00
C GLN A 66 -3.45 5.23 4.67
N GLY A 67 -3.58 4.04 4.14
CA GLY A 67 -2.88 2.88 4.75
C GLY A 67 -3.89 1.91 5.37
N ILE A 68 -5.10 1.90 4.88
CA ILE A 68 -6.11 0.98 5.46
C ILE A 68 -6.99 0.40 4.33
N LEU A 69 -7.82 -0.56 4.65
CA LEU A 69 -8.70 -1.16 3.60
C LEU A 69 -10.08 -1.43 4.20
N CYS A 70 -10.94 -2.06 3.45
CA CYS A 70 -12.31 -2.34 3.98
C CYS A 70 -12.81 -3.67 3.40
N TYR A 71 -13.58 -4.41 4.17
CA TYR A 71 -14.10 -5.71 3.66
C TYR A 71 -15.52 -5.51 3.13
N PRO A 72 -15.97 -6.45 2.33
CA PRO A 72 -17.31 -6.42 1.73
C PRO A 72 -18.36 -6.86 2.74
N ALA A 73 -19.62 -6.75 2.39
CA ALA A 73 -20.69 -7.15 3.33
C ALA A 73 -21.85 -7.78 2.54
N PRO A 74 -21.68 -9.02 2.17
CA PRO A 74 -22.69 -9.76 1.39
C PRO A 74 -23.82 -10.24 2.31
N LYS A 75 -25.01 -9.76 2.08
CA LYS A 75 -26.15 -10.18 2.94
C LYS A 75 -27.40 -9.38 2.56
N MET A 1 10.72 17.65 8.83
CA MET A 1 10.35 16.23 9.02
C MET A 1 9.75 15.68 7.73
N ALA A 2 10.30 14.63 7.19
CA ALA A 2 9.76 14.05 5.94
C ALA A 2 8.62 13.09 6.26
N GLU A 3 8.19 12.31 5.31
CA GLU A 3 7.09 11.35 5.57
C GLU A 3 7.65 10.06 6.16
N ASP A 4 6.84 9.05 6.30
CA ASP A 4 7.33 7.77 6.86
C ASP A 4 7.55 6.76 5.73
N TRP A 5 8.34 7.11 4.75
CA TRP A 5 8.57 6.16 3.62
C TRP A 5 9.30 4.93 4.14
N LEU A 6 8.58 3.87 4.40
CA LEU A 6 9.24 2.62 4.91
C LEU A 6 9.17 1.54 3.84
N ASP A 7 9.95 0.50 3.97
CA ASP A 7 9.93 -0.60 2.97
C ASP A 7 8.52 -1.21 2.91
N CYS A 8 8.10 -1.62 1.75
CA CYS A 8 6.74 -2.22 1.62
C CYS A 8 6.82 -3.75 1.82
N PRO A 9 6.23 -4.23 2.88
CA PRO A 9 6.21 -5.67 3.19
C PRO A 9 5.16 -6.39 2.35
N ALA A 10 4.13 -5.71 1.95
CA ALA A 10 3.07 -6.37 1.13
C ALA A 10 3.61 -6.66 -0.27
N LEU A 11 4.41 -5.78 -0.81
CA LEU A 11 4.96 -6.02 -2.18
C LEU A 11 6.43 -6.43 -2.08
N GLY A 12 7.20 -5.73 -1.29
CA GLY A 12 8.63 -6.09 -1.16
C GLY A 12 9.49 -4.82 -1.24
N PRO A 13 10.67 -4.96 -1.80
CA PRO A 13 11.61 -3.84 -1.96
C PRO A 13 11.19 -2.94 -3.13
N GLY A 14 11.74 -1.76 -3.20
CA GLY A 14 11.38 -0.84 -4.32
C GLY A 14 10.07 -0.11 -3.97
N TRP A 15 9.06 -0.84 -3.61
CA TRP A 15 7.76 -0.19 -3.25
C TRP A 15 7.87 0.44 -1.87
N LYS A 16 7.57 1.71 -1.76
CA LYS A 16 7.66 2.38 -0.43
C LYS A 16 6.25 2.55 0.16
N ARG A 17 6.08 2.20 1.40
CA ARG A 17 4.74 2.33 2.03
C ARG A 17 4.69 3.61 2.88
N ARG A 18 3.92 4.58 2.45
CA ARG A 18 3.83 5.85 3.22
C ARG A 18 2.55 5.84 4.07
N GLU A 19 2.67 6.18 5.33
CA GLU A 19 1.47 6.20 6.21
C GLU A 19 1.16 7.65 6.61
N VAL A 20 -0.10 8.00 6.70
CA VAL A 20 -0.46 9.40 7.09
C VAL A 20 -1.65 9.38 8.02
N PHE A 21 -1.42 9.35 9.31
CA PHE A 21 -2.56 9.34 10.27
C PHE A 21 -3.59 10.39 9.84
N ARG A 22 -4.66 9.95 9.24
CA ARG A 22 -5.71 10.91 8.78
C ARG A 22 -6.51 11.42 9.98
N LYS A 23 -7.31 10.56 10.57
CA LYS A 23 -8.13 11.00 11.74
C LYS A 23 -7.23 11.18 12.97
N SER A 24 -6.55 10.14 13.38
CA SER A 24 -5.67 10.26 14.58
C SER A 24 -6.52 10.27 15.84
N GLY A 25 -6.45 9.24 16.64
CA GLY A 25 -7.26 9.19 17.89
C GLY A 25 -8.00 7.86 17.97
N ALA A 26 -8.36 7.30 16.84
CA ALA A 26 -9.10 6.00 16.86
C ALA A 26 -8.14 4.88 17.25
N THR A 27 -7.66 4.90 18.46
CA THR A 27 -6.72 3.83 18.91
C THR A 27 -5.68 3.58 17.82
N CYS A 28 -5.00 4.60 17.38
CA CYS A 28 -3.97 4.43 16.33
C CYS A 28 -4.51 3.50 15.23
N GLY A 29 -5.69 3.78 14.74
CA GLY A 29 -6.29 2.92 13.68
C GLY A 29 -6.79 3.79 12.53
N ARG A 30 -6.90 3.25 11.35
CA ARG A 30 -7.39 4.05 10.20
C ARG A 30 -6.36 5.12 9.85
N SER A 31 -6.05 5.27 8.59
CA SER A 31 -5.06 6.30 8.18
C SER A 31 -4.90 6.28 6.66
N ASP A 32 -4.30 7.30 6.10
CA ASP A 32 -4.12 7.33 4.62
C ASP A 32 -2.82 6.62 4.25
N THR A 33 -2.89 5.63 3.41
CA THR A 33 -1.66 4.88 3.02
C THR A 33 -1.38 5.09 1.52
N TYR A 34 -0.36 5.83 1.20
CA TYR A 34 -0.03 6.06 -0.24
C TYR A 34 1.30 5.37 -0.55
N TYR A 35 1.39 4.72 -1.68
CA TYR A 35 2.66 4.03 -2.03
C TYR A 35 3.38 4.78 -3.15
N GLN A 36 4.67 4.70 -3.20
CA GLN A 36 5.43 5.41 -4.26
C GLN A 36 6.45 4.46 -4.90
N SER A 37 6.45 4.35 -6.20
CA SER A 37 7.42 3.45 -6.87
C SER A 37 8.83 4.03 -6.79
N PRO A 38 9.79 3.28 -7.25
CA PRO A 38 11.21 3.70 -7.25
C PRO A 38 11.48 4.66 -8.40
N THR A 39 10.51 4.90 -9.23
CA THR A 39 10.72 5.82 -10.37
C THR A 39 10.03 7.17 -10.08
N GLY A 40 9.12 7.18 -9.15
CA GLY A 40 8.43 8.46 -8.80
C GLY A 40 6.92 8.30 -9.03
N ASP A 41 6.46 7.09 -9.22
CA ASP A 41 5.01 6.87 -9.44
C ASP A 41 4.28 6.82 -8.10
N ARG A 42 3.26 7.61 -7.94
CA ARG A 42 2.51 7.61 -6.65
C ARG A 42 1.09 7.07 -6.89
N ILE A 43 0.65 6.15 -6.07
CA ILE A 43 -0.72 5.59 -6.26
C ILE A 43 -1.40 5.44 -4.90
N ARG A 44 -2.71 5.32 -4.90
CA ARG A 44 -3.44 5.18 -3.62
C ARG A 44 -4.62 4.23 -3.80
N SER A 45 -4.60 3.44 -4.83
CA SER A 45 -5.71 2.47 -5.06
C SER A 45 -5.36 1.15 -4.41
N LYS A 46 -4.68 0.29 -5.12
CA LYS A 46 -4.29 -1.04 -4.57
C LYS A 46 -4.00 -1.97 -5.74
N VAL A 47 -4.99 -2.25 -6.53
CA VAL A 47 -4.77 -3.14 -7.71
C VAL A 47 -4.26 -2.28 -8.85
N GLU A 48 -4.53 -1.00 -8.79
CA GLU A 48 -4.05 -0.08 -9.86
C GLU A 48 -2.54 0.01 -9.77
N LEU A 49 -2.01 0.16 -8.58
CA LEU A 49 -0.54 0.23 -8.45
C LEU A 49 0.02 -1.16 -8.71
N THR A 50 -0.79 -2.16 -8.49
CA THR A 50 -0.34 -3.55 -8.76
C THR A 50 -0.17 -3.73 -10.26
N ARG A 51 -1.24 -3.61 -11.01
CA ARG A 51 -1.14 -3.77 -12.47
C ARG A 51 0.00 -2.88 -12.99
N TYR A 52 0.35 -1.87 -12.26
CA TYR A 52 1.47 -0.98 -12.70
C TYR A 52 2.78 -1.77 -12.64
N LEU A 53 3.20 -2.16 -11.47
CA LEU A 53 4.48 -2.93 -11.37
C LEU A 53 4.45 -4.10 -12.36
N GLY A 54 3.47 -4.97 -12.25
CA GLY A 54 3.38 -6.12 -13.18
C GLY A 54 2.92 -7.36 -12.41
N PRO A 55 3.24 -8.52 -12.96
CA PRO A 55 2.87 -9.80 -12.34
C PRO A 55 3.82 -10.13 -11.18
N ALA A 56 4.87 -9.37 -11.04
CA ALA A 56 5.83 -9.64 -9.94
C ALA A 56 5.26 -9.12 -8.63
N CYS A 57 4.23 -8.32 -8.69
CA CYS A 57 3.61 -7.78 -7.45
C CYS A 57 2.09 -7.96 -7.52
N ASP A 58 1.49 -8.49 -6.50
CA ASP A 58 0.02 -8.69 -6.52
C ASP A 58 -0.61 -8.05 -5.29
N LEU A 59 -1.85 -7.63 -5.38
CA LEU A 59 -2.53 -7.01 -4.21
C LEU A 59 -4.02 -7.31 -4.25
N THR A 60 -4.41 -8.27 -5.06
CA THR A 60 -5.86 -8.61 -5.15
C THR A 60 -6.45 -8.74 -3.75
N LEU A 61 -5.70 -9.26 -2.82
CA LEU A 61 -6.23 -9.41 -1.44
C LEU A 61 -5.49 -8.46 -0.49
N PHE A 62 -4.60 -7.67 -1.03
CA PHE A 62 -3.85 -6.72 -0.17
C PHE A 62 -4.83 -5.79 0.56
N ASP A 63 -4.51 -5.39 1.76
CA ASP A 63 -5.41 -4.47 2.50
C ASP A 63 -4.90 -3.04 2.37
N PHE A 64 -5.52 -2.25 1.54
CA PHE A 64 -5.05 -0.85 1.35
C PHE A 64 -5.26 -0.07 2.65
N LYS A 65 -4.51 -0.38 3.68
CA LYS A 65 -4.67 0.35 4.97
C LYS A 65 -3.72 -0.26 6.01
N GLN A 66 -3.69 -1.56 6.11
CA GLN A 66 -2.79 -2.20 7.11
C GLN A 66 -1.45 -2.52 6.47
N GLY A 67 -1.44 -2.97 5.24
CA GLY A 67 -0.15 -3.29 4.57
C GLY A 67 0.02 -4.81 4.47
N ILE A 68 -1.05 -5.53 4.28
CA ILE A 68 -0.95 -7.02 4.17
C ILE A 68 -1.89 -7.52 3.08
N LEU A 69 -1.82 -8.79 2.77
CA LEU A 69 -2.71 -9.36 1.73
C LEU A 69 -3.03 -10.81 2.10
N CYS A 70 -3.54 -11.58 1.18
CA CYS A 70 -3.87 -12.99 1.52
C CYS A 70 -3.77 -13.86 0.26
N TYR A 71 -4.35 -15.04 0.30
CA TYR A 71 -4.30 -15.95 -0.88
C TYR A 71 -5.59 -16.77 -0.94
N PRO A 72 -5.82 -17.37 -2.08
CA PRO A 72 -7.01 -18.20 -2.31
C PRO A 72 -6.83 -19.58 -1.66
N ALA A 73 -7.76 -20.47 -1.85
CA ALA A 73 -7.64 -21.82 -1.23
C ALA A 73 -8.11 -22.88 -2.24
N PRO A 74 -7.61 -24.08 -2.07
CA PRO A 74 -7.95 -25.22 -2.93
C PRO A 74 -9.31 -25.79 -2.55
N LYS A 75 -10.10 -26.18 -3.52
CA LYS A 75 -11.44 -26.74 -3.20
C LYS A 75 -11.61 -28.08 -3.91
N MET A 1 10.43 9.46 14.32
CA MET A 1 10.14 8.85 12.99
C MET A 1 8.67 9.10 12.64
N ALA A 2 7.77 8.87 13.56
CA ALA A 2 6.33 9.09 13.27
C ALA A 2 5.86 8.10 12.21
N GLU A 3 6.61 7.05 11.99
CA GLU A 3 6.20 6.04 10.97
C GLU A 3 6.74 4.68 11.35
N ASP A 4 6.02 3.63 11.06
CA ASP A 4 6.50 2.26 11.42
C ASP A 4 6.55 1.39 10.17
N TRP A 5 7.42 1.71 9.24
CA TRP A 5 7.51 0.91 8.00
C TRP A 5 7.45 -0.58 8.35
N LEU A 6 6.37 -1.24 8.04
CA LEU A 6 6.25 -2.69 8.37
C LEU A 6 6.30 -3.50 7.08
N ASP A 7 6.63 -4.77 7.18
CA ASP A 7 6.69 -5.62 5.96
C ASP A 7 5.36 -5.51 5.21
N CYS A 8 5.40 -5.42 3.91
CA CYS A 8 4.14 -5.31 3.13
C CYS A 8 3.74 -6.68 2.58
N PRO A 9 2.69 -7.25 3.13
CA PRO A 9 2.19 -8.56 2.68
C PRO A 9 1.41 -8.40 1.37
N ALA A 10 0.65 -7.35 1.23
CA ALA A 10 -0.13 -7.15 -0.02
C ALA A 10 0.76 -7.49 -1.23
N LEU A 11 2.04 -7.26 -1.12
CA LEU A 11 2.95 -7.57 -2.27
C LEU A 11 3.93 -8.66 -1.84
N GLY A 12 4.81 -8.37 -0.92
CA GLY A 12 5.79 -9.39 -0.48
C GLY A 12 6.90 -8.73 0.33
N PRO A 13 8.08 -9.30 0.27
CA PRO A 13 9.26 -8.79 0.99
C PRO A 13 9.84 -7.57 0.29
N GLY A 14 10.75 -6.88 0.93
CA GLY A 14 11.37 -5.68 0.30
C GLY A 14 10.38 -4.51 0.33
N TRP A 15 9.21 -4.70 -0.20
CA TRP A 15 8.20 -3.60 -0.21
C TRP A 15 7.84 -3.23 1.24
N LYS A 16 8.00 -1.99 1.60
CA LYS A 16 7.66 -1.57 2.98
C LYS A 16 6.33 -0.81 2.97
N ARG A 17 5.34 -1.30 3.69
CA ARG A 17 4.03 -0.61 3.73
C ARG A 17 3.97 0.31 4.95
N ARG A 18 3.89 1.60 4.74
CA ARG A 18 3.83 2.54 5.89
C ARG A 18 2.39 2.98 6.13
N GLU A 19 1.98 3.07 7.37
CA GLU A 19 0.57 3.49 7.66
C GLU A 19 0.59 4.91 8.25
N VAL A 20 -0.40 5.70 7.94
CA VAL A 20 -0.45 7.09 8.48
C VAL A 20 -1.81 7.33 9.12
N PHE A 21 -1.91 8.31 9.99
CA PHE A 21 -3.20 8.60 10.65
C PHE A 21 -3.68 9.99 10.23
N ARG A 22 -3.99 10.17 8.98
CA ARG A 22 -4.46 11.50 8.50
C ARG A 22 -5.60 11.99 9.39
N LYS A 23 -5.29 12.68 10.45
CA LYS A 23 -6.36 13.19 11.36
C LYS A 23 -7.16 12.02 11.91
N SER A 24 -7.98 12.26 12.90
CA SER A 24 -8.79 11.14 13.48
C SER A 24 -10.28 11.46 13.33
N GLY A 25 -11.11 10.46 13.37
CA GLY A 25 -12.57 10.70 13.24
C GLY A 25 -13.33 9.42 13.59
N ALA A 26 -14.05 8.86 12.67
CA ALA A 26 -14.80 7.61 12.97
C ALA A 26 -13.83 6.56 13.54
N THR A 27 -14.33 5.49 14.06
CA THR A 27 -13.44 4.45 14.62
C THR A 27 -12.54 3.90 13.51
N CYS A 28 -11.34 4.39 13.40
CA CYS A 28 -10.43 3.89 12.33
C CYS A 28 -11.17 3.88 11.00
N GLY A 29 -11.76 4.98 10.63
CA GLY A 29 -12.51 5.03 9.34
C GLY A 29 -11.56 4.75 8.17
N ARG A 30 -10.55 5.56 8.01
CA ARG A 30 -9.60 5.33 6.88
C ARG A 30 -8.22 5.90 7.25
N SER A 31 -7.19 5.40 6.64
CA SER A 31 -5.83 5.90 6.95
C SER A 31 -5.01 5.97 5.66
N ASP A 32 -4.10 6.89 5.56
CA ASP A 32 -3.27 7.00 4.32
C ASP A 32 -2.16 5.95 4.37
N THR A 33 -1.88 5.33 3.26
CA THR A 33 -0.82 4.29 3.24
C THR A 33 0.17 4.58 2.11
N TYR A 34 1.43 4.67 2.43
CA TYR A 34 2.46 4.93 1.37
C TYR A 34 3.37 3.71 1.27
N TYR A 35 4.17 3.62 0.24
CA TYR A 35 5.05 2.43 0.10
C TYR A 35 6.45 2.87 -0.33
N GLN A 36 7.46 2.18 0.13
CA GLN A 36 8.86 2.54 -0.25
C GLN A 36 9.58 1.30 -0.78
N SER A 37 10.11 1.39 -1.97
CA SER A 37 10.83 0.21 -2.54
C SER A 37 12.12 -0.03 -1.75
N PRO A 38 12.80 -1.09 -2.08
CA PRO A 38 14.05 -1.47 -1.42
C PRO A 38 15.20 -0.61 -1.95
N THR A 39 14.92 0.35 -2.78
CA THR A 39 15.99 1.22 -3.33
C THR A 39 15.80 2.65 -2.82
N GLY A 40 14.60 3.01 -2.47
CA GLY A 40 14.35 4.39 -1.96
C GLY A 40 13.27 5.07 -2.80
N ASP A 41 12.56 4.32 -3.60
CA ASP A 41 11.49 4.93 -4.44
C ASP A 41 10.17 4.89 -3.68
N ARG A 42 9.66 6.03 -3.30
CA ARG A 42 8.37 6.07 -2.55
C ARG A 42 7.21 6.30 -3.53
N ILE A 43 6.12 5.63 -3.33
CA ILE A 43 4.95 5.82 -4.25
C ILE A 43 3.67 5.92 -3.43
N ARG A 44 2.63 6.45 -4.01
CA ARG A 44 1.35 6.57 -3.24
C ARG A 44 0.15 6.56 -4.21
N SER A 45 0.36 6.15 -5.43
CA SER A 45 -0.78 6.12 -6.39
C SER A 45 -1.33 4.69 -6.49
N LYS A 46 -1.08 3.89 -5.50
CA LYS A 46 -1.59 2.49 -5.54
C LYS A 46 -1.04 1.76 -6.76
N VAL A 47 -1.76 1.74 -7.83
CA VAL A 47 -1.26 1.04 -9.05
C VAL A 47 0.06 1.65 -9.48
N GLU A 48 0.21 2.94 -9.37
CA GLU A 48 1.50 3.56 -9.76
C GLU A 48 2.63 2.82 -9.06
N LEU A 49 2.45 2.52 -7.80
CA LEU A 49 3.50 1.79 -7.06
C LEU A 49 3.62 0.37 -7.65
N THR A 50 2.54 -0.12 -8.20
CA THR A 50 2.57 -1.48 -8.81
C THR A 50 3.39 -1.40 -10.10
N ARG A 51 2.90 -0.70 -11.09
CA ARG A 51 3.65 -0.58 -12.36
C ARG A 51 5.11 -0.23 -12.04
N TYR A 52 5.36 0.36 -10.90
CA TYR A 52 6.75 0.71 -10.53
C TYR A 52 7.57 -0.58 -10.40
N LEU A 53 7.19 -1.45 -9.51
CA LEU A 53 7.95 -2.72 -9.34
C LEU A 53 7.91 -3.50 -10.66
N GLY A 54 6.73 -3.76 -11.17
CA GLY A 54 6.61 -4.51 -12.45
C GLY A 54 5.40 -5.45 -12.37
N PRO A 55 5.45 -6.49 -13.16
CA PRO A 55 4.37 -7.49 -13.21
C PRO A 55 4.46 -8.43 -12.01
N ALA A 56 5.59 -8.49 -11.37
CA ALA A 56 5.74 -9.39 -10.19
C ALA A 56 4.87 -8.88 -9.04
N CYS A 57 4.33 -7.69 -9.17
CA CYS A 57 3.46 -7.14 -8.08
C CYS A 57 2.18 -6.56 -8.70
N ASP A 58 1.05 -6.83 -8.09
CA ASP A 58 -0.23 -6.29 -8.64
C ASP A 58 -1.02 -5.63 -7.51
N LEU A 59 -1.79 -4.61 -7.83
CA LEU A 59 -2.59 -3.92 -6.78
C LEU A 59 -3.89 -3.39 -7.38
N THR A 60 -4.19 -3.77 -8.58
CA THR A 60 -5.44 -3.28 -9.21
C THR A 60 -6.60 -3.48 -8.24
N LEU A 61 -6.52 -4.47 -7.41
CA LEU A 61 -7.61 -4.73 -6.43
C LEU A 61 -7.12 -4.43 -5.02
N PHE A 62 -5.85 -4.17 -4.87
CA PHE A 62 -5.30 -3.86 -3.52
C PHE A 62 -6.01 -2.62 -2.96
N ASP A 63 -6.49 -2.69 -1.75
CA ASP A 63 -7.18 -1.54 -1.15
C ASP A 63 -6.14 -0.52 -0.66
N PHE A 64 -6.14 0.66 -1.21
CA PHE A 64 -5.15 1.69 -0.77
C PHE A 64 -5.57 2.22 0.61
N LYS A 65 -5.70 1.35 1.57
CA LYS A 65 -6.09 1.79 2.94
C LYS A 65 -6.23 0.55 3.84
N GLN A 66 -6.81 -0.50 3.33
CA GLN A 66 -6.95 -1.74 4.15
C GLN A 66 -5.63 -2.52 4.13
N GLY A 67 -5.05 -2.68 2.98
CA GLY A 67 -3.76 -3.43 2.89
C GLY A 67 -4.00 -4.83 2.34
N ILE A 68 -5.01 -5.01 1.54
CA ILE A 68 -5.28 -6.37 0.98
C ILE A 68 -5.71 -6.25 -0.49
N LEU A 69 -5.63 -7.32 -1.22
CA LEU A 69 -6.04 -7.28 -2.66
C LEU A 69 -6.70 -8.61 -3.02
N CYS A 70 -7.23 -8.72 -4.20
CA CYS A 70 -7.89 -10.00 -4.61
C CYS A 70 -7.99 -10.07 -6.13
N TYR A 71 -8.73 -11.02 -6.64
CA TYR A 71 -8.87 -11.15 -8.12
C TYR A 71 -10.08 -12.03 -8.44
N PRO A 72 -11.22 -11.40 -8.54
CA PRO A 72 -12.49 -12.10 -8.85
C PRO A 72 -12.58 -12.42 -10.34
N ALA A 73 -13.21 -13.52 -10.68
CA ALA A 73 -13.34 -13.90 -12.11
C ALA A 73 -13.73 -15.37 -12.22
N PRO A 74 -12.97 -16.21 -11.58
CA PRO A 74 -13.22 -17.67 -11.58
C PRO A 74 -14.35 -18.03 -10.60
N LYS A 75 -14.53 -17.23 -9.58
CA LYS A 75 -15.62 -17.51 -8.60
C LYS A 75 -15.29 -18.82 -7.86
N MET A 1 -11.58 -4.02 -16.56
CA MET A 1 -11.17 -4.66 -15.28
C MET A 1 -10.41 -3.63 -14.43
N ALA A 2 -11.10 -2.64 -13.92
CA ALA A 2 -10.42 -1.62 -13.08
C ALA A 2 -10.91 -1.74 -11.63
N GLU A 3 -10.12 -1.30 -10.69
CA GLU A 3 -10.53 -1.40 -9.26
C GLU A 3 -10.66 0.01 -8.68
N ASP A 4 -10.41 0.15 -7.40
CA ASP A 4 -10.53 1.50 -6.76
C ASP A 4 -9.16 2.16 -6.71
N TRP A 5 -8.30 1.86 -7.66
CA TRP A 5 -6.95 2.49 -7.67
C TRP A 5 -7.08 3.99 -7.48
N LEU A 6 -6.79 4.49 -6.30
CA LEU A 6 -6.92 5.95 -6.05
C LEU A 6 -5.53 6.56 -5.87
N ASP A 7 -5.41 7.85 -6.03
CA ASP A 7 -4.07 8.49 -5.86
C ASP A 7 -3.52 8.17 -4.47
N CYS A 8 -2.23 8.09 -4.34
CA CYS A 8 -1.64 7.77 -3.01
C CYS A 8 -0.90 8.99 -2.46
N PRO A 9 -1.51 9.66 -1.52
CA PRO A 9 -0.92 10.85 -0.88
C PRO A 9 0.13 10.41 0.15
N ALA A 10 0.00 9.23 0.68
CA ALA A 10 0.99 8.74 1.67
C ALA A 10 2.40 8.85 1.08
N LEU A 11 2.53 8.63 -0.19
CA LEU A 11 3.87 8.71 -0.83
C LEU A 11 3.96 10.00 -1.65
N GLY A 12 3.20 10.10 -2.70
CA GLY A 12 3.24 11.32 -3.54
C GLY A 12 2.72 11.01 -4.94
N PRO A 13 3.18 11.78 -5.91
CA PRO A 13 2.79 11.61 -7.31
C PRO A 13 3.52 10.43 -7.94
N GLY A 14 2.84 9.63 -8.70
CA GLY A 14 3.50 8.45 -9.35
C GLY A 14 3.27 7.20 -8.50
N TRP A 15 2.24 7.20 -7.70
CA TRP A 15 1.96 6.02 -6.84
C TRP A 15 0.44 5.91 -6.61
N LYS A 16 -0.13 4.77 -6.92
CA LYS A 16 -1.59 4.60 -6.72
C LYS A 16 -1.84 3.71 -5.50
N ARG A 17 -2.75 4.10 -4.65
CA ARG A 17 -3.05 3.28 -3.44
C ARG A 17 -4.36 2.51 -3.64
N ARG A 18 -4.28 1.21 -3.76
CA ARG A 18 -5.53 0.42 -3.95
C ARG A 18 -5.98 -0.15 -2.61
N GLU A 19 -7.24 -0.44 -2.47
CA GLU A 19 -7.73 -1.00 -1.17
C GLU A 19 -8.41 -2.35 -1.41
N VAL A 20 -8.69 -3.07 -0.36
CA VAL A 20 -9.36 -4.39 -0.51
C VAL A 20 -10.40 -4.57 0.60
N PHE A 21 -11.66 -4.41 0.27
CA PHE A 21 -12.71 -4.57 1.31
C PHE A 21 -13.16 -6.03 1.37
N ARG A 22 -12.24 -6.93 1.55
CA ARG A 22 -12.60 -8.38 1.61
C ARG A 22 -13.75 -8.56 2.60
N LYS A 23 -13.88 -7.68 3.55
CA LYS A 23 -14.99 -7.81 4.54
C LYS A 23 -15.04 -9.25 5.05
N SER A 24 -13.93 -9.95 5.00
CA SER A 24 -13.92 -11.36 5.48
C SER A 24 -12.77 -11.54 6.48
N GLY A 25 -13.03 -11.34 7.75
CA GLY A 25 -11.95 -11.50 8.76
C GLY A 25 -12.48 -11.09 10.14
N ALA A 26 -12.20 -11.87 11.15
CA ALA A 26 -12.68 -11.52 12.51
C ALA A 26 -11.88 -10.33 13.04
N THR A 27 -11.97 -10.07 14.32
CA THR A 27 -11.21 -8.93 14.91
C THR A 27 -9.72 -9.25 14.91
N CYS A 28 -9.09 -9.24 13.76
CA CYS A 28 -7.64 -9.55 13.70
C CYS A 28 -7.00 -8.80 12.52
N GLY A 29 -7.67 -7.80 12.03
CA GLY A 29 -7.11 -7.04 10.88
C GLY A 29 -8.22 -6.22 10.21
N ARG A 30 -8.02 -5.84 8.97
CA ARG A 30 -9.06 -5.05 8.27
C ARG A 30 -8.81 -5.12 6.76
N SER A 31 -9.42 -4.24 6.00
CA SER A 31 -9.20 -4.27 4.52
C SER A 31 -7.70 -4.27 4.24
N ASP A 32 -7.33 -4.54 3.01
CA ASP A 32 -5.87 -4.55 2.66
C ASP A 32 -5.56 -3.35 1.77
N THR A 33 -4.35 -2.85 1.83
CA THR A 33 -3.99 -1.69 0.98
C THR A 33 -2.81 -2.05 0.09
N TYR A 34 -3.04 -2.24 -1.18
CA TYR A 34 -1.93 -2.59 -2.11
C TYR A 34 -1.55 -1.34 -2.91
N TYR A 35 -0.43 -1.37 -3.58
CA TYR A 35 -0.01 -0.18 -4.36
C TYR A 35 0.47 -0.60 -5.75
N GLN A 36 0.40 0.29 -6.71
CA GLN A 36 0.86 -0.06 -8.08
C GLN A 36 1.56 1.16 -8.69
N SER A 37 2.70 0.95 -9.28
CA SER A 37 3.43 2.10 -9.90
C SER A 37 2.68 2.55 -11.15
N PRO A 38 3.16 3.60 -11.76
CA PRO A 38 2.56 4.17 -12.98
C PRO A 38 2.96 3.34 -14.20
N THR A 39 3.74 2.31 -14.00
CA THR A 39 4.18 1.47 -15.15
C THR A 39 3.42 0.14 -15.12
N GLY A 40 2.91 -0.25 -13.99
CA GLY A 40 2.16 -1.53 -13.90
C GLY A 40 2.81 -2.44 -12.85
N ASP A 41 3.71 -1.92 -12.07
CA ASP A 41 4.37 -2.76 -11.03
C ASP A 41 3.45 -2.90 -9.82
N ARG A 42 2.80 -4.02 -9.68
CA ARG A 42 1.89 -4.22 -8.52
C ARG A 42 2.66 -4.82 -7.35
N ILE A 43 2.76 -4.12 -6.26
CA ILE A 43 3.50 -4.65 -5.08
C ILE A 43 2.57 -4.73 -3.87
N ARG A 44 2.83 -5.62 -2.96
CA ARG A 44 1.95 -5.73 -1.76
C ARG A 44 2.76 -6.20 -0.54
N SER A 45 4.06 -6.09 -0.60
CA SER A 45 4.90 -6.53 0.55
C SER A 45 5.33 -5.32 1.40
N LYS A 46 4.69 -4.20 1.23
CA LYS A 46 5.05 -3.00 2.02
C LYS A 46 6.48 -2.54 1.72
N VAL A 47 7.43 -2.98 2.48
CA VAL A 47 8.84 -2.53 2.23
C VAL A 47 9.25 -2.93 0.82
N GLU A 48 8.68 -3.98 0.29
CA GLU A 48 9.05 -4.39 -1.09
C GLU A 48 8.69 -3.24 -2.05
N LEU A 49 7.51 -2.72 -1.94
CA LEU A 49 7.14 -1.59 -2.84
C LEU A 49 7.99 -0.38 -2.45
N THR A 50 8.47 -0.35 -1.24
CA THR A 50 9.34 0.78 -0.80
C THR A 50 10.64 0.73 -1.58
N ARG A 51 11.44 -0.26 -1.32
CA ARG A 51 12.74 -0.38 -2.04
C ARG A 51 12.48 -0.31 -3.56
N TYR A 52 11.26 -0.57 -3.97
CA TYR A 52 10.95 -0.50 -5.43
C TYR A 52 11.07 0.95 -5.90
N LEU A 53 10.44 1.87 -5.22
CA LEU A 53 10.52 3.29 -5.64
C LEU A 53 11.93 3.82 -5.37
N GLY A 54 12.43 3.59 -4.18
CA GLY A 54 13.80 4.07 -3.85
C GLY A 54 13.72 4.99 -2.63
N PRO A 55 14.70 5.84 -2.49
CA PRO A 55 14.77 6.80 -1.37
C PRO A 55 13.84 7.99 -1.62
N ALA A 56 13.02 7.92 -2.65
CA ALA A 56 12.10 9.05 -2.94
C ALA A 56 10.79 8.85 -2.18
N CYS A 57 10.48 7.63 -1.82
CA CYS A 57 9.21 7.37 -1.07
C CYS A 57 9.51 6.45 0.11
N ASP A 58 9.61 7.00 1.29
CA ASP A 58 9.90 6.15 2.48
C ASP A 58 8.62 5.39 2.88
N LEU A 59 8.73 4.11 3.08
CA LEU A 59 7.55 3.29 3.47
C LEU A 59 7.89 2.41 4.66
N THR A 60 9.10 2.49 5.14
CA THR A 60 9.50 1.64 6.29
C THR A 60 8.45 1.70 7.39
N LEU A 61 7.80 2.82 7.56
CA LEU A 61 6.77 2.94 8.63
C LEU A 61 5.38 2.98 8.00
N PHE A 62 5.30 2.92 6.70
CA PHE A 62 3.96 2.97 6.05
C PHE A 62 3.06 1.92 6.69
N ASP A 63 1.86 2.30 7.05
CA ASP A 63 0.93 1.32 7.67
C ASP A 63 0.30 0.46 6.57
N PHE A 64 0.74 -0.75 6.43
CA PHE A 64 0.20 -1.62 5.36
C PHE A 64 -1.25 -1.98 5.69
N LYS A 65 -2.10 -0.99 5.81
CA LYS A 65 -3.53 -1.28 6.13
C LYS A 65 -4.28 0.05 6.27
N GLN A 66 -3.64 1.06 6.78
CA GLN A 66 -4.32 2.37 6.96
C GLN A 66 -4.09 3.23 5.71
N GLY A 67 -2.89 3.26 5.21
CA GLY A 67 -2.61 4.09 4.01
C GLY A 67 -1.71 5.28 4.38
N ILE A 68 -0.96 5.15 5.44
CA ILE A 68 -0.08 6.27 5.86
C ILE A 68 1.27 5.71 6.33
N LEU A 69 2.09 6.55 6.91
CA LEU A 69 3.42 6.08 7.39
C LEU A 69 3.88 6.99 8.55
N CYS A 70 5.02 6.71 9.12
CA CYS A 70 5.52 7.55 10.24
C CYS A 70 7.04 7.44 10.32
N TYR A 71 7.62 7.87 11.41
CA TYR A 71 9.10 7.79 11.54
C TYR A 71 9.54 8.29 12.91
N PRO A 72 9.09 7.61 13.93
CA PRO A 72 9.43 7.96 15.32
C PRO A 72 10.85 7.50 15.67
N ALA A 73 11.32 7.77 16.85
CA ALA A 73 12.69 7.34 17.22
C ALA A 73 12.67 5.87 17.62
N PRO A 74 13.68 5.14 17.21
CA PRO A 74 13.81 3.71 17.51
C PRO A 74 14.32 3.50 18.94
N LYS A 75 13.58 3.94 19.92
CA LYS A 75 14.04 3.77 21.33
C LYS A 75 13.44 2.49 21.91
N MET A 1 1.45 4.38 15.71
CA MET A 1 2.17 4.18 14.42
C MET A 1 2.88 5.48 14.03
N ALA A 2 2.13 6.48 13.66
CA ALA A 2 2.75 7.77 13.25
C ALA A 2 3.35 7.64 11.85
N GLU A 3 3.94 8.68 11.34
CA GLU A 3 4.54 8.62 9.98
C GLU A 3 6.04 8.33 10.09
N ASP A 4 6.44 7.12 9.81
CA ASP A 4 7.91 6.80 9.91
C ASP A 4 8.28 5.82 8.79
N TRP A 5 7.43 5.69 7.81
CA TRP A 5 7.73 4.76 6.67
C TRP A 5 8.17 3.41 7.21
N LEU A 6 7.30 2.43 7.19
CA LEU A 6 7.68 1.09 7.71
C LEU A 6 7.95 0.15 6.53
N ASP A 7 8.78 -0.84 6.73
CA ASP A 7 9.09 -1.79 5.62
C ASP A 7 7.79 -2.31 5.02
N CYS A 8 7.68 -2.28 3.72
CA CYS A 8 6.43 -2.77 3.06
C CYS A 8 6.48 -4.30 2.93
N PRO A 9 5.59 -4.97 3.63
CA PRO A 9 5.52 -6.44 3.61
C PRO A 9 4.76 -6.93 2.37
N ALA A 10 3.55 -6.47 2.18
CA ALA A 10 2.75 -6.91 1.01
C ALA A 10 3.64 -7.06 -0.23
N LEU A 11 4.30 -6.01 -0.62
CA LEU A 11 5.19 -6.09 -1.81
C LEU A 11 6.51 -6.74 -1.42
N GLY A 12 7.22 -6.17 -0.49
CA GLY A 12 8.51 -6.76 -0.07
C GLY A 12 9.58 -5.67 -0.03
N PRO A 13 10.77 -6.02 -0.48
CA PRO A 13 11.91 -5.08 -0.50
C PRO A 13 11.79 -4.12 -1.69
N GLY A 14 12.08 -2.87 -1.49
CA GLY A 14 11.97 -1.89 -2.61
C GLY A 14 10.66 -1.12 -2.51
N TRP A 15 10.00 -1.21 -1.38
CA TRP A 15 8.70 -0.48 -1.23
C TRP A 15 8.52 -0.06 0.22
N LYS A 16 8.06 1.14 0.45
CA LYS A 16 7.87 1.61 1.85
C LYS A 16 6.36 1.73 2.13
N ARG A 17 5.91 1.15 3.20
CA ARG A 17 4.45 1.22 3.53
C ARG A 17 4.22 2.34 4.56
N ARG A 18 3.81 3.50 4.11
CA ARG A 18 3.57 4.62 5.06
C ARG A 18 2.06 4.74 5.32
N GLU A 19 1.68 4.89 6.56
CA GLU A 19 0.22 5.02 6.87
C GLU A 19 -0.05 6.41 7.43
N VAL A 20 -1.28 6.87 7.34
CA VAL A 20 -1.60 8.23 7.87
C VAL A 20 -2.86 8.14 8.74
N PHE A 21 -3.23 9.22 9.37
CA PHE A 21 -4.44 9.19 10.24
C PHE A 21 -5.50 10.14 9.67
N ARG A 22 -6.24 9.69 8.69
CA ARG A 22 -7.29 10.56 8.09
C ARG A 22 -8.10 11.20 9.22
N LYS A 23 -8.73 10.41 10.05
CA LYS A 23 -9.54 10.98 11.16
C LYS A 23 -10.69 11.80 10.57
N SER A 24 -11.77 11.15 10.23
CA SER A 24 -12.93 11.90 9.66
C SER A 24 -14.21 11.51 10.41
N GLY A 25 -14.25 11.75 11.69
CA GLY A 25 -15.47 11.39 12.48
C GLY A 25 -15.10 10.36 13.54
N ALA A 26 -16.08 9.68 14.08
CA ALA A 26 -15.77 8.66 15.12
C ALA A 26 -15.57 7.29 14.46
N THR A 27 -14.53 7.15 13.68
CA THR A 27 -14.28 5.84 13.01
C THR A 27 -12.83 5.43 13.25
N CYS A 28 -12.56 4.78 14.35
CA CYS A 28 -11.16 4.35 14.65
C CYS A 28 -10.80 3.18 13.74
N GLY A 29 -10.31 3.45 12.56
CA GLY A 29 -9.94 2.36 11.62
C GLY A 29 -9.63 2.95 10.25
N ARG A 30 -10.32 3.99 9.87
CA ARG A 30 -10.08 4.62 8.54
C ARG A 30 -8.73 5.33 8.57
N SER A 31 -8.06 5.41 7.45
CA SER A 31 -6.74 6.09 7.42
C SER A 31 -6.18 6.06 5.99
N ASP A 32 -5.61 7.14 5.55
CA ASP A 32 -5.03 7.18 4.18
C ASP A 32 -3.66 6.51 4.20
N THR A 33 -3.43 5.56 3.33
CA THR A 33 -2.12 4.87 3.31
C THR A 33 -1.40 5.17 1.99
N TYR A 34 -0.14 5.53 2.05
CA TYR A 34 0.61 5.83 0.80
C TYR A 34 1.92 5.05 0.79
N TYR A 35 2.41 4.69 -0.36
CA TYR A 35 3.69 3.93 -0.43
C TYR A 35 4.74 4.80 -1.12
N GLN A 36 5.99 4.56 -0.83
CA GLN A 36 7.06 5.38 -1.46
C GLN A 36 8.15 4.46 -2.03
N SER A 37 8.46 4.61 -3.29
CA SER A 37 9.51 3.75 -3.91
C SER A 37 10.85 4.01 -3.21
N PRO A 38 11.82 3.18 -3.53
CA PRO A 38 13.17 3.29 -2.95
C PRO A 38 13.96 4.41 -3.64
N THR A 39 13.33 5.15 -4.50
CA THR A 39 14.04 6.25 -5.20
C THR A 39 13.44 7.59 -4.78
N GLY A 40 12.27 7.58 -4.21
CA GLY A 40 11.63 8.86 -3.77
C GLY A 40 10.24 8.97 -4.40
N ASP A 41 9.82 7.97 -5.12
CA ASP A 41 8.47 8.02 -5.75
C ASP A 41 7.40 7.77 -4.69
N ARG A 42 6.19 8.22 -4.93
CA ARG A 42 5.10 8.00 -3.94
C ARG A 42 3.79 7.73 -4.67
N ILE A 43 3.17 6.62 -4.40
CA ILE A 43 1.88 6.30 -5.08
C ILE A 43 0.83 5.91 -4.02
N ARG A 44 -0.42 6.11 -4.32
CA ARG A 44 -1.49 5.75 -3.35
C ARG A 44 -2.38 4.66 -3.95
N SER A 45 -2.29 4.45 -5.24
CA SER A 45 -3.13 3.40 -5.88
C SER A 45 -2.35 2.10 -5.89
N LYS A 46 -2.91 1.05 -5.34
CA LYS A 46 -2.20 -0.25 -5.29
C LYS A 46 -1.87 -0.74 -6.71
N VAL A 47 -2.83 -0.72 -7.60
CA VAL A 47 -2.56 -1.20 -8.97
C VAL A 47 -1.80 -0.13 -9.75
N GLU A 48 -2.02 1.14 -9.45
CA GLU A 48 -1.28 2.20 -10.17
C GLU A 48 0.22 1.99 -9.96
N LEU A 49 0.63 1.86 -8.72
CA LEU A 49 2.07 1.63 -8.46
C LEU A 49 2.42 0.24 -8.96
N THR A 50 1.49 -0.68 -8.85
CA THR A 50 1.74 -2.05 -9.34
C THR A 50 2.24 -1.98 -10.78
N ARG A 51 1.40 -1.56 -11.69
CA ARG A 51 1.82 -1.46 -13.11
C ARG A 51 3.14 -0.69 -13.19
N TYR A 52 3.36 0.23 -12.28
CA TYR A 52 4.63 1.01 -12.30
C TYR A 52 5.80 0.05 -12.05
N LEU A 53 5.85 -0.55 -10.89
CA LEU A 53 6.96 -1.51 -10.61
C LEU A 53 7.00 -2.57 -11.71
N GLY A 54 5.87 -3.15 -12.02
CA GLY A 54 5.83 -4.19 -13.08
C GLY A 54 5.19 -5.46 -12.51
N PRO A 55 5.45 -6.57 -13.16
CA PRO A 55 4.91 -7.88 -12.74
C PRO A 55 5.69 -8.42 -11.53
N ALA A 56 6.69 -7.70 -11.10
CA ALA A 56 7.49 -8.16 -9.93
C ALA A 56 6.70 -7.90 -8.64
N CYS A 57 5.80 -6.95 -8.67
CA CYS A 57 4.99 -6.65 -7.45
C CYS A 57 3.53 -6.48 -7.86
N ASP A 58 2.72 -7.47 -7.61
CA ASP A 58 1.27 -7.37 -7.98
C ASP A 58 0.46 -6.88 -6.77
N LEU A 59 -0.73 -6.39 -7.01
CA LEU A 59 -1.58 -5.90 -5.89
C LEU A 59 -3.05 -5.98 -6.31
N THR A 60 -3.35 -6.77 -7.30
CA THR A 60 -4.76 -6.89 -7.76
C THR A 60 -5.69 -7.07 -6.56
N LEU A 61 -5.28 -7.86 -5.59
CA LEU A 61 -6.14 -8.08 -4.40
C LEU A 61 -5.52 -7.42 -3.17
N PHE A 62 -4.44 -6.70 -3.35
CA PHE A 62 -3.81 -6.04 -2.18
C PHE A 62 -4.68 -4.88 -1.72
N ASP A 63 -4.86 -4.74 -0.44
CA ASP A 63 -5.69 -3.62 0.08
C ASP A 63 -4.78 -2.46 0.48
N PHE A 64 -4.96 -1.32 -0.14
CA PHE A 64 -4.09 -0.15 0.20
C PHE A 64 -4.36 0.30 1.63
N LYS A 65 -5.41 -0.20 2.23
CA LYS A 65 -5.73 0.21 3.62
C LYS A 65 -5.29 -0.88 4.61
N GLN A 66 -5.53 -2.13 4.28
CA GLN A 66 -5.13 -3.22 5.22
C GLN A 66 -3.65 -3.56 5.01
N GLY A 67 -3.18 -3.53 3.80
CA GLY A 67 -1.75 -3.86 3.55
C GLY A 67 -1.59 -5.37 3.32
N ILE A 68 -2.60 -6.01 2.79
CA ILE A 68 -2.51 -7.47 2.54
C ILE A 68 -3.16 -7.80 1.20
N LEU A 69 -2.84 -8.93 0.62
CA LEU A 69 -3.43 -9.30 -0.69
C LEU A 69 -3.69 -10.81 -0.72
N CYS A 70 -4.35 -11.28 -1.73
CA CYS A 70 -4.63 -12.74 -1.82
C CYS A 70 -4.95 -13.11 -3.28
N TYR A 71 -4.76 -14.34 -3.65
CA TYR A 71 -5.07 -14.75 -5.05
C TYR A 71 -5.25 -16.27 -5.12
N PRO A 72 -6.15 -16.70 -5.96
CA PRO A 72 -6.45 -18.14 -6.15
C PRO A 72 -5.38 -18.79 -7.03
N ALA A 73 -4.56 -19.62 -6.45
CA ALA A 73 -3.49 -20.30 -7.25
C ALA A 73 -2.59 -19.24 -7.89
N PRO A 74 -1.37 -19.64 -8.17
CA PRO A 74 -0.36 -18.75 -8.78
C PRO A 74 -0.62 -18.60 -10.28
N LYS A 75 -1.18 -17.50 -10.69
CA LYS A 75 -1.46 -17.30 -12.15
C LYS A 75 -1.87 -15.84 -12.39
N MET A 1 14.54 12.37 3.94
CA MET A 1 13.77 12.99 2.82
C MET A 1 12.28 12.86 3.09
N ALA A 2 11.75 13.65 3.99
CA ALA A 2 10.30 13.58 4.29
C ALA A 2 9.96 12.19 4.85
N GLU A 3 9.80 11.23 3.99
CA GLU A 3 9.47 9.85 4.47
C GLU A 3 10.50 8.87 3.91
N ASP A 4 10.34 7.60 4.20
CA ASP A 4 11.32 6.60 3.68
C ASP A 4 10.56 5.44 3.01
N TRP A 5 10.20 5.60 1.77
CA TRP A 5 9.47 4.52 1.05
C TRP A 5 10.26 3.22 1.15
N LEU A 6 9.60 2.14 1.50
CA LEU A 6 10.33 0.83 1.60
C LEU A 6 9.72 -0.17 0.62
N ASP A 7 10.39 -1.26 0.36
CA ASP A 7 9.84 -2.26 -0.60
C ASP A 7 8.45 -2.69 -0.14
N CYS A 8 7.50 -2.71 -1.04
CA CYS A 8 6.11 -3.10 -0.66
C CYS A 8 6.01 -4.64 -0.65
N PRO A 9 5.73 -5.19 0.49
CA PRO A 9 5.59 -6.65 0.66
C PRO A 9 4.22 -7.13 0.16
N ALA A 10 3.16 -6.51 0.61
CA ALA A 10 1.80 -6.94 0.17
C ALA A 10 1.76 -7.04 -1.36
N LEU A 11 2.42 -6.14 -2.04
CA LEU A 11 2.41 -6.19 -3.53
C LEU A 11 3.68 -6.87 -4.03
N GLY A 12 4.82 -6.37 -3.63
CA GLY A 12 6.10 -6.99 -4.09
C GLY A 12 7.08 -5.90 -4.53
N PRO A 13 7.96 -6.26 -5.44
CA PRO A 13 8.97 -5.33 -5.98
C PRO A 13 8.34 -4.39 -7.01
N GLY A 14 8.98 -3.28 -7.26
CA GLY A 14 8.42 -2.32 -8.26
C GLY A 14 7.37 -1.43 -7.59
N TRP A 15 6.98 -1.76 -6.38
CA TRP A 15 5.97 -0.93 -5.68
C TRP A 15 6.59 -0.35 -4.40
N LYS A 16 6.44 0.93 -4.19
CA LYS A 16 7.01 1.54 -2.97
C LYS A 16 5.96 1.62 -1.87
N ARG A 17 6.18 0.93 -0.78
CA ARG A 17 5.17 0.94 0.32
C ARG A 17 5.70 1.83 1.46
N ARG A 18 5.23 3.05 1.54
CA ARG A 18 5.70 3.96 2.62
C ARG A 18 4.66 4.01 3.75
N GLU A 19 5.12 4.11 4.97
CA GLU A 19 4.17 4.17 6.12
C GLU A 19 4.27 5.55 6.78
N VAL A 20 3.18 6.07 7.27
CA VAL A 20 3.23 7.41 7.93
C VAL A 20 2.44 7.37 9.24
N PHE A 21 2.88 8.08 10.23
CA PHE A 21 2.15 8.09 11.54
C PHE A 21 1.10 9.20 11.52
N ARG A 22 0.30 9.26 10.49
CA ARG A 22 -0.74 10.32 10.42
C ARG A 22 -0.10 11.68 10.75
N LYS A 23 1.13 11.88 10.34
CA LYS A 23 1.80 13.17 10.63
C LYS A 23 1.64 13.52 12.11
N SER A 24 1.74 12.53 12.97
CA SER A 24 1.59 12.80 14.43
C SER A 24 2.56 11.92 15.22
N GLY A 25 2.43 10.63 15.11
CA GLY A 25 3.35 9.72 15.86
C GLY A 25 2.53 8.76 16.73
N ALA A 26 1.24 8.70 16.52
CA ALA A 26 0.40 7.78 17.34
C ALA A 26 0.66 6.34 16.90
N THR A 27 0.96 5.47 17.81
CA THR A 27 1.22 4.05 17.45
C THR A 27 0.13 3.16 18.04
N CYS A 28 -1.04 3.70 18.23
CA CYS A 28 -2.16 2.88 18.81
C CYS A 28 -2.45 1.71 17.86
N GLY A 29 -2.97 2.00 16.68
CA GLY A 29 -3.27 0.91 15.73
C GLY A 29 -3.97 1.49 14.49
N ARG A 30 -3.22 2.12 13.63
CA ARG A 30 -3.84 2.71 12.40
C ARG A 30 -2.72 3.12 11.43
N SER A 31 -2.30 4.36 11.50
CA SER A 31 -1.21 4.82 10.58
C SER A 31 -1.70 4.79 9.14
N ASP A 32 -1.14 5.63 8.30
CA ASP A 32 -1.56 5.66 6.87
C ASP A 32 -0.39 5.20 6.01
N THR A 33 -0.65 4.50 4.93
CA THR A 33 0.46 4.03 4.06
C THR A 33 0.23 4.49 2.63
N TYR A 34 1.16 5.23 2.07
CA TYR A 34 1.02 5.70 0.67
C TYR A 34 1.87 4.80 -0.23
N TYR A 35 1.59 4.76 -1.51
CA TYR A 35 2.39 3.89 -2.40
C TYR A 35 2.86 4.69 -3.63
N GLN A 36 4.09 4.51 -4.02
CA GLN A 36 4.63 5.24 -5.19
C GLN A 36 5.06 4.23 -6.26
N SER A 37 4.42 4.25 -7.40
CA SER A 37 4.80 3.30 -8.48
C SER A 37 6.28 3.47 -8.82
N PRO A 38 6.79 2.54 -9.58
CA PRO A 38 8.21 2.56 -10.01
C PRO A 38 8.40 3.55 -11.16
N THR A 39 7.38 4.29 -11.51
CA THR A 39 7.52 5.27 -12.62
C THR A 39 7.34 6.69 -12.07
N GLY A 40 6.89 6.82 -10.85
CA GLY A 40 6.68 8.17 -10.26
C GLY A 40 5.21 8.40 -9.96
N ASP A 41 4.39 7.40 -10.17
CA ASP A 41 2.93 7.56 -9.89
C ASP A 41 2.71 7.48 -8.38
N ARG A 42 1.80 8.26 -7.86
CA ARG A 42 1.54 8.23 -6.39
C ARG A 42 0.06 7.97 -6.13
N ILE A 43 -0.25 6.88 -5.49
CA ILE A 43 -1.68 6.56 -5.21
C ILE A 43 -1.87 6.38 -3.70
N ARG A 44 -3.09 6.44 -3.23
CA ARG A 44 -3.32 6.25 -1.77
C ARG A 44 -4.69 5.62 -1.54
N SER A 45 -5.29 5.07 -2.56
CA SER A 45 -6.61 4.41 -2.40
C SER A 45 -6.42 2.98 -1.91
N LYS A 46 -6.21 2.08 -2.83
CA LYS A 46 -6.01 0.64 -2.45
C LYS A 46 -6.34 -0.22 -3.67
N VAL A 47 -7.56 -0.17 -4.11
CA VAL A 47 -7.94 -0.96 -5.31
C VAL A 47 -7.67 -0.09 -6.54
N GLU A 48 -7.62 1.21 -6.35
CA GLU A 48 -7.34 2.13 -7.47
C GLU A 48 -5.89 1.93 -7.90
N LEU A 49 -4.99 1.80 -6.96
CA LEU A 49 -3.58 1.58 -7.32
C LEU A 49 -3.47 0.15 -7.86
N THR A 50 -4.37 -0.69 -7.44
CA THR A 50 -4.36 -2.10 -7.93
C THR A 50 -4.76 -2.10 -9.40
N ARG A 51 -5.95 -1.65 -9.71
CA ARG A 51 -6.38 -1.62 -11.14
C ARG A 51 -5.29 -0.92 -11.95
N TYR A 52 -4.50 -0.10 -11.31
CA TYR A 52 -3.41 0.60 -12.05
C TYR A 52 -2.34 -0.42 -12.46
N LEU A 53 -1.67 -1.00 -11.50
CA LEU A 53 -0.62 -2.02 -11.84
C LEU A 53 -1.21 -3.04 -12.80
N GLY A 54 -2.27 -3.71 -12.41
CA GLY A 54 -2.88 -4.73 -13.30
C GLY A 54 -3.12 -6.01 -12.51
N PRO A 55 -3.02 -7.13 -13.19
CA PRO A 55 -3.21 -8.45 -12.58
C PRO A 55 -1.95 -8.86 -11.80
N ALA A 56 -0.81 -8.40 -12.21
CA ALA A 56 0.45 -8.76 -11.50
C ALA A 56 0.31 -8.40 -10.02
N CYS A 57 -0.52 -7.43 -9.71
CA CYS A 57 -0.71 -7.03 -8.29
C CYS A 57 -2.17 -7.19 -7.92
N ASP A 58 -2.50 -7.07 -6.66
CA ASP A 58 -3.92 -7.21 -6.23
C ASP A 58 -4.08 -6.67 -4.81
N LEU A 59 -5.22 -6.13 -4.49
CA LEU A 59 -5.44 -5.58 -3.13
C LEU A 59 -6.93 -5.64 -2.77
N THR A 60 -7.67 -6.48 -3.43
CA THR A 60 -9.12 -6.57 -3.13
C THR A 60 -9.34 -6.57 -1.62
N LEU A 61 -8.63 -7.39 -0.92
CA LEU A 61 -8.80 -7.44 0.57
C LEU A 61 -7.59 -6.80 1.25
N PHE A 62 -6.76 -6.15 0.49
CA PHE A 62 -5.55 -5.50 1.09
C PHE A 62 -5.98 -4.53 2.18
N ASP A 63 -5.25 -4.48 3.25
CA ASP A 63 -5.59 -3.54 4.35
C ASP A 63 -4.77 -2.27 4.16
N PHE A 64 -5.33 -1.26 3.56
CA PHE A 64 -4.58 0.00 3.32
C PHE A 64 -4.20 0.62 4.67
N LYS A 65 -3.25 0.04 5.35
CA LYS A 65 -2.83 0.57 6.69
C LYS A 65 -1.92 -0.45 7.37
N GLN A 66 -2.15 -1.71 7.14
CA GLN A 66 -1.31 -2.77 7.77
C GLN A 66 -0.33 -3.32 6.73
N GLY A 67 -0.68 -3.27 5.48
CA GLY A 67 0.23 -3.80 4.43
C GLY A 67 -0.05 -5.28 4.19
N ILE A 68 -1.28 -5.70 4.33
CA ILE A 68 -1.61 -7.13 4.13
C ILE A 68 -2.95 -7.26 3.39
N LEU A 69 -3.27 -8.45 2.95
CA LEU A 69 -4.57 -8.66 2.23
C LEU A 69 -5.09 -10.05 2.58
N CYS A 70 -6.06 -10.54 1.86
CA CYS A 70 -6.59 -11.89 2.18
C CYS A 70 -7.33 -12.45 0.95
N TYR A 71 -7.68 -13.71 1.01
CA TYR A 71 -8.40 -14.33 -0.15
C TYR A 71 -8.75 -15.78 0.20
N PRO A 72 -9.52 -15.95 1.24
CA PRO A 72 -9.95 -17.27 1.71
C PRO A 72 -11.08 -17.82 0.82
N ALA A 73 -10.80 -18.09 -0.42
CA ALA A 73 -11.85 -18.63 -1.33
C ALA A 73 -11.64 -20.13 -1.53
N PRO A 74 -12.70 -20.81 -1.88
CA PRO A 74 -12.66 -22.26 -2.12
C PRO A 74 -12.04 -22.56 -3.49
N LYS A 75 -11.38 -23.68 -3.62
CA LYS A 75 -10.77 -24.03 -4.94
C LYS A 75 -10.61 -25.54 -5.04
N MET A 1 11.90 8.86 -13.31
CA MET A 1 12.45 7.96 -12.25
C MET A 1 11.32 7.15 -11.64
N ALA A 2 11.03 6.00 -12.20
CA ALA A 2 9.94 5.15 -11.64
C ALA A 2 10.38 4.55 -10.30
N GLU A 3 9.62 3.63 -9.77
CA GLU A 3 10.00 3.00 -8.47
C GLU A 3 9.87 1.49 -8.57
N ASP A 4 9.95 0.80 -7.46
CA ASP A 4 9.83 -0.68 -7.50
C ASP A 4 8.35 -1.07 -7.39
N TRP A 5 7.50 -0.44 -8.15
CA TRP A 5 6.05 -0.77 -8.09
C TRP A 5 5.85 -2.27 -8.35
N LEU A 6 5.45 -3.01 -7.35
CA LEU A 6 5.23 -4.47 -7.55
C LEU A 6 3.74 -4.79 -7.39
N ASP A 7 3.27 -5.81 -8.06
CA ASP A 7 1.83 -6.17 -7.95
C ASP A 7 1.39 -6.10 -6.48
N CYS A 8 0.23 -5.59 -6.23
CA CYS A 8 -0.25 -5.49 -4.82
C CYS A 8 -1.29 -6.59 -4.56
N PRO A 9 -0.88 -7.61 -3.84
CA PRO A 9 -1.77 -8.74 -3.50
C PRO A 9 -2.72 -8.34 -2.38
N ALA A 10 -2.27 -7.54 -1.45
CA ALA A 10 -3.16 -7.12 -0.32
C ALA A 10 -4.54 -6.76 -0.87
N LEU A 11 -4.59 -6.01 -1.94
CA LEU A 11 -5.90 -5.62 -2.52
C LEU A 11 -6.23 -6.57 -3.68
N GLY A 12 -5.42 -6.58 -4.70
CA GLY A 12 -5.69 -7.47 -5.86
C GLY A 12 -5.03 -6.90 -7.11
N PRO A 13 -5.59 -7.22 -8.25
CA PRO A 13 -5.08 -6.75 -9.55
C PRO A 13 -5.51 -5.31 -9.79
N GLY A 14 -4.67 -4.53 -10.44
CA GLY A 14 -5.03 -3.11 -10.70
C GLY A 14 -4.40 -2.23 -9.63
N TRP A 15 -4.12 -2.78 -8.49
CA TRP A 15 -3.50 -1.97 -7.40
C TRP A 15 -1.99 -2.22 -7.38
N LYS A 16 -1.20 -1.19 -7.32
CA LYS A 16 0.28 -1.38 -7.31
C LYS A 16 0.84 -1.01 -5.93
N ARG A 17 1.48 -1.93 -5.27
CA ARG A 17 2.06 -1.62 -3.93
C ARG A 17 3.51 -1.19 -4.11
N ARG A 18 3.84 0.02 -3.77
CA ARG A 18 5.23 0.50 -3.94
C ARG A 18 5.97 0.46 -2.61
N GLU A 19 7.25 0.19 -2.64
CA GLU A 19 8.04 0.16 -1.38
C GLU A 19 9.23 1.11 -1.51
N VAL A 20 9.60 1.77 -0.44
CA VAL A 20 10.74 2.73 -0.52
C VAL A 20 11.72 2.46 0.61
N PHE A 21 12.94 2.89 0.47
CA PHE A 21 13.95 2.67 1.54
C PHE A 21 14.02 3.92 2.43
N ARG A 22 13.09 4.82 2.27
CA ARG A 22 13.10 6.05 3.11
C ARG A 22 14.24 6.97 2.65
N LYS A 23 15.45 6.59 2.91
CA LYS A 23 16.60 7.44 2.49
C LYS A 23 17.92 6.70 2.79
N SER A 24 18.14 6.34 4.03
CA SER A 24 19.39 5.62 4.38
C SER A 24 19.19 4.12 4.20
N GLY A 25 20.21 3.33 4.40
CA GLY A 25 20.08 1.86 4.24
C GLY A 25 20.45 1.17 5.54
N ALA A 26 20.27 1.83 6.65
CA ALA A 26 20.62 1.21 7.96
C ALA A 26 19.64 0.06 8.25
N THR A 27 19.92 -0.72 9.26
CA THR A 27 19.02 -1.87 9.59
C THR A 27 17.98 -1.41 10.63
N CYS A 28 17.85 -0.13 10.83
CA CYS A 28 16.85 0.36 11.82
C CYS A 28 15.83 1.27 11.13
N GLY A 29 16.22 1.91 10.06
CA GLY A 29 15.27 2.80 9.34
C GLY A 29 14.06 2.00 8.86
N ARG A 30 12.94 2.64 8.70
CA ARG A 30 11.72 1.90 8.24
C ARG A 30 11.51 2.14 6.75
N SER A 31 10.51 1.54 6.17
CA SER A 31 10.26 1.74 4.71
C SER A 31 8.88 2.35 4.51
N ASP A 32 8.60 2.83 3.33
CA ASP A 32 7.26 3.44 3.06
C ASP A 32 6.50 2.57 2.07
N THR A 33 5.20 2.64 2.08
CA THR A 33 4.40 1.81 1.13
C THR A 33 3.35 2.69 0.45
N TYR A 34 3.53 2.97 -0.82
CA TYR A 34 2.53 3.82 -1.54
C TYR A 34 1.70 2.94 -2.48
N TYR A 35 0.60 3.45 -2.96
CA TYR A 35 -0.25 2.63 -3.87
C TYR A 35 -0.66 3.45 -5.09
N GLN A 36 -0.66 2.84 -6.25
CA GLN A 36 -1.06 3.58 -7.48
C GLN A 36 -2.23 2.86 -8.14
N SER A 37 -3.29 3.56 -8.44
CA SER A 37 -4.46 2.91 -9.09
C SER A 37 -4.19 2.76 -10.59
N PRO A 38 -5.03 2.00 -11.24
CA PRO A 38 -4.92 1.74 -12.69
C PRO A 38 -5.46 2.94 -13.49
N THR A 39 -5.82 4.00 -12.81
CA THR A 39 -6.35 5.19 -13.52
C THR A 39 -5.37 6.36 -13.39
N GLY A 40 -4.56 6.35 -12.36
CA GLY A 40 -3.58 7.45 -12.17
C GLY A 40 -3.79 8.10 -10.81
N ASP A 41 -4.51 7.45 -9.92
CA ASP A 41 -4.74 8.05 -8.58
C ASP A 41 -3.59 7.63 -7.64
N ARG A 42 -2.71 8.55 -7.35
CA ARG A 42 -1.57 8.21 -6.45
C ARG A 42 -1.96 8.51 -5.00
N ILE A 43 -2.22 7.49 -4.23
CA ILE A 43 -2.60 7.71 -2.80
C ILE A 43 -1.47 7.21 -1.90
N ARG A 44 -1.32 7.79 -0.74
CA ARG A 44 -0.23 7.33 0.17
C ARG A 44 -0.80 6.98 1.54
N SER A 45 -2.09 7.13 1.72
CA SER A 45 -2.69 6.78 3.03
C SER A 45 -3.18 5.33 2.97
N LYS A 46 -3.60 4.78 4.08
CA LYS A 46 -4.07 3.38 4.06
C LYS A 46 -5.58 3.33 3.81
N VAL A 47 -6.37 3.88 4.68
CA VAL A 47 -7.83 3.84 4.47
C VAL A 47 -8.23 4.96 3.49
N GLU A 48 -7.32 5.85 3.19
CA GLU A 48 -7.66 6.92 2.22
C GLU A 48 -7.59 6.34 0.82
N LEU A 49 -6.55 5.59 0.52
CA LEU A 49 -6.46 4.97 -0.82
C LEU A 49 -7.53 3.90 -0.91
N THR A 50 -7.93 3.37 0.22
CA THR A 50 -9.00 2.34 0.25
C THR A 50 -10.33 3.04 -0.04
N ARG A 51 -10.58 4.12 0.66
CA ARG A 51 -11.83 4.87 0.43
C ARG A 51 -11.89 5.27 -1.04
N TYR A 52 -10.75 5.38 -1.67
CA TYR A 52 -10.74 5.75 -3.11
C TYR A 52 -11.38 4.65 -3.93
N LEU A 53 -10.83 3.46 -3.89
CA LEU A 53 -11.44 2.34 -4.68
C LEU A 53 -12.89 2.14 -4.24
N GLY A 54 -13.11 1.91 -2.97
CA GLY A 54 -14.50 1.70 -2.48
C GLY A 54 -14.55 0.45 -1.60
N PRO A 55 -15.69 -0.20 -1.61
CA PRO A 55 -15.92 -1.42 -0.81
C PRO A 55 -15.24 -2.62 -1.50
N ALA A 56 -14.82 -2.46 -2.72
CA ALA A 56 -14.15 -3.58 -3.44
C ALA A 56 -12.79 -3.84 -2.80
N CYS A 57 -12.27 -2.88 -2.09
CA CYS A 57 -10.93 -3.06 -1.45
C CYS A 57 -10.99 -2.54 -0.01
N ASP A 58 -10.26 -3.15 0.88
CA ASP A 58 -10.29 -2.68 2.30
C ASP A 58 -8.88 -2.67 2.88
N LEU A 59 -8.63 -1.83 3.84
CA LEU A 59 -7.26 -1.78 4.45
C LEU A 59 -7.37 -1.39 5.93
N THR A 60 -8.57 -1.36 6.46
CA THR A 60 -8.73 -0.98 7.88
C THR A 60 -7.73 -1.79 8.72
N LEU A 61 -7.37 -2.96 8.26
CA LEU A 61 -6.41 -3.79 9.03
C LEU A 61 -5.10 -3.88 8.26
N PHE A 62 -5.10 -3.49 7.01
CA PHE A 62 -3.86 -3.54 6.20
C PHE A 62 -2.71 -2.90 6.98
N ASP A 63 -1.60 -3.55 7.05
CA ASP A 63 -0.44 -2.96 7.79
C ASP A 63 0.24 -1.94 6.89
N PHE A 64 -0.02 -0.67 7.10
CA PHE A 64 0.60 0.38 6.26
C PHE A 64 2.11 0.41 6.51
N LYS A 65 2.78 -0.67 6.25
CA LYS A 65 4.26 -0.73 6.47
C LYS A 65 4.76 -2.14 6.13
N GLN A 66 4.00 -3.14 6.47
CA GLN A 66 4.42 -4.54 6.18
C GLN A 66 3.96 -4.91 4.77
N GLY A 67 2.73 -4.65 4.45
CA GLY A 67 2.22 -4.98 3.09
C GLY A 67 1.13 -6.05 3.19
N ILE A 68 0.50 -6.18 4.32
CA ILE A 68 -0.58 -7.20 4.45
C ILE A 68 -1.74 -6.62 5.26
N LEU A 69 -2.71 -7.44 5.59
CA LEU A 69 -3.88 -6.94 6.36
C LEU A 69 -4.45 -8.09 7.20
N CYS A 70 -5.62 -7.91 7.74
CA CYS A 70 -6.23 -9.00 8.56
C CYS A 70 -7.74 -8.79 8.67
N TYR A 71 -8.51 -9.83 8.54
CA TYR A 71 -10.00 -9.69 8.65
C TYR A 71 -10.46 -10.36 9.94
N PRO A 72 -10.64 -9.57 10.96
CA PRO A 72 -11.08 -10.06 12.29
C PRO A 72 -12.58 -10.33 12.27
N ALA A 73 -13.05 -11.18 13.16
CA ALA A 73 -14.50 -11.50 13.19
C ALA A 73 -14.71 -12.80 13.99
N PRO A 74 -14.01 -13.82 13.60
CA PRO A 74 -14.08 -15.14 14.27
C PRO A 74 -13.28 -15.13 15.56
N LYS A 75 -12.16 -14.47 15.58
CA LYS A 75 -11.32 -14.42 16.81
C LYS A 75 -11.88 -13.35 17.75
N MET A 1 17.25 -4.71 3.68
CA MET A 1 15.81 -4.34 3.63
C MET A 1 15.68 -2.82 3.44
N ALA A 2 15.47 -2.39 2.23
CA ALA A 2 15.33 -0.92 1.98
C ALA A 2 14.12 -0.68 1.08
N GLU A 3 14.21 0.27 0.19
CA GLU A 3 13.05 0.54 -0.71
C GLU A 3 13.34 -0.04 -2.10
N ASP A 4 12.83 -1.20 -2.39
CA ASP A 4 13.07 -1.81 -3.72
C ASP A 4 11.74 -2.25 -4.33
N TRP A 5 10.67 -1.63 -3.91
CA TRP A 5 9.33 -2.01 -4.46
C TRP A 5 9.10 -3.51 -4.28
N LEU A 6 8.21 -3.88 -3.40
CA LEU A 6 7.93 -5.33 -3.18
C LEU A 6 6.47 -5.63 -3.54
N ASP A 7 6.19 -6.83 -3.96
CA ASP A 7 4.79 -7.18 -4.32
C ASP A 7 3.84 -6.65 -3.23
N CYS A 8 2.67 -6.23 -3.60
CA CYS A 8 1.71 -5.71 -2.59
C CYS A 8 0.61 -6.74 -2.34
N PRO A 9 0.68 -7.40 -1.22
CA PRO A 9 -0.32 -8.42 -0.83
C PRO A 9 -1.60 -7.74 -0.34
N ALA A 10 -1.49 -6.61 0.29
CA ALA A 10 -2.70 -5.90 0.78
C ALA A 10 -3.75 -5.85 -0.34
N LEU A 11 -3.33 -5.57 -1.54
CA LEU A 11 -4.30 -5.53 -2.67
C LEU A 11 -4.24 -6.83 -3.46
N GLY A 12 -3.11 -7.14 -4.04
CA GLY A 12 -2.98 -8.39 -4.82
C GLY A 12 -1.72 -8.34 -5.68
N PRO A 13 -1.75 -9.07 -6.77
CA PRO A 13 -0.61 -9.14 -7.71
C PRO A 13 -0.58 -7.88 -8.60
N GLY A 14 0.58 -7.48 -9.02
CA GLY A 14 0.68 -6.26 -9.88
C GLY A 14 0.95 -5.03 -9.01
N TRP A 15 0.02 -4.68 -8.17
CA TRP A 15 0.22 -3.49 -7.29
C TRP A 15 1.58 -3.60 -6.60
N LYS A 16 2.37 -2.55 -6.64
CA LYS A 16 3.70 -2.61 -5.98
C LYS A 16 3.68 -1.74 -4.73
N ARG A 17 3.90 -2.33 -3.58
CA ARG A 17 3.88 -1.54 -2.31
C ARG A 17 5.31 -1.09 -1.99
N ARG A 18 5.55 0.21 -1.98
CA ARG A 18 6.92 0.71 -1.67
C ARG A 18 6.99 1.09 -0.19
N GLU A 19 8.11 0.84 0.44
CA GLU A 19 8.24 1.19 1.88
C GLU A 19 9.50 2.03 2.08
N VAL A 20 9.36 3.25 2.51
CA VAL A 20 10.55 4.12 2.72
C VAL A 20 10.79 4.32 4.21
N PHE A 21 12.02 4.23 4.64
CA PHE A 21 12.33 4.40 6.08
C PHE A 21 12.50 5.90 6.39
N ARG A 22 11.42 6.62 6.45
CA ARG A 22 11.52 8.09 6.73
C ARG A 22 12.40 8.29 7.96
N LYS A 23 11.99 7.79 9.09
CA LYS A 23 12.81 7.96 10.32
C LYS A 23 12.28 7.02 11.43
N SER A 24 11.73 5.90 11.05
CA SER A 24 11.20 4.95 12.07
C SER A 24 10.66 3.70 11.37
N GLY A 25 11.52 2.78 11.03
CA GLY A 25 11.05 1.54 10.35
C GLY A 25 11.51 0.32 11.17
N ALA A 26 11.57 0.45 12.46
CA ALA A 26 12.01 -0.69 13.31
C ALA A 26 10.87 -1.71 13.45
N THR A 27 9.83 -1.34 14.14
CA THR A 27 8.69 -2.29 14.31
C THR A 27 7.40 -1.65 13.80
N CYS A 28 7.25 -1.54 12.51
CA CYS A 28 6.02 -0.93 11.94
C CYS A 28 5.91 0.53 12.40
N GLY A 29 7.00 1.25 12.43
CA GLY A 29 6.95 2.67 12.86
C GLY A 29 6.11 3.47 11.87
N ARG A 30 6.54 4.66 11.53
CA ARG A 30 5.76 5.48 10.56
C ARG A 30 6.20 5.13 9.14
N SER A 31 7.30 5.66 8.69
CA SER A 31 7.78 5.35 7.32
C SER A 31 6.74 5.82 6.29
N ASP A 32 7.11 5.86 5.05
CA ASP A 32 6.15 6.31 4.00
C ASP A 32 5.93 5.18 3.00
N THR A 33 4.71 4.85 2.71
CA THR A 33 4.44 3.75 1.75
C THR A 33 3.85 4.32 0.45
N TYR A 34 4.45 4.02 -0.66
CA TYR A 34 3.92 4.53 -1.95
C TYR A 34 3.40 3.35 -2.78
N TYR A 35 2.49 3.60 -3.68
CA TYR A 35 1.95 2.47 -4.51
C TYR A 35 2.09 2.80 -5.99
N GLN A 36 2.63 1.89 -6.76
CA GLN A 36 2.78 2.14 -8.22
C GLN A 36 2.05 1.05 -9.00
N SER A 37 1.21 1.43 -9.92
CA SER A 37 0.45 0.41 -10.70
C SER A 37 1.39 -0.26 -11.72
N PRO A 38 0.88 -1.26 -12.37
CA PRO A 38 1.65 -2.02 -13.38
C PRO A 38 1.73 -1.22 -14.69
N THR A 39 1.17 -0.05 -14.72
CA THR A 39 1.22 0.77 -15.96
C THR A 39 2.12 1.99 -15.71
N GLY A 40 2.28 2.39 -14.48
CA GLY A 40 3.15 3.56 -14.18
C GLY A 40 2.37 4.59 -13.37
N ASP A 41 1.27 4.20 -12.78
CA ASP A 41 0.47 5.17 -11.98
C ASP A 41 1.12 5.37 -10.61
N ARG A 42 1.52 6.57 -10.29
CA ARG A 42 2.17 6.82 -8.98
C ARG A 42 1.19 7.50 -8.03
N ILE A 43 0.70 6.79 -7.06
CA ILE A 43 -0.27 7.40 -6.09
C ILE A 43 0.31 7.33 -4.68
N ARG A 44 -0.05 8.25 -3.83
CA ARG A 44 0.49 8.21 -2.45
C ARG A 44 -0.66 8.26 -1.44
N SER A 45 -1.88 8.34 -1.91
CA SER A 45 -3.03 8.37 -0.98
C SER A 45 -3.46 6.92 -0.71
N LYS A 46 -4.46 6.73 0.10
CA LYS A 46 -4.90 5.34 0.39
C LYS A 46 -6.09 4.98 -0.49
N VAL A 47 -7.17 5.71 -0.37
CA VAL A 47 -8.36 5.40 -1.22
C VAL A 47 -8.18 6.07 -2.57
N GLU A 48 -7.29 7.02 -2.67
CA GLU A 48 -7.06 7.68 -3.98
C GLU A 48 -6.38 6.66 -4.90
N LEU A 49 -5.39 5.98 -4.40
CA LEU A 49 -4.72 4.95 -5.24
C LEU A 49 -5.68 3.78 -5.40
N THR A 50 -6.56 3.60 -4.45
CA THR A 50 -7.56 2.51 -4.54
C THR A 50 -8.50 2.85 -5.69
N ARG A 51 -8.97 4.06 -5.72
CA ARG A 51 -9.88 4.49 -6.80
C ARG A 51 -9.21 4.23 -8.14
N TYR A 52 -7.90 4.31 -8.17
CA TYR A 52 -7.18 4.06 -9.43
C TYR A 52 -7.39 2.61 -9.88
N LEU A 53 -7.15 1.68 -8.99
CA LEU A 53 -7.35 0.25 -9.35
C LEU A 53 -8.80 0.01 -9.77
N GLY A 54 -9.73 0.29 -8.89
CA GLY A 54 -11.16 0.09 -9.23
C GLY A 54 -11.85 -0.58 -8.04
N PRO A 55 -12.93 -1.27 -8.32
CA PRO A 55 -13.72 -1.97 -7.30
C PRO A 55 -13.06 -3.30 -6.93
N ALA A 56 -12.06 -3.70 -7.66
CA ALA A 56 -11.37 -5.00 -7.35
C ALA A 56 -10.37 -4.78 -6.21
N CYS A 57 -10.05 -3.56 -5.92
CA CYS A 57 -9.08 -3.30 -4.81
C CYS A 57 -9.67 -2.27 -3.85
N ASP A 58 -9.48 -2.46 -2.57
CA ASP A 58 -10.04 -1.48 -1.59
C ASP A 58 -9.00 -1.20 -0.51
N LEU A 59 -9.04 -0.03 0.08
CA LEU A 59 -8.05 0.31 1.14
C LEU A 59 -8.71 1.13 2.25
N THR A 60 -9.98 1.40 2.12
CA THR A 60 -10.67 2.19 3.17
C THR A 60 -10.33 1.59 4.53
N LEU A 61 -10.04 0.32 4.55
CA LEU A 61 -9.67 -0.35 5.83
C LEU A 61 -8.16 -0.60 5.83
N PHE A 62 -7.57 -0.61 4.66
CA PHE A 62 -6.11 -0.83 4.55
C PHE A 62 -5.37 0.21 5.40
N ASP A 63 -4.32 -0.19 6.08
CA ASP A 63 -3.58 0.77 6.92
C ASP A 63 -2.51 1.47 6.09
N PHE A 64 -2.68 2.73 5.79
CA PHE A 64 -1.68 3.45 4.97
C PHE A 64 -0.38 3.58 5.78
N LYS A 65 0.27 2.47 6.04
CA LYS A 65 1.54 2.51 6.83
C LYS A 65 1.89 1.08 7.26
N GLN A 66 0.90 0.28 7.57
CA GLN A 66 1.17 -1.12 7.99
C GLN A 66 1.21 -2.01 6.76
N GLY A 67 0.34 -1.80 5.82
CA GLY A 67 0.32 -2.65 4.60
C GLY A 67 -0.74 -3.74 4.73
N ILE A 68 -1.75 -3.50 5.52
CA ILE A 68 -2.81 -4.53 5.68
C ILE A 68 -4.18 -3.85 5.75
N LEU A 69 -5.23 -4.58 5.50
CA LEU A 69 -6.59 -4.00 5.56
C LEU A 69 -7.54 -4.98 6.26
N CYS A 70 -8.81 -4.76 6.19
CA CYS A 70 -9.76 -5.68 6.86
C CYS A 70 -11.11 -5.65 6.15
N TYR A 71 -11.82 -6.75 6.14
CA TYR A 71 -13.14 -6.77 5.45
C TYR A 71 -14.18 -7.44 6.37
N PRO A 72 -14.79 -6.63 7.20
CA PRO A 72 -15.81 -7.10 8.16
C PRO A 72 -17.14 -7.31 7.45
N ALA A 73 -17.83 -8.39 7.75
CA ALA A 73 -19.14 -8.64 7.09
C ALA A 73 -19.92 -9.69 7.89
N PRO A 74 -21.17 -9.85 7.54
CA PRO A 74 -22.05 -10.82 8.21
C PRO A 74 -21.76 -12.24 7.71
N LYS A 75 -20.90 -12.37 6.74
CA LYS A 75 -20.56 -13.72 6.22
C LYS A 75 -21.84 -14.42 5.75
N MET A 1 14.06 14.92 0.68
CA MET A 1 13.90 13.63 1.43
C MET A 1 12.45 13.51 1.91
N ALA A 2 11.52 13.42 0.99
CA ALA A 2 10.09 13.29 1.40
C ALA A 2 9.47 12.09 0.69
N GLU A 3 10.23 11.39 -0.10
CA GLU A 3 9.68 10.19 -0.81
C GLU A 3 10.66 9.02 -0.66
N ASP A 4 10.18 7.84 -0.40
CA ASP A 4 11.10 6.69 -0.24
C ASP A 4 10.44 5.41 -0.78
N TRP A 5 10.39 5.26 -2.08
CA TRP A 5 9.78 4.03 -2.66
C TRP A 5 10.65 2.82 -2.29
N LEU A 6 10.28 2.12 -1.24
CA LEU A 6 11.10 0.95 -0.83
C LEU A 6 10.36 -0.35 -1.19
N ASP A 7 11.04 -1.46 -1.10
CA ASP A 7 10.39 -2.76 -1.44
C ASP A 7 9.13 -2.94 -0.59
N CYS A 8 8.04 -3.30 -1.20
CA CYS A 8 6.77 -3.49 -0.44
C CYS A 8 6.70 -4.94 0.07
N PRO A 9 6.78 -5.12 1.36
CA PRO A 9 6.73 -6.45 1.99
C PRO A 9 5.29 -6.97 2.05
N ALA A 10 4.40 -6.19 2.60
CA ALA A 10 2.97 -6.63 2.70
C ALA A 10 2.55 -7.36 1.42
N LEU A 11 2.87 -6.81 0.28
CA LEU A 11 2.49 -7.47 -1.00
C LEU A 11 3.66 -8.33 -1.50
N GLY A 12 4.79 -7.73 -1.75
CA GLY A 12 5.96 -8.52 -2.23
C GLY A 12 6.81 -7.66 -3.16
N PRO A 13 7.39 -8.29 -4.16
CA PRO A 13 8.25 -7.62 -5.14
C PRO A 13 7.39 -6.88 -6.17
N GLY A 14 7.95 -5.87 -6.81
CA GLY A 14 7.16 -5.10 -7.81
C GLY A 14 6.41 -3.98 -7.12
N TRP A 15 5.58 -4.30 -6.16
CA TRP A 15 4.82 -3.24 -5.43
C TRP A 15 5.80 -2.36 -4.65
N LYS A 16 5.69 -1.06 -4.81
CA LYS A 16 6.61 -0.15 -4.07
C LYS A 16 5.85 0.50 -2.91
N ARG A 17 6.34 0.35 -1.72
CA ARG A 17 5.66 0.97 -0.54
C ARG A 17 6.28 2.34 -0.25
N ARG A 18 5.58 3.39 -0.59
CA ARG A 18 6.12 4.76 -0.33
C ARG A 18 5.50 5.33 0.94
N GLU A 19 6.26 6.06 1.71
CA GLU A 19 5.71 6.64 2.97
C GLU A 19 5.36 8.11 2.73
N VAL A 20 4.50 8.65 3.57
CA VAL A 20 4.11 10.09 3.41
C VAL A 20 4.28 10.79 4.77
N PHE A 21 4.40 12.10 4.75
CA PHE A 21 4.57 12.83 6.03
C PHE A 21 3.26 13.53 6.40
N ARG A 22 2.16 12.85 6.29
CA ARG A 22 0.85 13.48 6.64
C ARG A 22 0.55 14.62 5.66
N LYS A 23 0.66 14.37 4.39
CA LYS A 23 0.37 15.45 3.40
C LYS A 23 -0.41 14.87 2.22
N SER A 24 -1.64 15.26 2.07
CA SER A 24 -2.46 14.75 0.94
C SER A 24 -3.84 15.42 0.96
N GLY A 25 -4.73 14.93 1.78
CA GLY A 25 -6.09 15.55 1.84
C GLY A 25 -6.59 15.52 3.29
N ALA A 26 -7.85 15.26 3.47
CA ALA A 26 -8.40 15.22 4.86
C ALA A 26 -8.12 13.85 5.49
N THR A 27 -6.88 13.44 5.52
CA THR A 27 -6.56 12.11 6.11
C THR A 27 -5.93 12.31 7.49
N CYS A 28 -6.71 12.24 8.54
CA CYS A 28 -6.16 12.42 9.90
C CYS A 28 -5.65 11.08 10.43
N GLY A 29 -4.50 10.65 9.96
CA GLY A 29 -3.94 9.35 10.44
C GLY A 29 -2.47 9.52 10.80
N ARG A 30 -1.75 8.43 10.92
CA ARG A 30 -0.31 8.52 11.26
C ARG A 30 0.54 8.32 10.00
N SER A 31 0.95 9.38 9.36
CA SER A 31 1.77 9.24 8.13
C SER A 31 0.95 8.53 7.04
N ASP A 32 0.88 9.10 5.87
CA ASP A 32 0.10 8.45 4.78
C ASP A 32 0.97 7.40 4.08
N THR A 33 0.35 6.46 3.42
CA THR A 33 1.14 5.40 2.72
C THR A 33 0.58 5.20 1.32
N TYR A 34 1.35 5.49 0.30
CA TYR A 34 0.87 5.29 -1.09
C TYR A 34 1.72 4.24 -1.78
N TYR A 35 1.10 3.37 -2.56
CA TYR A 35 1.88 2.32 -3.26
C TYR A 35 1.88 2.58 -4.76
N GLN A 36 2.94 2.24 -5.44
CA GLN A 36 3.00 2.46 -6.90
C GLN A 36 3.47 1.18 -7.60
N SER A 37 2.74 0.73 -8.58
CA SER A 37 3.15 -0.52 -9.30
C SER A 37 4.42 -0.24 -10.12
N PRO A 38 4.95 -1.28 -10.70
CA PRO A 38 6.18 -1.19 -11.51
C PRO A 38 5.87 -0.63 -12.90
N THR A 39 4.61 -0.40 -13.19
CA THR A 39 4.24 0.13 -14.52
C THR A 39 3.97 1.64 -14.42
N GLY A 40 3.90 2.15 -13.23
CA GLY A 40 3.64 3.62 -13.06
C GLY A 40 2.25 3.82 -12.44
N ASP A 41 1.62 2.77 -12.00
CA ASP A 41 0.26 2.91 -11.40
C ASP A 41 0.40 3.43 -9.96
N ARG A 42 -0.49 4.29 -9.54
CA ARG A 42 -0.41 4.83 -8.16
C ARG A 42 -1.75 4.67 -7.46
N ILE A 43 -1.79 3.95 -6.37
CA ILE A 43 -3.08 3.76 -5.64
C ILE A 43 -2.89 4.17 -4.17
N ARG A 44 -3.96 4.41 -3.47
CA ARG A 44 -3.84 4.80 -2.04
C ARG A 44 -5.03 4.27 -1.25
N SER A 45 -5.70 3.28 -1.77
CA SER A 45 -6.87 2.69 -1.05
C SER A 45 -6.40 1.49 -0.25
N LYS A 46 -6.37 0.34 -0.86
CA LYS A 46 -5.93 -0.89 -0.17
C LYS A 46 -6.48 -2.09 -0.94
N VAL A 47 -7.77 -2.23 -0.97
CA VAL A 47 -8.36 -3.36 -1.74
C VAL A 47 -8.55 -2.92 -3.18
N GLU A 48 -8.56 -1.63 -3.39
CA GLU A 48 -8.70 -1.12 -4.78
C GLU A 48 -7.42 -1.43 -5.55
N LEU A 49 -6.28 -1.25 -4.91
CA LEU A 49 -5.01 -1.57 -5.60
C LEU A 49 -4.89 -3.09 -5.69
N THR A 50 -5.41 -3.79 -4.72
CA THR A 50 -5.36 -5.27 -4.76
C THR A 50 -6.19 -5.73 -5.95
N ARG A 51 -7.38 -5.21 -6.07
CA ARG A 51 -8.25 -5.58 -7.21
C ARG A 51 -7.49 -5.29 -8.50
N TYR A 52 -6.60 -4.33 -8.46
CA TYR A 52 -5.83 -3.98 -9.68
C TYR A 52 -4.79 -5.08 -9.95
N LEU A 53 -3.94 -5.36 -9.00
CA LEU A 53 -2.92 -6.43 -9.22
C LEU A 53 -3.63 -7.73 -9.63
N GLY A 54 -4.53 -8.19 -8.80
CA GLY A 54 -5.26 -9.45 -9.13
C GLY A 54 -5.29 -10.35 -7.88
N PRO A 55 -5.48 -11.61 -8.11
CA PRO A 55 -5.55 -12.62 -7.03
C PRO A 55 -4.13 -12.96 -6.54
N ALA A 56 -3.14 -12.29 -7.07
CA ALA A 56 -1.74 -12.58 -6.64
C ALA A 56 -1.43 -11.76 -5.39
N CYS A 57 -2.07 -10.63 -5.22
CA CYS A 57 -1.81 -9.80 -4.02
C CYS A 57 -3.12 -9.59 -3.25
N ASP A 58 -3.07 -9.66 -1.95
CA ASP A 58 -4.31 -9.47 -1.15
C ASP A 58 -4.08 -8.39 -0.09
N LEU A 59 -5.07 -7.58 0.17
CA LEU A 59 -4.91 -6.51 1.20
C LEU A 59 -6.19 -6.37 2.01
N THR A 60 -7.12 -7.25 1.84
CA THR A 60 -8.39 -7.15 2.60
C THR A 60 -8.06 -6.90 4.08
N LEU A 61 -7.10 -7.59 4.60
CA LEU A 61 -6.73 -7.40 6.04
C LEU A 61 -5.50 -6.49 6.14
N PHE A 62 -4.96 -6.09 5.01
CA PHE A 62 -3.76 -5.21 5.04
C PHE A 62 -4.11 -3.89 5.71
N ASP A 63 -3.23 -3.37 6.52
CA ASP A 63 -3.50 -2.09 7.22
C ASP A 63 -2.95 -0.95 6.37
N PHE A 64 -3.81 -0.22 5.71
CA PHE A 64 -3.33 0.90 4.85
C PHE A 64 -2.78 2.02 5.75
N LYS A 65 -1.70 1.75 6.44
CA LYS A 65 -1.12 2.80 7.32
C LYS A 65 0.15 2.25 8.00
N GLN A 66 0.17 0.98 8.28
CA GLN A 66 1.37 0.38 8.94
C GLN A 66 2.15 -0.47 7.94
N GLY A 67 1.45 -1.09 7.03
CA GLY A 67 2.15 -1.94 6.02
C GLY A 67 2.10 -3.40 6.46
N ILE A 68 1.00 -3.83 7.01
CA ILE A 68 0.89 -5.25 7.46
C ILE A 68 -0.51 -5.78 7.12
N LEU A 69 -0.68 -7.08 7.19
CA LEU A 69 -2.02 -7.66 6.87
C LEU A 69 -2.18 -8.99 7.61
N CYS A 70 -3.27 -9.68 7.37
CA CYS A 70 -3.49 -10.99 8.05
C CYS A 70 -4.48 -11.82 7.23
N TYR A 71 -4.39 -13.12 7.32
CA TYR A 71 -5.33 -13.98 6.54
C TYR A 71 -5.01 -15.46 6.79
N PRO A 72 -5.77 -16.08 7.67
CA PRO A 72 -5.58 -17.49 8.03
C PRO A 72 -6.20 -18.40 6.96
N ALA A 73 -6.02 -19.69 7.09
CA ALA A 73 -6.60 -20.63 6.09
C ALA A 73 -6.00 -20.35 4.71
N PRO A 74 -4.75 -20.70 4.56
CA PRO A 74 -4.00 -20.51 3.30
C PRO A 74 -4.39 -21.59 2.28
N LYS A 75 -5.66 -21.75 2.00
CA LYS A 75 -6.08 -22.78 1.02
C LYS A 75 -5.47 -22.49 -0.35
N MET A 1 -7.85 5.17 16.30
CA MET A 1 -6.63 5.44 17.12
C MET A 1 -5.57 4.41 16.77
N ALA A 2 -4.34 4.84 16.61
CA ALA A 2 -3.26 3.87 16.26
C ALA A 2 -3.62 3.18 14.94
N GLU A 3 -2.89 2.15 14.58
CA GLU A 3 -3.21 1.45 13.30
C GLU A 3 -3.59 0.00 13.60
N ASP A 4 -4.32 -0.62 12.72
CA ASP A 4 -4.73 -2.04 12.95
C ASP A 4 -4.86 -2.75 11.62
N TRP A 5 -4.14 -2.30 10.62
CA TRP A 5 -4.22 -2.96 9.28
C TRP A 5 -5.68 -3.00 8.82
N LEU A 6 -6.04 -2.19 7.86
CA LEU A 6 -7.44 -2.19 7.37
C LEU A 6 -7.51 -2.85 5.99
N ASP A 7 -8.68 -3.26 5.60
CA ASP A 7 -8.83 -3.92 4.26
C ASP A 7 -8.24 -3.01 3.19
N CYS A 8 -7.72 -3.59 2.13
CA CYS A 8 -7.14 -2.76 1.04
C CYS A 8 -8.02 -2.88 -0.21
N PRO A 9 -8.80 -1.86 -0.46
CA PRO A 9 -9.71 -1.82 -1.63
C PRO A 9 -8.91 -1.52 -2.90
N ALA A 10 -7.78 -0.89 -2.78
CA ALA A 10 -6.96 -0.58 -3.98
C ALA A 10 -6.75 -1.86 -4.80
N LEU A 11 -6.35 -2.92 -4.15
CA LEU A 11 -6.13 -4.21 -4.87
C LEU A 11 -7.37 -5.07 -4.73
N GLY A 12 -7.72 -5.42 -3.52
CA GLY A 12 -8.92 -6.27 -3.31
C GLY A 12 -8.83 -6.94 -1.93
N PRO A 13 -9.46 -8.08 -1.81
CA PRO A 13 -9.47 -8.85 -0.55
C PRO A 13 -8.16 -9.62 -0.38
N GLY A 14 -7.79 -9.92 0.83
CA GLY A 14 -6.52 -10.68 1.06
C GLY A 14 -5.36 -9.69 1.23
N TRP A 15 -5.57 -8.45 0.91
CA TRP A 15 -4.47 -7.45 1.05
C TRP A 15 -4.81 -6.47 2.18
N LYS A 16 -3.93 -6.31 3.13
CA LYS A 16 -4.21 -5.38 4.25
C LYS A 16 -3.46 -4.06 4.02
N ARG A 17 -4.16 -2.97 3.92
CA ARG A 17 -3.48 -1.67 3.70
C ARG A 17 -3.27 -0.97 5.05
N ARG A 18 -2.04 -0.80 5.45
CA ARG A 18 -1.76 -0.13 6.75
C ARG A 18 -1.39 1.33 6.49
N GLU A 19 -2.02 2.24 7.15
CA GLU A 19 -1.70 3.69 6.95
C GLU A 19 -1.19 4.28 8.27
N VAL A 20 -0.12 5.02 8.22
CA VAL A 20 0.42 5.63 9.48
C VAL A 20 0.23 7.14 9.43
N PHE A 21 0.68 7.83 10.44
CA PHE A 21 0.54 9.31 10.47
C PHE A 21 1.91 9.95 10.67
N ARG A 22 2.90 9.47 9.98
CA ARG A 22 4.28 10.04 10.13
C ARG A 22 4.83 9.69 11.52
N LYS A 23 4.17 10.13 12.55
CA LYS A 23 4.66 9.82 13.93
C LYS A 23 5.88 10.69 14.24
N SER A 24 6.89 10.61 13.43
CA SER A 24 8.11 11.44 13.69
C SER A 24 8.94 11.52 12.40
N GLY A 25 10.05 12.21 12.45
CA GLY A 25 10.91 12.33 11.24
C GLY A 25 11.02 13.80 10.84
N ALA A 26 10.83 14.10 9.58
CA ALA A 26 10.94 15.52 9.14
C ALA A 26 9.54 16.14 9.06
N THR A 27 9.43 17.36 8.61
CA THR A 27 8.10 18.01 8.52
C THR A 27 7.51 17.77 7.13
N CYS A 28 7.88 16.69 6.50
CA CYS A 28 7.35 16.39 5.14
C CYS A 28 5.82 16.57 5.14
N GLY A 29 5.12 15.71 5.82
CA GLY A 29 3.63 15.83 5.87
C GLY A 29 3.00 14.73 5.02
N ARG A 30 3.60 13.57 5.01
CA ARG A 30 3.04 12.44 4.20
C ARG A 30 2.89 11.21 5.09
N SER A 31 1.86 10.43 4.89
CA SER A 31 1.65 9.21 5.72
C SER A 31 2.20 7.99 4.99
N ASP A 32 2.95 7.16 5.66
CA ASP A 32 3.50 5.95 5.01
C ASP A 32 2.42 4.87 4.95
N THR A 33 2.46 4.03 3.94
CA THR A 33 1.41 2.97 3.83
C THR A 33 2.08 1.60 3.64
N TYR A 34 2.03 0.76 4.64
CA TYR A 34 2.64 -0.59 4.52
C TYR A 34 1.54 -1.61 4.21
N TYR A 35 1.86 -2.68 3.52
CA TYR A 35 0.82 -3.69 3.20
C TYR A 35 1.25 -5.06 3.74
N GLN A 36 0.30 -5.87 4.11
CA GLN A 36 0.62 -7.23 4.62
C GLN A 36 -0.19 -8.26 3.86
N SER A 37 0.47 -9.17 3.20
CA SER A 37 -0.28 -10.21 2.43
C SER A 37 -1.09 -11.09 3.40
N PRO A 38 -1.94 -11.91 2.84
CA PRO A 38 -2.78 -12.81 3.63
C PRO A 38 -1.97 -14.03 4.09
N THR A 39 -0.72 -14.10 3.70
CA THR A 39 0.12 -15.25 4.13
C THR A 39 1.06 -14.82 5.25
N GLY A 40 1.35 -13.56 5.34
CA GLY A 40 2.26 -13.07 6.42
C GLY A 40 3.43 -12.32 5.80
N ASP A 41 3.37 -12.04 4.53
CA ASP A 41 4.49 -11.31 3.87
C ASP A 41 4.20 -9.81 3.90
N ARG A 42 4.96 -9.06 4.64
CA ARG A 42 4.72 -7.59 4.72
C ARG A 42 5.69 -6.85 3.79
N ILE A 43 5.18 -6.09 2.86
CA ILE A 43 6.07 -5.34 1.92
C ILE A 43 5.84 -3.84 2.11
N ARG A 44 6.82 -3.03 1.80
CA ARG A 44 6.64 -1.56 1.97
C ARG A 44 6.89 -0.85 0.65
N SER A 45 7.23 -1.58 -0.38
CA SER A 45 7.47 -0.94 -1.71
C SER A 45 6.20 -1.03 -2.53
N LYS A 46 6.01 -0.13 -3.46
CA LYS A 46 4.76 -0.18 -4.28
C LYS A 46 4.81 -1.35 -5.27
N VAL A 47 5.68 -1.29 -6.24
CA VAL A 47 5.75 -2.41 -7.22
C VAL A 47 6.34 -3.65 -6.56
N GLU A 48 7.15 -3.49 -5.54
CA GLU A 48 7.72 -4.69 -4.87
C GLU A 48 6.58 -5.51 -4.29
N LEU A 49 5.69 -4.88 -3.57
CA LEU A 49 4.55 -5.63 -3.01
C LEU A 49 3.63 -6.01 -4.16
N THR A 50 3.70 -5.28 -5.23
CA THR A 50 2.88 -5.59 -6.43
C THR A 50 3.33 -6.94 -6.99
N ARG A 51 4.52 -6.98 -7.53
CA ARG A 51 5.04 -8.26 -8.09
C ARG A 51 4.70 -9.38 -7.11
N TYR A 52 4.65 -9.08 -5.84
CA TYR A 52 4.32 -10.13 -4.84
C TYR A 52 2.97 -10.76 -5.23
N LEU A 53 1.95 -9.96 -5.35
CA LEU A 53 0.62 -10.52 -5.74
C LEU A 53 0.70 -11.07 -7.15
N GLY A 54 1.34 -10.36 -8.04
CA GLY A 54 1.45 -10.83 -9.45
C GLY A 54 0.60 -9.94 -10.35
N PRO A 55 0.15 -10.52 -11.45
CA PRO A 55 -0.69 -9.80 -12.42
C PRO A 55 -2.13 -9.72 -11.93
N ALA A 56 -2.45 -10.45 -10.88
CA ALA A 56 -3.83 -10.42 -10.34
C ALA A 56 -4.07 -9.08 -9.64
N CYS A 57 -3.05 -8.52 -9.05
CA CYS A 57 -3.23 -7.21 -8.36
C CYS A 57 -2.28 -6.18 -8.98
N ASP A 58 -2.76 -5.37 -9.88
CA ASP A 58 -1.89 -4.35 -10.51
C ASP A 58 -1.62 -3.21 -9.53
N LEU A 59 -0.41 -2.75 -9.47
CA LEU A 59 -0.07 -1.63 -8.53
C LEU A 59 0.93 -0.70 -9.19
N THR A 60 1.21 -0.90 -10.45
CA THR A 60 2.18 -0.03 -11.16
C THR A 60 1.75 1.43 -11.05
N LEU A 61 0.47 1.67 -10.92
CA LEU A 61 -0.02 3.07 -10.80
C LEU A 61 -0.48 3.34 -9.38
N PHE A 62 -0.58 2.32 -8.58
CA PHE A 62 -1.02 2.50 -7.17
C PHE A 62 -0.28 3.70 -6.56
N ASP A 63 -1.01 4.62 -5.98
CA ASP A 63 -0.35 5.81 -5.37
C ASP A 63 0.22 5.42 -4.00
N PHE A 64 1.49 5.19 -3.93
CA PHE A 64 2.10 4.81 -2.62
C PHE A 64 1.99 5.97 -1.64
N LYS A 65 0.80 6.23 -1.16
CA LYS A 65 0.61 7.36 -0.20
C LYS A 65 -0.89 7.64 -0.07
N GLN A 66 -1.60 7.65 -1.17
CA GLN A 66 -3.07 7.92 -1.11
C GLN A 66 -3.80 6.60 -0.85
N GLY A 67 -3.44 5.56 -1.53
CA GLY A 67 -4.12 4.25 -1.31
C GLY A 67 -4.99 3.91 -2.53
N ILE A 68 -4.66 4.44 -3.67
CA ILE A 68 -5.48 4.14 -4.89
C ILE A 68 -4.55 3.96 -6.09
N LEU A 69 -5.03 3.36 -7.15
CA LEU A 69 -4.18 3.15 -8.34
C LEU A 69 -4.95 3.57 -9.59
N CYS A 70 -4.26 4.09 -10.57
CA CYS A 70 -4.94 4.51 -11.83
C CYS A 70 -4.20 3.90 -13.02
N TYR A 71 -4.20 4.58 -14.14
CA TYR A 71 -3.48 4.03 -15.32
C TYR A 71 -2.47 5.05 -15.82
N PRO A 72 -1.57 4.60 -16.66
CA PRO A 72 -0.51 5.46 -17.22
C PRO A 72 -1.07 6.32 -18.35
N ALA A 73 -0.93 7.62 -18.23
CA ALA A 73 -1.44 8.54 -19.29
C ALA A 73 -0.39 9.60 -19.60
N PRO A 74 0.44 9.33 -20.58
CA PRO A 74 1.50 10.25 -21.00
C PRO A 74 0.92 11.41 -21.82
N LYS A 75 1.41 12.60 -21.61
CA LYS A 75 0.88 13.77 -22.38
C LYS A 75 -0.55 14.06 -21.94
N MET A 1 10.72 14.19 -5.66
CA MET A 1 10.71 13.06 -6.62
C MET A 1 11.72 12.00 -6.18
N ALA A 2 11.27 10.97 -5.52
CA ALA A 2 12.20 9.90 -5.07
C ALA A 2 11.44 8.60 -4.88
N GLU A 3 10.42 8.37 -5.67
CA GLU A 3 9.63 7.12 -5.54
C GLU A 3 9.76 6.29 -6.82
N ASP A 4 9.11 5.17 -6.87
CA ASP A 4 9.18 4.30 -8.09
C ASP A 4 7.92 3.46 -8.17
N TRP A 5 6.84 4.03 -8.66
CA TRP A 5 5.57 3.28 -8.77
C TRP A 5 5.85 1.86 -9.29
N LEU A 6 5.52 0.86 -8.53
CA LEU A 6 5.76 -0.53 -8.98
C LEU A 6 4.49 -1.36 -8.79
N ASP A 7 4.27 -2.33 -9.63
CA ASP A 7 3.05 -3.17 -9.49
C ASP A 7 2.85 -3.54 -8.02
N CYS A 8 1.65 -3.50 -7.53
CA CYS A 8 1.42 -3.85 -6.11
C CYS A 8 0.83 -5.26 -6.01
N PRO A 9 1.64 -6.20 -5.60
CA PRO A 9 1.20 -7.60 -5.45
C PRO A 9 0.38 -7.77 -4.18
N ALA A 10 0.62 -6.94 -3.19
CA ALA A 10 -0.15 -7.05 -1.93
C ALA A 10 -1.64 -7.20 -2.25
N LEU A 11 -2.21 -6.27 -2.97
CA LEU A 11 -3.65 -6.37 -3.32
C LEU A 11 -3.80 -7.15 -4.63
N GLY A 12 -3.20 -6.66 -5.68
CA GLY A 12 -3.30 -7.36 -6.99
C GLY A 12 -2.98 -6.37 -8.12
N PRO A 13 -3.54 -6.64 -9.28
CA PRO A 13 -3.33 -5.78 -10.46
C PRO A 13 -4.19 -4.52 -10.37
N GLY A 14 -3.90 -3.52 -11.16
CA GLY A 14 -4.70 -2.27 -11.12
C GLY A 14 -4.31 -1.46 -9.88
N TRP A 15 -3.29 -1.86 -9.19
CA TRP A 15 -2.87 -1.11 -7.97
C TRP A 15 -1.36 -0.83 -8.04
N LYS A 16 -0.96 0.41 -7.90
CA LYS A 16 0.49 0.73 -7.95
C LYS A 16 0.99 1.06 -6.55
N ARG A 17 1.95 0.31 -6.07
CA ARG A 17 2.49 0.57 -4.70
C ARG A 17 3.63 1.59 -4.80
N ARG A 18 3.46 2.75 -4.22
CA ARG A 18 4.54 3.77 -4.28
C ARG A 18 5.33 3.76 -2.98
N GLU A 19 6.64 3.72 -3.06
CA GLU A 19 7.47 3.70 -1.82
C GLU A 19 8.31 4.96 -1.76
N VAL A 20 8.11 5.79 -0.76
CA VAL A 20 8.90 7.03 -0.65
C VAL A 20 9.79 6.94 0.59
N PHE A 21 10.94 6.33 0.47
CA PHE A 21 11.84 6.19 1.64
C PHE A 21 11.97 7.54 2.35
N ARG A 22 11.14 7.79 3.33
CA ARG A 22 11.22 9.09 4.07
C ARG A 22 12.63 9.26 4.62
N LYS A 23 13.25 8.20 5.03
CA LYS A 23 14.62 8.29 5.58
C LYS A 23 15.15 6.88 5.89
N SER A 24 14.90 5.95 5.02
CA SER A 24 15.39 4.56 5.26
C SER A 24 16.90 4.57 5.44
N GLY A 25 17.36 4.41 6.66
CA GLY A 25 18.83 4.42 6.91
C GLY A 25 19.40 3.01 6.69
N ALA A 26 19.99 2.44 7.70
CA ALA A 26 20.56 1.07 7.56
C ALA A 26 19.43 0.08 7.26
N THR A 27 18.82 -0.47 8.27
CA THR A 27 17.72 -1.45 8.04
C THR A 27 16.64 -1.26 9.11
N CYS A 28 16.63 -0.13 9.76
CA CYS A 28 15.61 0.11 10.82
C CYS A 28 14.86 1.42 10.51
N GLY A 29 14.47 1.61 9.28
CA GLY A 29 13.74 2.86 8.93
C GLY A 29 12.24 2.58 8.87
N ARG A 30 11.51 3.36 8.12
CA ARG A 30 10.05 3.13 8.02
C ARG A 30 9.62 3.20 6.55
N SER A 31 10.01 4.23 5.86
CA SER A 31 9.63 4.36 4.42
C SER A 31 8.11 4.42 4.30
N ASP A 32 7.58 5.52 3.82
CA ASP A 32 6.11 5.63 3.67
C ASP A 32 5.68 4.94 2.36
N THR A 33 4.49 4.39 2.32
CA THR A 33 4.03 3.71 1.08
C THR A 33 2.68 4.27 0.64
N TYR A 34 2.64 4.97 -0.45
CA TYR A 34 1.35 5.52 -0.94
C TYR A 34 0.81 4.62 -2.05
N TYR A 35 -0.49 4.59 -2.25
CA TYR A 35 -1.04 3.71 -3.31
C TYR A 35 -1.89 4.54 -4.27
N GLN A 36 -1.84 4.22 -5.54
CA GLN A 36 -2.65 4.99 -6.53
C GLN A 36 -3.50 4.02 -7.35
N SER A 37 -4.73 4.37 -7.62
CA SER A 37 -5.60 3.46 -8.42
C SER A 37 -5.24 3.58 -9.90
N PRO A 38 -5.84 2.73 -10.69
CA PRO A 38 -5.60 2.69 -12.15
C PRO A 38 -6.40 3.80 -12.86
N THR A 39 -6.93 4.74 -12.13
CA THR A 39 -7.72 5.83 -12.77
C THR A 39 -7.12 7.19 -12.41
N GLY A 40 -6.38 7.27 -11.34
CA GLY A 40 -5.77 8.57 -10.94
C GLY A 40 -6.12 8.89 -9.49
N ASP A 41 -6.70 7.97 -8.78
CA ASP A 41 -7.07 8.24 -7.36
C ASP A 41 -5.89 7.85 -6.45
N ARG A 42 -5.54 8.70 -5.54
CA ARG A 42 -4.40 8.39 -4.63
C ARG A 42 -4.90 8.28 -3.19
N ILE A 43 -4.45 7.29 -2.46
CA ILE A 43 -4.91 7.14 -1.05
C ILE A 43 -3.71 6.91 -0.14
N ARG A 44 -3.86 7.23 1.13
CA ARG A 44 -2.74 7.04 2.08
C ARG A 44 -3.18 6.14 3.24
N SER A 45 -4.33 6.38 3.79
CA SER A 45 -4.79 5.52 4.93
C SER A 45 -4.86 4.07 4.44
N LYS A 46 -4.17 3.19 5.10
CA LYS A 46 -4.17 1.76 4.69
C LYS A 46 -5.57 1.31 4.28
N VAL A 47 -6.38 0.96 5.23
CA VAL A 47 -7.75 0.49 4.89
C VAL A 47 -8.50 1.54 4.05
N GLU A 48 -8.22 2.79 4.24
CA GLU A 48 -8.93 3.82 3.43
C GLU A 48 -8.75 3.49 1.96
N LEU A 49 -7.55 3.18 1.54
CA LEU A 49 -7.34 2.83 0.11
C LEU A 49 -8.01 1.48 -0.16
N THR A 50 -8.24 0.72 0.87
CA THR A 50 -8.90 -0.60 0.70
C THR A 50 -10.37 -0.35 0.38
N ARG A 51 -11.11 0.18 1.33
CA ARG A 51 -12.54 0.48 1.09
C ARG A 51 -12.66 1.16 -0.28
N TYR A 52 -11.63 1.82 -0.71
CA TYR A 52 -11.66 2.49 -2.04
C TYR A 52 -11.71 1.42 -3.15
N LEU A 53 -10.68 0.64 -3.28
CA LEU A 53 -10.69 -0.42 -4.33
C LEU A 53 -12.05 -1.12 -4.32
N GLY A 54 -12.43 -1.67 -3.20
CA GLY A 54 -13.74 -2.37 -3.12
C GLY A 54 -13.59 -3.63 -2.25
N PRO A 55 -14.54 -4.52 -2.40
CA PRO A 55 -14.55 -5.79 -1.64
C PRO A 55 -13.57 -6.78 -2.26
N ALA A 56 -13.15 -6.53 -3.48
CA ALA A 56 -12.20 -7.46 -4.15
C ALA A 56 -10.79 -7.25 -3.57
N CYS A 57 -10.62 -6.24 -2.76
CA CYS A 57 -9.28 -5.99 -2.18
C CYS A 57 -9.38 -5.94 -0.65
N ASP A 58 -8.27 -5.95 0.04
CA ASP A 58 -8.31 -5.91 1.52
C ASP A 58 -6.91 -5.58 2.06
N LEU A 59 -6.83 -4.80 3.11
CA LEU A 59 -5.48 -4.45 3.66
C LEU A 59 -5.54 -4.46 5.19
N THR A 60 -6.67 -4.77 5.75
CA THR A 60 -6.77 -4.79 7.23
C THR A 60 -5.56 -5.57 7.79
N LEU A 61 -5.08 -6.53 7.05
CA LEU A 61 -3.91 -7.33 7.52
C LEU A 61 -2.67 -6.86 6.77
N PHE A 62 -2.87 -6.15 5.69
CA PHE A 62 -1.71 -5.66 4.90
C PHE A 62 -0.79 -4.82 5.77
N ASP A 63 0.49 -5.06 5.73
CA ASP A 63 1.44 -4.27 6.56
C ASP A 63 1.69 -2.93 5.88
N PHE A 64 1.10 -1.87 6.39
CA PHE A 64 1.31 -0.54 5.75
C PHE A 64 2.77 -0.10 5.95
N LYS A 65 3.68 -0.84 5.38
CA LYS A 65 5.12 -0.49 5.52
C LYS A 65 5.97 -1.59 4.89
N GLN A 66 5.51 -2.82 4.96
CA GLN A 66 6.27 -3.95 4.37
C GLN A 66 5.76 -4.20 2.95
N GLY A 67 4.46 -4.24 2.78
CA GLY A 67 3.90 -4.48 1.41
C GLY A 67 3.30 -5.88 1.33
N ILE A 68 2.83 -6.41 2.43
CA ILE A 68 2.24 -7.78 2.38
C ILE A 68 1.00 -7.84 3.29
N LEU A 69 0.14 -8.78 3.07
CA LEU A 69 -1.08 -8.92 3.91
C LEU A 69 -1.35 -10.41 4.14
N CYS A 70 -2.43 -10.74 4.79
CA CYS A 70 -2.74 -12.18 5.03
C CYS A 70 -4.24 -12.36 5.28
N TYR A 71 -4.69 -13.57 5.39
CA TYR A 71 -6.14 -13.83 5.63
C TYR A 71 -6.31 -15.15 6.38
N PRO A 72 -6.04 -15.11 7.67
CA PRO A 72 -6.14 -16.29 8.53
C PRO A 72 -7.61 -16.57 8.87
N ALA A 73 -8.38 -16.99 7.90
CA ALA A 73 -9.82 -17.28 8.16
C ALA A 73 -9.94 -18.45 9.15
N PRO A 74 -9.28 -19.53 8.84
CA PRO A 74 -9.30 -20.75 9.69
C PRO A 74 -8.38 -20.56 10.91
N LYS A 75 -8.26 -21.58 11.71
CA LYS A 75 -7.38 -21.48 12.92
C LYS A 75 -7.37 -22.82 13.66
N MET A 1 10.33 11.41 -11.13
CA MET A 1 9.43 10.22 -11.28
C MET A 1 9.56 9.33 -10.05
N ALA A 2 8.52 9.23 -9.26
CA ALA A 2 8.59 8.37 -8.05
C ALA A 2 7.18 8.22 -7.47
N GLU A 3 6.56 9.31 -7.07
CA GLU A 3 5.19 9.22 -6.49
C GLU A 3 4.18 9.69 -7.53
N ASP A 4 3.93 8.88 -8.53
CA ASP A 4 2.95 9.28 -9.57
C ASP A 4 1.71 8.39 -9.46
N TRP A 5 1.43 7.90 -8.27
CA TRP A 5 0.24 7.02 -8.10
C TRP A 5 0.20 5.98 -9.22
N LEU A 6 0.76 4.82 -8.97
CA LEU A 6 0.77 3.77 -10.02
C LEU A 6 -0.28 2.71 -9.68
N ASP A 7 -0.45 1.73 -10.55
CA ASP A 7 -1.45 0.67 -10.28
C ASP A 7 -1.06 -0.09 -9.01
N CYS A 8 -2.01 -0.39 -8.17
CA CYS A 8 -1.69 -1.13 -6.92
C CYS A 8 -1.93 -2.63 -7.14
N PRO A 9 -0.87 -3.38 -7.18
CA PRO A 9 -0.94 -4.84 -7.40
C PRO A 9 -1.32 -5.57 -6.10
N ALA A 10 -0.68 -5.23 -5.01
CA ALA A 10 -1.00 -5.90 -3.71
C ALA A 10 -2.52 -6.04 -3.56
N LEU A 11 -3.26 -5.01 -3.88
CA LEU A 11 -4.74 -5.09 -3.73
C LEU A 11 -5.37 -5.42 -5.10
N GLY A 12 -5.19 -4.57 -6.06
CA GLY A 12 -5.78 -4.83 -7.41
C GLY A 12 -5.96 -3.51 -8.15
N PRO A 13 -6.89 -3.51 -9.07
CA PRO A 13 -7.19 -2.32 -9.89
C PRO A 13 -8.03 -1.32 -9.08
N GLY A 14 -8.03 -0.07 -9.47
CA GLY A 14 -8.82 0.95 -8.72
C GLY A 14 -7.97 1.52 -7.59
N TRP A 15 -7.26 0.69 -6.89
CA TRP A 15 -6.41 1.20 -5.76
C TRP A 15 -5.12 1.78 -6.33
N LYS A 16 -4.77 2.98 -5.92
CA LYS A 16 -3.52 3.60 -6.43
C LYS A 16 -2.38 3.39 -5.42
N ARG A 17 -1.31 2.80 -5.85
CA ARG A 17 -0.18 2.57 -4.92
C ARG A 17 0.88 3.65 -5.11
N ARG A 18 1.02 4.54 -4.17
CA ARG A 18 2.04 5.62 -4.30
C ARG A 18 3.28 5.27 -3.49
N GLU A 19 4.44 5.51 -4.05
CA GLU A 19 5.70 5.19 -3.33
C GLU A 19 6.56 6.46 -3.23
N VAL A 20 7.38 6.55 -2.23
CA VAL A 20 8.25 7.75 -2.07
C VAL A 20 9.69 7.32 -1.89
N PHE A 21 10.60 8.27 -1.83
CA PHE A 21 12.04 7.91 -1.63
C PHE A 21 12.60 8.74 -0.49
N ARG A 22 12.04 8.61 0.68
CA ARG A 22 12.54 9.40 1.84
C ARG A 22 13.89 8.84 2.31
N LYS A 23 14.97 9.35 1.78
CA LYS A 23 16.31 8.85 2.21
C LYS A 23 16.46 9.05 3.71
N SER A 24 16.14 10.22 4.20
CA SER A 24 16.25 10.49 5.65
C SER A 24 17.62 10.02 6.16
N GLY A 25 17.79 9.94 7.45
CA GLY A 25 19.10 9.49 8.01
C GLY A 25 18.86 8.36 9.01
N ALA A 26 18.07 8.62 10.02
CA ALA A 26 17.80 7.57 11.03
C ALA A 26 17.33 6.29 10.33
N THR A 27 17.39 5.18 11.00
CA THR A 27 16.95 3.89 10.36
C THR A 27 15.54 3.54 10.84
N CYS A 28 14.60 4.43 10.66
CA CYS A 28 13.20 4.14 11.12
C CYS A 28 12.24 4.32 9.94
N GLY A 29 12.10 3.31 9.13
CA GLY A 29 11.17 3.42 7.97
C GLY A 29 11.98 3.67 6.69
N ARG A 30 11.81 2.85 5.70
CA ARG A 30 12.56 3.03 4.43
C ARG A 30 11.60 3.49 3.33
N SER A 31 11.50 4.78 3.12
CA SER A 31 10.57 5.29 2.07
C SER A 31 9.12 5.13 2.53
N ASP A 32 8.31 6.12 2.34
CA ASP A 32 6.89 6.02 2.77
C ASP A 32 6.03 5.56 1.60
N THR A 33 4.88 5.00 1.87
CA THR A 33 4.00 4.53 0.76
C THR A 33 2.54 4.86 1.11
N TYR A 34 1.86 5.59 0.25
CA TYR A 34 0.44 5.92 0.53
C TYR A 34 -0.44 5.39 -0.60
N TYR A 35 -1.73 5.29 -0.37
CA TYR A 35 -2.64 4.78 -1.43
C TYR A 35 -3.83 5.72 -1.59
N GLN A 36 -4.46 5.69 -2.74
CA GLN A 36 -5.63 6.58 -2.98
C GLN A 36 -6.71 5.79 -3.74
N SER A 37 -7.83 5.56 -3.11
CA SER A 37 -8.91 4.80 -3.80
C SER A 37 -9.40 5.57 -5.03
N PRO A 38 -10.08 4.87 -5.90
CA PRO A 38 -10.63 5.47 -7.14
C PRO A 38 -11.88 6.28 -6.83
N THR A 39 -12.24 6.38 -5.58
CA THR A 39 -13.45 7.16 -5.21
C THR A 39 -13.04 8.51 -4.63
N GLY A 40 -11.80 8.63 -4.24
CA GLY A 40 -11.32 9.92 -3.67
C GLY A 40 -10.96 9.72 -2.19
N ASP A 41 -10.83 8.51 -1.76
CA ASP A 41 -10.48 8.25 -0.33
C ASP A 41 -8.97 8.06 -0.20
N ARG A 42 -8.31 8.94 0.50
CA ARG A 42 -6.83 8.81 0.67
C ARG A 42 -6.52 8.19 2.02
N ILE A 43 -5.84 7.07 2.02
CA ILE A 43 -5.49 6.41 3.31
C ILE A 43 -3.99 6.15 3.37
N ARG A 44 -3.44 6.02 4.55
CA ARG A 44 -1.98 5.79 4.63
C ARG A 44 -1.67 4.66 5.61
N SER A 45 -2.64 4.18 6.33
CA SER A 45 -2.36 3.06 7.28
C SER A 45 -2.33 1.75 6.48
N LYS A 46 -2.13 0.65 7.13
CA LYS A 46 -2.08 -0.64 6.39
C LYS A 46 -3.40 -1.38 6.56
N VAL A 47 -3.80 -1.66 7.76
CA VAL A 47 -5.09 -2.39 7.97
C VAL A 47 -6.24 -1.39 7.96
N GLU A 48 -5.95 -0.13 8.09
CA GLU A 48 -7.04 0.88 8.06
C GLU A 48 -7.53 1.04 6.62
N LEU A 49 -6.62 1.08 5.68
CA LEU A 49 -7.05 1.21 4.26
C LEU A 49 -7.69 -0.12 3.84
N THR A 50 -7.26 -1.21 4.43
CA THR A 50 -7.86 -2.52 4.09
C THR A 50 -9.27 -2.55 4.70
N ARG A 51 -9.39 -2.09 5.91
CA ARG A 51 -10.73 -2.06 6.57
C ARG A 51 -11.65 -1.15 5.77
N TYR A 52 -11.08 -0.28 4.99
CA TYR A 52 -11.90 0.65 4.17
C TYR A 52 -12.48 -0.11 2.96
N LEU A 53 -11.63 -0.65 2.13
CA LEU A 53 -12.13 -1.40 0.95
C LEU A 53 -13.06 -2.52 1.42
N GLY A 54 -12.65 -3.26 2.42
CA GLY A 54 -13.52 -4.36 2.93
C GLY A 54 -12.69 -5.65 3.00
N PRO A 55 -13.37 -6.76 2.86
CA PRO A 55 -12.73 -8.09 2.90
C PRO A 55 -12.05 -8.40 1.57
N ALA A 56 -12.50 -7.79 0.51
CA ALA A 56 -11.89 -8.05 -0.83
C ALA A 56 -10.43 -7.58 -0.83
N CYS A 57 -10.08 -6.70 0.07
CA CYS A 57 -8.67 -6.21 0.10
C CYS A 57 -8.16 -6.24 1.54
N ASP A 58 -7.34 -7.20 1.88
CA ASP A 58 -6.81 -7.27 3.26
C ASP A 58 -5.35 -6.81 3.25
N LEU A 59 -4.89 -6.25 4.34
CA LEU A 59 -3.48 -5.78 4.40
C LEU A 59 -2.83 -6.22 5.71
N THR A 60 -3.51 -7.05 6.45
CA THR A 60 -2.94 -7.53 7.74
C THR A 60 -1.49 -7.97 7.52
N LEU A 61 -1.25 -8.75 6.49
CA LEU A 61 0.13 -9.21 6.21
C LEU A 61 0.76 -8.34 5.12
N PHE A 62 0.02 -7.41 4.61
CA PHE A 62 0.58 -6.53 3.54
C PHE A 62 1.80 -5.78 4.08
N ASP A 63 2.90 -5.83 3.38
CA ASP A 63 4.11 -5.12 3.85
C ASP A 63 3.98 -3.63 3.51
N PHE A 64 3.63 -2.82 4.48
CA PHE A 64 3.48 -1.37 4.22
C PHE A 64 4.84 -0.76 3.90
N LYS A 65 5.47 -1.22 2.85
CA LYS A 65 6.81 -0.68 2.49
C LYS A 65 7.26 -1.27 1.15
N GLN A 66 6.98 -2.53 0.93
CA GLN A 66 7.39 -3.17 -0.35
C GLN A 66 6.18 -3.24 -1.29
N GLY A 67 5.03 -3.54 -0.78
CA GLY A 67 3.82 -3.62 -1.64
C GLY A 67 3.40 -5.08 -1.83
N ILE A 68 3.56 -5.90 -0.83
CA ILE A 68 3.17 -7.33 -0.96
C ILE A 68 2.52 -7.81 0.34
N LEU A 69 1.83 -8.93 0.29
CA LEU A 69 1.17 -9.46 1.52
C LEU A 69 1.21 -10.99 1.48
N CYS A 70 0.78 -11.63 2.54
CA CYS A 70 0.79 -13.11 2.55
C CYS A 70 -0.32 -13.62 3.48
N TYR A 71 -1.00 -14.65 3.09
CA TYR A 71 -2.10 -15.19 3.95
C TYR A 71 -1.92 -16.70 4.13
N PRO A 72 -2.44 -17.20 5.22
CA PRO A 72 -2.37 -18.64 5.54
C PRO A 72 -3.40 -19.43 4.72
N ALA A 73 -3.74 -20.61 5.15
CA ALA A 73 -4.73 -21.41 4.40
C ALA A 73 -4.20 -21.70 2.99
N PRO A 74 -3.31 -22.67 2.90
CA PRO A 74 -2.69 -23.06 1.62
C PRO A 74 -3.67 -23.92 0.81
N LYS A 75 -3.69 -25.20 1.05
CA LYS A 75 -4.61 -26.09 0.30
C LYS A 75 -5.90 -26.29 1.09
N MET A 1 11.03 0.86 17.00
CA MET A 1 10.36 -0.45 17.26
C MET A 1 9.84 -1.03 15.94
N ALA A 2 9.10 -2.11 16.02
CA ALA A 2 8.56 -2.72 14.77
C ALA A 2 7.31 -1.97 14.33
N GLU A 3 7.11 -1.83 13.04
CA GLU A 3 5.90 -1.11 12.56
C GLU A 3 4.72 -2.08 12.47
N ASP A 4 3.73 -1.76 11.68
CA ASP A 4 2.55 -2.68 11.56
C ASP A 4 2.65 -3.47 10.25
N TRP A 5 3.78 -4.07 9.99
CA TRP A 5 3.93 -4.86 8.73
C TRP A 5 2.92 -6.01 8.72
N LEU A 6 1.81 -5.84 8.05
CA LEU A 6 0.80 -6.93 8.01
C LEU A 6 0.70 -7.48 6.58
N ASP A 7 0.45 -8.75 6.44
CA ASP A 7 0.35 -9.33 5.06
C ASP A 7 -0.47 -8.40 4.17
N CYS A 8 0.04 -8.06 3.02
CA CYS A 8 -0.70 -7.14 2.11
C CYS A 8 -1.76 -7.94 1.34
N PRO A 9 -3.01 -7.65 1.61
CA PRO A 9 -4.14 -8.33 0.96
C PRO A 9 -4.39 -7.74 -0.43
N ALA A 10 -4.56 -6.45 -0.52
CA ALA A 10 -4.81 -5.80 -1.83
C ALA A 10 -3.89 -6.42 -2.90
N LEU A 11 -2.70 -6.79 -2.52
CA LEU A 11 -1.77 -7.40 -3.51
C LEU A 11 -1.67 -8.91 -3.26
N GLY A 12 -1.18 -9.30 -2.12
CA GLY A 12 -1.06 -10.76 -1.84
C GLY A 12 0.17 -11.01 -0.98
N PRO A 13 0.73 -12.19 -1.10
CA PRO A 13 1.93 -12.60 -0.36
C PRO A 13 3.18 -11.97 -0.98
N GLY A 14 4.22 -11.80 -0.21
CA GLY A 14 5.46 -11.20 -0.75
C GLY A 14 5.41 -9.68 -0.57
N TRP A 15 4.24 -9.11 -0.65
CA TRP A 15 4.10 -7.64 -0.47
C TRP A 15 3.74 -7.34 0.99
N LYS A 16 4.54 -6.55 1.66
CA LYS A 16 4.25 -6.23 3.08
C LYS A 16 3.52 -4.89 3.16
N ARG A 17 2.34 -4.87 3.71
CA ARG A 17 1.59 -3.59 3.81
C ARG A 17 1.92 -2.90 5.13
N ARG A 18 2.72 -1.86 5.08
CA ARG A 18 3.08 -1.13 6.32
C ARG A 18 2.18 0.10 6.46
N GLU A 19 1.78 0.44 7.66
CA GLU A 19 0.90 1.63 7.82
C GLU A 19 1.37 2.45 9.03
N VAL A 20 1.29 3.75 8.93
CA VAL A 20 1.72 4.61 10.06
C VAL A 20 0.60 5.60 10.40
N PHE A 21 0.79 6.42 11.39
CA PHE A 21 -0.28 7.39 11.77
C PHE A 21 0.23 8.82 11.55
N ARG A 22 1.42 8.97 11.04
CA ARG A 22 1.97 10.34 10.79
C ARG A 22 2.23 11.03 12.13
N LYS A 23 1.19 11.45 12.82
CA LYS A 23 1.38 12.13 14.13
C LYS A 23 0.02 12.57 14.67
N SER A 24 -0.87 12.98 13.79
CA SER A 24 -2.22 13.41 14.25
C SER A 24 -3.24 13.15 13.14
N GLY A 25 -4.49 13.43 13.39
CA GLY A 25 -5.53 13.19 12.35
C GLY A 25 -6.92 13.41 12.96
N ALA A 26 -7.35 14.64 13.05
CA ALA A 26 -8.69 14.93 13.63
C ALA A 26 -9.76 14.67 12.57
N THR A 27 -10.05 15.65 11.75
CA THR A 27 -11.07 15.46 10.69
C THR A 27 -10.41 15.52 9.32
N CYS A 28 -9.11 15.56 9.28
CA CYS A 28 -8.39 15.62 7.97
C CYS A 28 -7.11 14.78 8.06
N GLY A 29 -7.23 13.56 8.48
CA GLY A 29 -6.02 12.68 8.59
C GLY A 29 -5.88 11.82 7.35
N ARG A 30 -4.90 10.96 7.32
CA ARG A 30 -4.70 10.06 6.14
C ARG A 30 -3.68 8.98 6.50
N SER A 31 -2.68 9.32 7.27
CA SER A 31 -1.66 8.31 7.67
C SER A 31 -0.83 7.92 6.45
N ASP A 32 0.47 7.90 6.59
CA ASP A 32 1.34 7.51 5.45
C ASP A 32 1.52 6.00 5.44
N THR A 33 1.20 5.35 4.35
CA THR A 33 1.34 3.87 4.29
C THR A 33 2.44 3.51 3.28
N TYR A 34 3.27 2.57 3.61
CA TYR A 34 4.36 2.17 2.67
C TYR A 34 4.37 0.64 2.52
N TYR A 35 4.79 0.16 1.38
CA TYR A 35 4.84 -1.32 1.18
C TYR A 35 6.27 -1.73 0.85
N GLN A 36 6.75 -2.78 1.47
CA GLN A 36 8.15 -3.22 1.19
C GLN A 36 8.12 -4.62 0.56
N SER A 37 8.70 -4.78 -0.59
CA SER A 37 8.72 -6.11 -1.25
C SER A 37 9.72 -7.02 -0.55
N PRO A 38 9.76 -8.26 -0.97
CA PRO A 38 10.66 -9.27 -0.39
C PRO A 38 12.09 -9.08 -0.91
N THR A 39 12.28 -8.16 -1.82
CA THR A 39 13.64 -7.92 -2.36
C THR A 39 14.25 -6.67 -1.72
N GLY A 40 13.51 -6.04 -0.84
CA GLY A 40 14.05 -4.81 -0.17
C GLY A 40 13.56 -3.57 -0.94
N ASP A 41 12.53 -3.72 -1.72
CA ASP A 41 12.02 -2.55 -2.49
C ASP A 41 11.07 -1.74 -1.60
N ARG A 42 11.40 -0.51 -1.33
CA ARG A 42 10.52 0.34 -0.48
C ARG A 42 9.79 1.35 -1.35
N ILE A 43 8.51 1.16 -1.55
CA ILE A 43 7.73 2.11 -2.39
C ILE A 43 6.59 2.71 -1.56
N ARG A 44 6.15 3.88 -1.90
CA ARG A 44 5.04 4.52 -1.13
C ARG A 44 3.89 4.83 -2.07
N SER A 45 4.16 5.02 -3.34
CA SER A 45 3.06 5.32 -4.30
C SER A 45 2.42 4.01 -4.74
N LYS A 46 1.12 3.99 -4.86
CA LYS A 46 0.41 2.73 -5.27
C LYS A 46 0.77 2.35 -6.71
N VAL A 47 0.62 3.25 -7.64
CA VAL A 47 0.95 2.89 -9.06
C VAL A 47 2.47 2.84 -9.25
N GLU A 48 3.22 3.50 -8.41
CA GLU A 48 4.70 3.45 -8.56
C GLU A 48 5.15 2.02 -8.29
N LEU A 49 4.73 1.45 -7.19
CA LEU A 49 5.12 0.06 -6.87
C LEU A 49 4.36 -0.89 -7.80
N THR A 50 3.14 -0.57 -8.13
CA THR A 50 2.38 -1.46 -9.05
C THR A 50 3.14 -1.55 -10.36
N ARG A 51 3.70 -0.44 -10.78
CA ARG A 51 4.50 -0.44 -12.04
C ARG A 51 5.77 -1.23 -11.81
N TYR A 52 6.20 -1.31 -10.57
CA TYR A 52 7.44 -2.07 -10.25
C TYR A 52 7.17 -3.57 -10.40
N LEU A 53 6.21 -4.09 -9.69
CA LEU A 53 5.90 -5.54 -9.82
C LEU A 53 5.38 -5.84 -11.22
N GLY A 54 4.56 -4.98 -11.75
CA GLY A 54 4.00 -5.21 -13.12
C GLY A 54 2.47 -5.22 -13.06
N PRO A 55 1.89 -5.91 -13.99
CA PRO A 55 0.42 -6.04 -14.09
C PRO A 55 -0.08 -7.06 -13.05
N ALA A 56 0.66 -8.11 -12.82
CA ALA A 56 0.21 -9.12 -11.82
C ALA A 56 -0.30 -8.40 -10.57
N CYS A 57 0.36 -7.35 -10.17
CA CYS A 57 -0.09 -6.62 -8.95
C CYS A 57 -0.54 -5.21 -9.36
N ASP A 58 -1.77 -5.08 -9.80
CA ASP A 58 -2.26 -3.75 -10.23
C ASP A 58 -2.60 -2.90 -9.00
N LEU A 59 -2.75 -1.61 -9.18
CA LEU A 59 -3.08 -0.73 -8.04
C LEU A 59 -3.66 0.59 -8.57
N THR A 60 -4.21 0.56 -9.76
CA THR A 60 -4.79 1.80 -10.33
C THR A 60 -5.84 2.39 -9.38
N LEU A 61 -6.73 1.57 -8.90
CA LEU A 61 -7.78 2.08 -7.98
C LEU A 61 -7.46 1.67 -6.53
N PHE A 62 -6.33 1.05 -6.33
CA PHE A 62 -5.97 0.63 -4.95
C PHE A 62 -5.81 1.87 -4.05
N ASP A 63 -6.32 1.81 -2.86
CA ASP A 63 -6.21 2.96 -1.93
C ASP A 63 -4.98 2.75 -1.04
N PHE A 64 -4.00 3.59 -1.16
CA PHE A 64 -2.77 3.43 -0.33
C PHE A 64 -3.07 3.88 1.11
N LYS A 65 -3.98 3.21 1.78
CA LYS A 65 -4.31 3.58 3.18
C LYS A 65 -5.41 2.66 3.70
N GLN A 66 -6.36 2.34 2.87
CA GLN A 66 -7.46 1.43 3.31
C GLN A 66 -7.10 -0.01 2.92
N GLY A 67 -6.18 -0.17 2.02
CA GLY A 67 -5.77 -1.55 1.61
C GLY A 67 -6.86 -2.19 0.75
N ILE A 68 -7.43 -1.44 -0.17
CA ILE A 68 -8.50 -2.01 -1.03
C ILE A 68 -8.33 -1.49 -2.46
N LEU A 69 -9.31 -1.69 -3.29
CA LEU A 69 -9.22 -1.21 -4.70
C LEU A 69 -10.51 -1.58 -5.43
N CYS A 70 -10.64 -1.21 -6.68
CA CYS A 70 -11.88 -1.54 -7.42
C CYS A 70 -11.62 -1.48 -8.93
N TYR A 71 -12.52 -1.98 -9.72
CA TYR A 71 -12.33 -1.94 -11.20
C TYR A 71 -13.44 -1.08 -11.82
N PRO A 72 -13.13 -0.51 -12.96
CA PRO A 72 -14.07 0.35 -13.70
C PRO A 72 -15.12 -0.48 -14.43
N ALA A 73 -15.83 -1.31 -13.72
CA ALA A 73 -16.87 -2.15 -14.38
C ALA A 73 -17.74 -2.83 -13.31
N PRO A 74 -18.40 -2.03 -12.52
CA PRO A 74 -19.28 -2.52 -11.44
C PRO A 74 -20.62 -2.99 -12.03
N LYS A 75 -21.17 -4.05 -11.50
CA LYS A 75 -22.47 -4.55 -12.03
C LYS A 75 -23.60 -4.11 -11.09
N MET A 1 2.98 -8.54 16.09
CA MET A 1 1.99 -8.00 15.11
C MET A 1 1.32 -6.76 15.70
N ALA A 2 1.08 -5.75 14.90
CA ALA A 2 0.43 -4.53 15.42
C ALA A 2 -1.01 -4.45 14.90
N GLU A 3 -1.18 -4.37 13.61
CA GLU A 3 -2.56 -4.30 13.06
C GLU A 3 -2.83 -5.53 12.18
N ASP A 4 -2.51 -5.47 10.93
CA ASP A 4 -2.75 -6.63 10.03
C ASP A 4 -1.83 -6.55 8.81
N TRP A 5 -0.55 -6.72 8.99
CA TRP A 5 0.38 -6.66 7.83
C TRP A 5 0.12 -7.85 6.92
N LEU A 6 -0.64 -7.65 5.87
CA LEU A 6 -0.93 -8.78 4.94
C LEU A 6 -0.08 -8.62 3.67
N ASP A 7 0.23 -9.71 3.02
CA ASP A 7 1.06 -9.61 1.79
C ASP A 7 0.49 -8.53 0.88
N CYS A 8 1.31 -7.63 0.42
CA CYS A 8 0.82 -6.53 -0.46
C CYS A 8 0.65 -7.06 -1.89
N PRO A 9 -0.58 -7.10 -2.35
CA PRO A 9 -0.89 -7.57 -3.70
C PRO A 9 -0.60 -6.48 -4.73
N ALA A 10 -1.02 -5.27 -4.46
CA ALA A 10 -0.77 -4.15 -5.41
C ALA A 10 0.69 -4.19 -5.87
N LEU A 11 1.58 -4.67 -5.03
CA LEU A 11 3.02 -4.72 -5.42
C LEU A 11 3.49 -6.17 -5.49
N GLY A 12 3.45 -6.88 -4.40
CA GLY A 12 3.90 -8.30 -4.42
C GLY A 12 4.25 -8.76 -3.00
N PRO A 13 5.16 -9.71 -2.92
CA PRO A 13 5.62 -10.26 -1.64
C PRO A 13 6.61 -9.31 -0.97
N GLY A 14 7.09 -9.66 0.19
CA GLY A 14 8.06 -8.76 0.90
C GLY A 14 7.33 -7.49 1.31
N TRP A 15 6.87 -6.73 0.36
CA TRP A 15 6.14 -5.48 0.70
C TRP A 15 5.01 -5.80 1.67
N LYS A 16 4.94 -5.12 2.79
CA LYS A 16 3.86 -5.42 3.77
C LYS A 16 2.74 -4.38 3.63
N ARG A 17 1.58 -4.81 3.22
CA ARG A 17 0.44 -3.84 3.07
C ARG A 17 -0.42 -3.88 4.33
N ARG A 18 -0.29 -2.90 5.18
CA ARG A 18 -1.10 -2.89 6.44
C ARG A 18 -2.30 -1.96 6.27
N GLU A 19 -3.37 -2.23 6.97
CA GLU A 19 -4.58 -1.37 6.86
C GLU A 19 -4.99 -0.90 8.26
N VAL A 20 -5.38 0.34 8.39
CA VAL A 20 -5.80 0.84 9.73
C VAL A 20 -7.06 1.69 9.58
N PHE A 21 -7.87 1.76 10.61
CA PHE A 21 -9.12 2.57 10.52
C PHE A 21 -10.03 1.99 9.43
N ARG A 22 -9.78 0.77 9.04
CA ARG A 22 -10.63 0.14 7.98
C ARG A 22 -11.80 -0.60 8.63
N LYS A 23 -11.52 -1.48 9.57
CA LYS A 23 -12.61 -2.24 10.22
C LYS A 23 -13.02 -1.54 11.53
N SER A 24 -14.10 -1.97 12.13
CA SER A 24 -14.54 -1.33 13.40
C SER A 24 -14.97 0.11 13.11
N GLY A 25 -16.22 0.32 12.81
CA GLY A 25 -16.70 1.71 12.52
C GLY A 25 -18.08 1.65 11.89
N ALA A 26 -18.77 2.75 11.84
CA ALA A 26 -20.14 2.76 11.22
C ALA A 26 -20.01 2.87 9.71
N THR A 27 -19.77 4.05 9.19
CA THR A 27 -19.64 4.21 7.72
C THR A 27 -18.63 5.32 7.42
N CYS A 28 -17.36 5.04 7.59
CA CYS A 28 -16.34 6.08 7.31
C CYS A 28 -15.90 5.99 5.85
N GLY A 29 -15.19 4.95 5.50
CA GLY A 29 -14.73 4.81 4.09
C GLY A 29 -13.44 5.60 3.88
N ARG A 30 -12.37 5.18 4.49
CA ARG A 30 -11.08 5.91 4.31
C ARG A 30 -9.94 5.06 4.88
N SER A 31 -9.97 4.80 6.15
CA SER A 31 -8.89 3.97 6.77
C SER A 31 -7.52 4.54 6.40
N ASP A 32 -6.48 4.01 6.99
CA ASP A 32 -5.12 4.51 6.67
C ASP A 32 -4.22 3.32 6.34
N THR A 33 -3.70 3.25 5.15
CA THR A 33 -2.83 2.10 4.78
C THR A 33 -1.36 2.51 4.83
N TYR A 34 -0.52 1.67 5.38
CA TYR A 34 0.93 2.00 5.45
C TYR A 34 1.72 0.81 4.89
N TYR A 35 2.85 1.06 4.29
CA TYR A 35 3.64 -0.05 3.72
C TYR A 35 4.93 -0.24 4.53
N GLN A 36 5.29 -1.46 4.82
CA GLN A 36 6.55 -1.71 5.59
C GLN A 36 7.54 -2.48 4.73
N SER A 37 8.67 -1.89 4.43
CA SER A 37 9.68 -2.58 3.58
C SER A 37 10.07 -3.89 4.25
N PRO A 38 10.86 -4.67 3.55
CA PRO A 38 11.33 -5.98 4.04
C PRO A 38 12.48 -5.79 5.02
N THR A 39 12.86 -4.57 5.29
CA THR A 39 13.98 -4.32 6.25
C THR A 39 13.42 -3.65 7.51
N GLY A 40 12.28 -3.01 7.41
CA GLY A 40 11.70 -2.34 8.60
C GLY A 40 11.28 -0.92 8.24
N ASP A 41 11.53 -0.50 7.04
CA ASP A 41 11.15 0.88 6.63
C ASP A 41 9.62 1.01 6.65
N ARG A 42 9.12 2.20 6.50
CA ARG A 42 7.63 2.39 6.50
C ARG A 42 7.28 3.65 5.71
N ILE A 43 6.71 3.49 4.55
CA ILE A 43 6.35 4.68 3.72
C ILE A 43 4.84 4.87 3.73
N ARG A 44 4.37 6.04 3.36
CA ARG A 44 2.90 6.28 3.35
C ARG A 44 2.49 6.87 2.00
N SER A 45 3.34 7.65 1.38
CA SER A 45 2.97 8.25 0.06
C SER A 45 2.88 7.12 -0.97
N LYS A 46 2.08 7.31 -1.97
CA LYS A 46 1.91 6.25 -3.01
C LYS A 46 3.18 6.13 -3.88
N VAL A 47 3.45 7.11 -4.69
CA VAL A 47 4.65 7.03 -5.57
C VAL A 47 5.94 7.17 -4.75
N GLU A 48 5.87 7.70 -3.56
CA GLU A 48 7.12 7.84 -2.75
C GLU A 48 7.55 6.46 -2.28
N LEU A 49 6.62 5.65 -1.83
CA LEU A 49 7.00 4.29 -1.38
C LEU A 49 7.41 3.50 -2.63
N THR A 50 6.87 3.91 -3.76
CA THR A 50 7.23 3.24 -5.04
C THR A 50 8.66 3.59 -5.41
N ARG A 51 8.94 4.84 -5.62
CA ARG A 51 10.33 5.24 -5.97
C ARG A 51 11.29 4.64 -4.94
N TYR A 52 10.78 4.33 -3.78
CA TYR A 52 11.65 3.72 -2.72
C TYR A 52 12.14 2.36 -3.21
N LEU A 53 11.24 1.49 -3.56
CA LEU A 53 11.68 0.14 -4.04
C LEU A 53 12.50 0.30 -5.32
N GLY A 54 12.01 1.06 -6.26
CA GLY A 54 12.76 1.27 -7.53
C GLY A 54 11.83 1.03 -8.72
N PRO A 55 12.43 0.69 -9.84
CA PRO A 55 11.67 0.42 -11.08
C PRO A 55 11.05 -0.97 -11.02
N ALA A 56 11.19 -1.65 -9.92
CA ALA A 56 10.60 -3.02 -9.81
C ALA A 56 9.16 -2.90 -9.29
N CYS A 57 8.78 -1.74 -8.82
CA CYS A 57 7.40 -1.57 -8.31
C CYS A 57 6.84 -0.21 -8.74
N ASP A 58 5.66 -0.18 -9.28
CA ASP A 58 5.07 1.11 -9.72
C ASP A 58 3.72 1.32 -9.03
N LEU A 59 3.29 2.55 -8.89
CA LEU A 59 1.99 2.82 -8.22
C LEU A 59 1.36 4.07 -8.82
N THR A 60 1.84 4.50 -9.95
CA THR A 60 1.27 5.73 -10.58
C THR A 60 -0.26 5.63 -10.57
N LEU A 61 -0.80 4.46 -10.77
CA LEU A 61 -2.28 4.30 -10.78
C LEU A 61 -2.72 3.47 -9.57
N PHE A 62 -1.83 3.24 -8.66
CA PHE A 62 -2.19 2.43 -7.46
C PHE A 62 -3.17 3.19 -6.58
N ASP A 63 -4.00 2.49 -5.86
CA ASP A 63 -4.97 3.16 -4.96
C ASP A 63 -4.52 2.94 -3.50
N PHE A 64 -4.00 3.95 -2.88
CA PHE A 64 -3.53 3.80 -1.47
C PHE A 64 -4.73 3.65 -0.54
N LYS A 65 -5.53 2.62 -0.75
CA LYS A 65 -6.71 2.42 0.14
C LYS A 65 -7.43 1.13 -0.26
N GLN A 66 -7.44 0.81 -1.53
CA GLN A 66 -8.13 -0.44 -1.98
C GLN A 66 -7.09 -1.53 -2.23
N GLY A 67 -5.91 -1.16 -2.63
CA GLY A 67 -4.85 -2.17 -2.89
C GLY A 67 -4.90 -2.61 -4.36
N ILE A 68 -5.13 -1.68 -5.26
CA ILE A 68 -5.20 -2.06 -6.70
C ILE A 68 -4.51 -0.98 -7.55
N LEU A 69 -4.50 -1.15 -8.84
CA LEU A 69 -3.85 -0.15 -9.73
C LEU A 69 -4.18 -0.50 -11.18
N CYS A 70 -3.61 0.22 -12.12
CA CYS A 70 -3.89 -0.07 -13.55
C CYS A 70 -2.79 0.54 -14.41
N TYR A 71 -2.74 0.20 -15.67
CA TYR A 71 -1.69 0.77 -16.56
C TYR A 71 -2.28 1.04 -17.95
N PRO A 72 -3.00 2.12 -18.06
CA PRO A 72 -3.63 2.53 -19.32
C PRO A 72 -2.59 3.17 -20.24
N ALA A 73 -3.02 3.79 -21.31
CA ALA A 73 -2.05 4.43 -22.24
C ALA A 73 -2.80 5.34 -23.21
N PRO A 74 -3.08 6.54 -22.77
CA PRO A 74 -3.80 7.55 -23.58
C PRO A 74 -2.84 8.19 -24.59
N LYS A 75 -2.91 7.80 -25.83
CA LYS A 75 -2.01 8.39 -26.85
C LYS A 75 -0.57 8.36 -26.33
N MET A 1 8.93 7.73 13.43
CA MET A 1 7.68 8.37 13.92
C MET A 1 6.59 7.30 14.06
N ALA A 2 6.31 6.59 13.01
CA ALA A 2 5.26 5.53 13.09
C ALA A 2 5.32 4.65 11.84
N GLU A 3 6.45 4.09 11.56
CA GLU A 3 6.58 3.21 10.36
C GLU A 3 7.46 2.01 10.70
N ASP A 4 6.96 0.82 10.49
CA ASP A 4 7.77 -0.40 10.80
C ASP A 4 7.47 -1.48 9.76
N TRP A 5 7.01 -1.09 8.61
CA TRP A 5 6.68 -2.10 7.55
C TRP A 5 5.79 -3.20 8.14
N LEU A 6 4.52 -3.14 7.90
CA LEU A 6 3.60 -4.17 8.45
C LEU A 6 3.12 -5.09 7.32
N ASP A 7 2.84 -6.32 7.63
CA ASP A 7 2.37 -7.26 6.58
C ASP A 7 1.29 -6.58 5.72
N CYS A 8 1.21 -6.90 4.47
CA CYS A 8 0.18 -6.26 3.59
C CYS A 8 -1.07 -7.15 3.55
N PRO A 9 -2.13 -6.69 4.16
CA PRO A 9 -3.41 -7.43 4.18
C PRO A 9 -4.14 -7.19 2.86
N ALA A 10 -3.94 -6.06 2.25
CA ALA A 10 -4.63 -5.78 0.96
C ALA A 10 -4.05 -6.69 -0.13
N LEU A 11 -2.77 -6.98 -0.07
CA LEU A 11 -2.16 -7.86 -1.10
C LEU A 11 -1.90 -9.24 -0.50
N GLY A 12 -1.27 -9.29 0.64
CA GLY A 12 -0.99 -10.62 1.27
C GLY A 12 0.43 -10.60 1.86
N PRO A 13 1.03 -11.76 1.93
CA PRO A 13 2.40 -11.93 2.47
C PRO A 13 3.42 -11.47 1.43
N GLY A 14 4.63 -11.21 1.85
CA GLY A 14 5.68 -10.77 0.89
C GLY A 14 5.56 -9.25 0.69
N TRP A 15 4.38 -8.77 0.44
CA TRP A 15 4.21 -7.30 0.23
C TRP A 15 4.25 -6.59 1.59
N LYS A 16 5.12 -5.61 1.73
CA LYS A 16 5.22 -4.88 3.02
C LYS A 16 4.50 -3.54 2.90
N ARG A 17 3.61 -3.25 3.82
CA ARG A 17 2.86 -1.96 3.76
C ARG A 17 3.47 -0.96 4.75
N ARG A 18 4.21 0.00 4.26
CA ARG A 18 4.82 1.00 5.18
C ARG A 18 4.00 2.29 5.14
N GLU A 19 3.72 2.86 6.28
CA GLU A 19 2.93 4.12 6.30
C GLU A 19 3.80 5.26 6.86
N VAL A 20 3.60 6.46 6.38
CA VAL A 20 4.43 7.59 6.87
C VAL A 20 3.54 8.84 7.05
N PHE A 21 3.92 9.72 7.94
CA PHE A 21 3.11 10.96 8.16
C PHE A 21 1.67 10.58 8.51
N ARG A 22 1.47 9.43 9.09
CA ARG A 22 0.09 9.00 9.45
C ARG A 22 -0.22 9.46 10.88
N LYS A 23 -0.86 10.59 11.02
CA LYS A 23 -1.19 11.09 12.38
C LYS A 23 0.09 11.53 13.09
N SER A 24 0.37 12.81 13.10
CA SER A 24 1.61 13.30 13.77
C SER A 24 1.41 14.75 14.20
N GLY A 25 1.30 15.65 13.26
CA GLY A 25 1.10 17.08 13.61
C GLY A 25 -0.38 17.44 13.45
N ALA A 26 -0.91 17.29 12.27
CA ALA A 26 -2.35 17.62 12.06
C ALA A 26 -3.20 16.35 12.26
N THR A 27 -2.66 15.38 12.94
CA THR A 27 -3.43 14.13 13.19
C THR A 27 -4.02 13.63 11.86
N CYS A 28 -5.24 13.98 11.58
CA CYS A 28 -5.87 13.53 10.31
C CYS A 28 -5.50 14.50 9.18
N GLY A 29 -4.42 14.25 8.50
CA GLY A 29 -4.01 15.16 7.39
C GLY A 29 -3.62 14.35 6.16
N ARG A 30 -2.36 14.06 6.00
CA ARG A 30 -1.91 13.26 4.82
C ARG A 30 -0.73 12.38 5.21
N SER A 31 -0.86 11.09 5.06
CA SER A 31 0.26 10.18 5.42
C SER A 31 0.85 9.57 4.14
N ASP A 32 2.14 9.52 4.02
CA ASP A 32 2.76 8.94 2.80
C ASP A 32 2.90 7.43 2.98
N THR A 33 2.05 6.67 2.35
CA THR A 33 2.12 5.19 2.49
C THR A 33 2.81 4.59 1.26
N TYR A 34 3.91 3.91 1.46
CA TYR A 34 4.63 3.28 0.32
C TYR A 34 4.76 1.79 0.57
N TYR A 35 4.86 1.00 -0.47
CA TYR A 35 4.99 -0.47 -0.27
C TYR A 35 6.31 -0.95 -0.87
N GLN A 36 6.93 -1.93 -0.25
CA GLN A 36 8.22 -2.43 -0.79
C GLN A 36 8.20 -3.95 -0.84
N SER A 37 8.78 -4.53 -1.86
CA SER A 37 8.81 -6.01 -1.97
C SER A 37 9.94 -6.56 -1.10
N PRO A 38 9.99 -7.87 -1.00
CA PRO A 38 11.02 -8.56 -0.20
C PRO A 38 12.35 -8.62 -0.96
N THR A 39 12.43 -7.96 -2.09
CA THR A 39 13.69 -7.99 -2.88
C THR A 39 14.36 -6.61 -2.83
N GLY A 40 13.64 -5.61 -2.39
CA GLY A 40 14.23 -4.25 -2.31
C GLY A 40 13.57 -3.34 -3.35
N ASP A 41 12.37 -3.67 -3.76
CA ASP A 41 11.68 -2.83 -4.78
C ASP A 41 10.72 -1.86 -4.07
N ARG A 42 10.89 -0.58 -4.30
CA ARG A 42 9.98 0.40 -3.64
C ARG A 42 9.02 0.99 -4.67
N ILE A 43 7.74 0.90 -4.41
CA ILE A 43 6.75 1.45 -5.37
C ILE A 43 5.79 2.39 -4.64
N ARG A 44 5.26 3.38 -5.31
CA ARG A 44 4.32 4.32 -4.65
C ARG A 44 3.24 4.76 -5.62
N SER A 45 3.16 4.15 -6.77
CA SER A 45 2.11 4.55 -7.76
C SER A 45 0.92 3.59 -7.65
N LYS A 46 0.88 2.79 -6.62
CA LYS A 46 -0.25 1.84 -6.45
C LYS A 46 -0.27 0.83 -7.59
N VAL A 47 -1.02 1.10 -8.62
CA VAL A 47 -1.10 0.14 -9.75
C VAL A 47 0.31 -0.15 -10.28
N GLU A 48 1.24 0.73 -10.04
CA GLU A 48 2.63 0.49 -10.52
C GLU A 48 3.19 -0.76 -9.82
N LEU A 49 3.03 -0.83 -8.52
CA LEU A 49 3.53 -2.01 -7.80
C LEU A 49 2.67 -3.22 -8.21
N THR A 50 1.47 -2.96 -8.64
CA THR A 50 0.58 -4.07 -9.09
C THR A 50 1.17 -4.68 -10.35
N ARG A 51 1.27 -3.91 -11.42
CA ARG A 51 1.85 -4.47 -12.67
C ARG A 51 3.20 -5.10 -12.33
N TYR A 52 3.80 -4.69 -11.24
CA TYR A 52 5.12 -5.26 -10.83
C TYR A 52 4.88 -6.65 -10.22
N LEU A 53 4.20 -6.71 -9.11
CA LEU A 53 3.94 -8.05 -8.47
C LEU A 53 3.51 -9.03 -9.55
N GLY A 54 2.39 -8.78 -10.16
CA GLY A 54 1.89 -9.71 -11.22
C GLY A 54 0.36 -9.80 -11.15
N PRO A 55 -0.18 -10.81 -11.79
CA PRO A 55 -1.63 -11.04 -11.82
C PRO A 55 -2.09 -11.66 -10.49
N ALA A 56 -1.17 -12.01 -9.64
CA ALA A 56 -1.55 -12.63 -8.34
C ALA A 56 -1.98 -11.53 -7.37
N CYS A 57 -1.75 -10.29 -7.71
CA CYS A 57 -2.15 -9.18 -6.81
C CYS A 57 -2.79 -8.05 -7.64
N ASP A 58 -3.69 -7.31 -7.06
CA ASP A 58 -4.35 -6.21 -7.81
C ASP A 58 -4.51 -5.00 -6.89
N LEU A 59 -4.62 -3.83 -7.45
CA LEU A 59 -4.77 -2.60 -6.61
C LEU A 59 -5.56 -1.55 -7.39
N THR A 60 -6.21 -1.94 -8.45
CA THR A 60 -6.98 -0.95 -9.23
C THR A 60 -7.83 -0.11 -8.29
N LEU A 61 -8.43 -0.72 -7.30
CA LEU A 61 -9.28 0.05 -6.35
C LEU A 61 -8.57 0.14 -4.99
N PHE A 62 -7.45 -0.51 -4.86
CA PHE A 62 -6.72 -0.47 -3.56
C PHE A 62 -6.42 0.99 -3.18
N ASP A 63 -6.62 1.35 -1.94
CA ASP A 63 -6.33 2.73 -1.51
C ASP A 63 -4.86 2.87 -1.15
N PHE A 64 -4.18 3.84 -1.69
CA PHE A 64 -2.73 4.00 -1.38
C PHE A 64 -2.57 4.78 -0.08
N LYS A 65 -3.19 4.31 0.98
CA LYS A 65 -3.08 5.02 2.28
C LYS A 65 -3.81 4.20 3.36
N GLN A 66 -4.97 3.70 3.03
CA GLN A 66 -5.73 2.89 4.03
C GLN A 66 -5.22 1.45 4.00
N GLY A 67 -5.03 0.89 2.83
CA GLY A 67 -4.52 -0.51 2.74
C GLY A 67 -5.67 -1.45 2.39
N ILE A 68 -6.64 -0.99 1.63
CA ILE A 68 -7.78 -1.87 1.27
C ILE A 68 -8.19 -1.62 -0.19
N LEU A 69 -8.91 -2.54 -0.77
CA LEU A 69 -9.34 -2.37 -2.19
C LEU A 69 -10.75 -2.93 -2.35
N CYS A 70 -11.42 -2.60 -3.42
CA CYS A 70 -12.80 -3.12 -3.62
C CYS A 70 -13.14 -3.07 -5.11
N TYR A 71 -14.29 -3.57 -5.47
CA TYR A 71 -14.72 -3.57 -6.91
C TYR A 71 -15.81 -4.63 -7.11
N PRO A 72 -15.58 -5.83 -6.62
CA PRO A 72 -16.54 -6.94 -6.75
C PRO A 72 -17.66 -6.79 -5.70
N ALA A 73 -18.75 -6.17 -6.06
CA ALA A 73 -19.85 -6.00 -5.08
C ALA A 73 -21.05 -5.35 -5.77
N PRO A 74 -22.23 -5.74 -5.35
CA PRO A 74 -23.49 -5.22 -5.91
C PRO A 74 -23.79 -3.83 -5.34
N LYS A 75 -23.69 -2.82 -6.14
CA LYS A 75 -23.97 -1.44 -5.64
C LYS A 75 -25.37 -1.01 -6.10
N MET A 1 20.26 5.10 3.82
CA MET A 1 19.02 4.67 4.54
C MET A 1 18.55 3.33 3.97
N ALA A 2 18.22 3.29 2.71
CA ALA A 2 17.75 2.01 2.11
C ALA A 2 16.46 1.56 2.79
N GLU A 3 15.39 1.46 2.06
CA GLU A 3 14.10 1.03 2.67
C GLU A 3 14.04 -0.50 2.69
N ASP A 4 12.97 -1.04 3.21
CA ASP A 4 12.85 -2.53 3.25
C ASP A 4 11.44 -2.94 2.81
N TRP A 5 11.19 -2.92 1.54
CA TRP A 5 9.83 -3.31 1.03
C TRP A 5 9.34 -4.56 1.78
N LEU A 6 8.19 -4.48 2.38
CA LEU A 6 7.67 -5.67 3.12
C LEU A 6 6.47 -6.24 2.37
N ASP A 7 6.27 -7.54 2.45
CA ASP A 7 5.12 -8.15 1.75
C ASP A 7 3.85 -7.33 2.02
N CYS A 8 2.96 -7.27 1.07
CA CYS A 8 1.70 -6.50 1.27
C CYS A 8 0.62 -7.39 1.88
N PRO A 9 0.22 -7.09 3.09
CA PRO A 9 -0.81 -7.85 3.81
C PRO A 9 -2.21 -7.45 3.30
N ALA A 10 -2.42 -6.18 3.06
CA ALA A 10 -3.75 -5.73 2.58
C ALA A 10 -4.03 -6.34 1.20
N LEU A 11 -3.08 -6.28 0.31
CA LEU A 11 -3.30 -6.86 -1.05
C LEU A 11 -2.87 -8.32 -1.07
N GLY A 12 -1.71 -8.63 -0.56
CA GLY A 12 -1.25 -10.04 -0.55
C GLY A 12 0.18 -10.13 -1.12
N PRO A 13 0.50 -11.27 -1.68
CA PRO A 13 1.82 -11.52 -2.28
C PRO A 13 1.92 -10.86 -3.66
N GLY A 14 3.12 -10.57 -4.09
CA GLY A 14 3.28 -9.92 -5.43
C GLY A 14 3.22 -8.40 -5.25
N TRP A 15 2.54 -7.94 -4.23
CA TRP A 15 2.45 -6.47 -3.99
C TRP A 15 3.43 -6.09 -2.87
N LYS A 16 4.19 -5.05 -3.07
CA LYS A 16 5.17 -4.63 -2.03
C LYS A 16 4.68 -3.37 -1.32
N ARG A 17 4.66 -3.38 -0.01
CA ARG A 17 4.20 -2.18 0.73
C ARG A 17 5.42 -1.47 1.34
N ARG A 18 5.73 -0.30 0.88
CA ARG A 18 6.90 0.44 1.43
C ARG A 18 6.43 1.48 2.44
N GLU A 19 7.19 1.69 3.48
CA GLU A 19 6.79 2.70 4.50
C GLU A 19 7.98 3.63 4.78
N VAL A 20 7.76 4.91 4.76
CA VAL A 20 8.88 5.87 5.03
C VAL A 20 8.39 7.01 5.92
N PHE A 21 9.29 7.71 6.55
CA PHE A 21 8.86 8.83 7.43
C PHE A 21 8.15 8.26 8.67
N ARG A 22 8.54 7.10 9.10
CA ARG A 22 7.90 6.49 10.31
C ARG A 22 8.39 7.20 11.57
N LYS A 23 7.82 8.34 11.88
CA LYS A 23 8.26 9.07 13.10
C LYS A 23 9.74 9.46 12.97
N SER A 24 10.01 10.66 12.52
CA SER A 24 11.42 11.09 12.38
C SER A 24 11.48 12.59 12.09
N GLY A 25 10.99 13.00 10.95
CA GLY A 25 11.01 14.46 10.62
C GLY A 25 9.79 15.14 11.23
N ALA A 26 8.77 15.36 10.46
CA ALA A 26 7.55 16.03 11.00
C ALA A 26 6.50 14.98 11.34
N THR A 27 6.10 14.91 12.59
CA THR A 27 5.07 13.91 12.99
C THR A 27 3.68 14.53 12.87
N CYS A 28 3.36 15.06 11.73
CA CYS A 28 2.02 15.70 11.54
C CYS A 28 0.98 14.62 11.21
N GLY A 29 1.43 13.45 10.83
CA GLY A 29 0.46 12.37 10.49
C GLY A 29 1.11 11.00 10.73
N ARG A 30 1.78 10.46 9.76
CA ARG A 30 2.44 9.14 9.94
C ARG A 30 3.33 8.83 8.73
N SER A 31 4.18 7.85 8.85
CA SER A 31 5.09 7.50 7.72
C SER A 31 4.26 7.43 6.43
N ASP A 32 4.92 7.46 5.29
CA ASP A 32 4.16 7.38 4.00
C ASP A 32 4.02 5.92 3.60
N THR A 33 3.22 5.64 2.60
CA THR A 33 3.04 4.22 2.17
C THR A 33 3.04 4.14 0.64
N TYR A 34 4.08 3.58 0.09
CA TYR A 34 4.15 3.46 -1.40
C TYR A 34 3.98 1.99 -1.78
N TYR A 35 3.62 1.70 -3.00
CA TYR A 35 3.44 0.28 -3.41
C TYR A 35 4.18 0.02 -4.73
N GLN A 36 4.71 -1.16 -4.89
CA GLN A 36 5.44 -1.47 -6.15
C GLN A 36 4.98 -2.85 -6.67
N SER A 37 4.63 -2.93 -7.91
CA SER A 37 4.18 -4.24 -8.47
C SER A 37 5.38 -5.18 -8.59
N PRO A 38 5.09 -6.43 -8.88
CA PRO A 38 6.12 -7.47 -9.04
C PRO A 38 6.80 -7.36 -10.40
N THR A 39 6.47 -6.33 -11.15
CA THR A 39 7.10 -6.17 -12.50
C THR A 39 7.98 -4.92 -12.49
N GLY A 40 7.72 -4.01 -11.60
CA GLY A 40 8.54 -2.76 -11.54
C GLY A 40 7.64 -1.53 -11.64
N ASP A 41 6.38 -1.67 -11.29
CA ASP A 41 5.45 -0.50 -11.35
C ASP A 41 5.53 0.27 -10.03
N ARG A 42 5.60 1.57 -10.10
CA ARG A 42 5.68 2.37 -8.84
C ARG A 42 4.46 3.28 -8.73
N ILE A 43 3.50 2.89 -7.93
CA ILE A 43 2.28 3.72 -7.76
C ILE A 43 2.24 4.27 -6.32
N ARG A 44 1.60 5.39 -6.12
CA ARG A 44 1.53 5.94 -4.74
C ARG A 44 0.08 6.26 -4.37
N SER A 45 -0.83 6.04 -5.26
CA SER A 45 -2.26 6.32 -4.95
C SER A 45 -2.86 5.05 -4.34
N LYS A 46 -4.07 5.11 -3.86
CA LYS A 46 -4.68 3.89 -3.25
C LYS A 46 -5.46 3.11 -4.31
N VAL A 47 -6.45 3.71 -4.90
CA VAL A 47 -7.24 2.97 -5.92
C VAL A 47 -6.50 3.04 -7.26
N GLU A 48 -5.64 4.00 -7.44
CA GLU A 48 -4.88 4.07 -8.72
C GLU A 48 -3.95 2.86 -8.80
N LEU A 49 -3.27 2.55 -7.73
CA LEU A 49 -2.38 1.36 -7.75
C LEU A 49 -3.28 0.12 -7.77
N THR A 50 -4.49 0.27 -7.32
CA THR A 50 -5.45 -0.86 -7.33
C THR A 50 -5.81 -1.19 -8.77
N ARG A 51 -6.54 -0.32 -9.42
CA ARG A 51 -6.91 -0.57 -10.84
C ARG A 51 -5.68 -1.09 -11.59
N TYR A 52 -4.51 -0.71 -11.17
CA TYR A 52 -3.28 -1.18 -11.86
C TYR A 52 -3.25 -2.71 -11.80
N LEU A 53 -3.23 -3.27 -10.63
CA LEU A 53 -3.20 -4.75 -10.50
C LEU A 53 -4.35 -5.35 -11.32
N GLY A 54 -5.56 -4.91 -11.08
CA GLY A 54 -6.72 -5.44 -11.84
C GLY A 54 -7.89 -5.70 -10.88
N PRO A 55 -8.84 -6.49 -11.33
CA PRO A 55 -10.02 -6.83 -10.53
C PRO A 55 -9.66 -7.90 -9.49
N ALA A 56 -8.46 -8.40 -9.54
CA ALA A 56 -8.05 -9.43 -8.55
C ALA A 56 -7.75 -8.77 -7.21
N CYS A 57 -7.37 -7.53 -7.22
CA CYS A 57 -7.05 -6.81 -5.95
C CYS A 57 -8.14 -5.77 -5.68
N ASP A 58 -7.95 -4.95 -4.68
CA ASP A 58 -8.97 -3.91 -4.38
C ASP A 58 -8.49 -3.04 -3.20
N LEU A 59 -8.88 -1.80 -3.17
CA LEU A 59 -8.44 -0.91 -2.05
C LEU A 59 -9.47 0.21 -1.85
N THR A 60 -10.63 0.07 -2.42
CA THR A 60 -11.66 1.13 -2.25
C THR A 60 -11.77 1.50 -0.77
N LEU A 61 -11.70 0.53 0.09
CA LEU A 61 -11.80 0.81 1.55
C LEU A 61 -10.41 0.70 2.17
N PHE A 62 -9.47 0.14 1.46
CA PHE A 62 -8.10 -0.01 1.99
C PHE A 62 -7.66 1.30 2.65
N ASP A 63 -6.73 1.23 3.56
CA ASP A 63 -6.26 2.47 4.24
C ASP A 63 -4.84 2.80 3.77
N PHE A 64 -4.68 3.83 2.99
CA PHE A 64 -3.33 4.21 2.50
C PHE A 64 -2.49 4.70 3.68
N LYS A 65 -2.26 3.85 4.63
CA LYS A 65 -1.45 4.28 5.82
C LYS A 65 -1.46 3.16 6.87
N GLN A 66 -2.49 2.36 6.91
CA GLN A 66 -2.56 1.28 7.92
C GLN A 66 -2.25 -0.08 7.26
N GLY A 67 -2.51 -0.21 5.99
CA GLY A 67 -2.23 -1.50 5.30
C GLY A 67 -3.43 -2.44 5.48
N ILE A 68 -4.61 -1.90 5.59
CA ILE A 68 -5.82 -2.77 5.76
C ILE A 68 -6.97 -2.20 4.94
N LEU A 69 -8.08 -2.91 4.86
CA LEU A 69 -9.25 -2.42 4.08
C LEU A 69 -10.54 -2.95 4.70
N CYS A 70 -11.64 -2.81 4.01
CA CYS A 70 -12.92 -3.31 4.55
C CYS A 70 -13.87 -3.64 3.39
N TYR A 71 -14.78 -4.56 3.60
CA TYR A 71 -15.73 -4.91 2.50
C TYR A 71 -17.15 -4.99 3.06
N PRO A 72 -17.89 -3.91 2.91
CA PRO A 72 -19.28 -3.82 3.38
C PRO A 72 -20.22 -4.56 2.42
N ALA A 73 -20.68 -5.73 2.80
CA ALA A 73 -21.60 -6.49 1.92
C ALA A 73 -22.59 -7.28 2.79
N PRO A 74 -23.66 -7.69 2.18
CA PRO A 74 -24.72 -8.46 2.87
C PRO A 74 -24.30 -9.92 3.04
N LYS A 75 -23.24 -10.32 2.39
CA LYS A 75 -22.78 -11.74 2.52
C LYS A 75 -21.53 -11.94 1.66
N MET A 1 7.04 3.96 16.75
CA MET A 1 8.03 3.06 16.08
C MET A 1 7.27 1.91 15.40
N ALA A 2 6.01 1.76 15.69
CA ALA A 2 5.22 0.66 15.06
C ALA A 2 3.79 1.13 14.81
N GLU A 3 3.20 0.73 13.73
CA GLU A 3 1.80 1.16 13.44
C GLU A 3 0.88 -0.07 13.36
N ASP A 4 0.70 -0.62 12.18
CA ASP A 4 -0.18 -1.81 12.04
C ASP A 4 0.27 -2.63 10.83
N TRP A 5 1.44 -3.20 10.88
CA TRP A 5 1.93 -4.01 9.73
C TRP A 5 1.08 -5.27 9.59
N LEU A 6 0.13 -5.26 8.69
CA LEU A 6 -0.73 -6.46 8.51
C LEU A 6 -0.45 -7.07 7.13
N ASP A 7 -0.68 -8.35 6.98
CA ASP A 7 -0.42 -9.00 5.66
C ASP A 7 -1.08 -8.16 4.56
N CYS A 8 -0.43 -8.00 3.45
CA CYS A 8 -1.01 -7.18 2.35
C CYS A 8 -1.83 -8.08 1.41
N PRO A 9 -3.13 -7.91 1.42
CA PRO A 9 -4.03 -8.70 0.57
C PRO A 9 -4.01 -8.14 -0.86
N ALA A 10 -4.16 -6.85 -1.01
CA ALA A 10 -4.16 -6.25 -2.36
C ALA A 10 -2.94 -6.73 -3.14
N LEU A 11 -1.83 -6.93 -2.47
CA LEU A 11 -0.61 -7.41 -3.17
C LEU A 11 -0.48 -8.93 -2.98
N GLY A 12 -0.27 -9.38 -1.77
CA GLY A 12 -0.12 -10.84 -1.53
C GLY A 12 0.61 -11.09 -0.22
N PRO A 13 1.17 -12.25 -0.10
CA PRO A 13 1.92 -12.65 1.11
C PRO A 13 3.30 -12.00 1.12
N GLY A 14 3.92 -11.92 2.27
CA GLY A 14 5.27 -11.29 2.35
C GLY A 14 5.10 -9.76 2.41
N TRP A 15 4.65 -9.17 1.35
CA TRP A 15 4.46 -7.69 1.35
C TRP A 15 3.66 -7.29 2.59
N LYS A 16 4.15 -6.35 3.35
CA LYS A 16 3.42 -5.94 4.58
C LYS A 16 2.61 -4.66 4.29
N ARG A 17 1.32 -4.72 4.47
CA ARG A 17 0.48 -3.53 4.20
C ARG A 17 0.28 -2.75 5.51
N ARG A 18 0.96 -1.64 5.66
CA ARG A 18 0.82 -0.85 6.91
C ARG A 18 -0.13 0.33 6.68
N GLU A 19 -0.78 0.78 7.72
CA GLU A 19 -1.72 1.93 7.58
C GLU A 19 -1.54 2.86 8.78
N VAL A 20 -1.86 4.12 8.63
CA VAL A 20 -1.69 5.07 9.77
C VAL A 20 -3.02 5.78 10.05
N PHE A 21 -3.04 6.66 11.02
CA PHE A 21 -4.29 7.39 11.34
C PHE A 21 -4.02 8.90 11.35
N ARG A 22 -3.26 9.38 10.40
CA ARG A 22 -2.97 10.84 10.37
C ARG A 22 -4.15 11.58 9.75
N LYS A 23 -5.20 11.79 10.52
CA LYS A 23 -6.39 12.51 9.98
C LYS A 23 -7.35 12.83 11.12
N SER A 24 -6.85 13.43 12.18
CA SER A 24 -7.74 13.77 13.32
C SER A 24 -7.96 15.28 13.37
N GLY A 25 -7.64 15.97 12.31
CA GLY A 25 -7.83 17.45 12.30
C GLY A 25 -8.55 17.86 11.02
N ALA A 26 -7.90 17.76 9.89
CA ALA A 26 -8.55 18.15 8.61
C ALA A 26 -9.19 16.93 7.97
N THR A 27 -9.99 17.12 6.96
CA THR A 27 -10.65 15.95 6.31
C THR A 27 -10.12 15.80 4.88
N CYS A 28 -8.89 16.16 4.65
CA CYS A 28 -8.31 16.04 3.28
C CYS A 28 -7.39 14.83 3.22
N GLY A 29 -7.94 13.65 3.33
CA GLY A 29 -7.09 12.42 3.28
C GLY A 29 -7.69 11.35 4.19
N ARG A 30 -7.41 10.10 3.93
CA ARG A 30 -7.96 9.02 4.79
C ARG A 30 -6.81 8.22 5.40
N SER A 31 -6.03 8.84 6.24
CA SER A 31 -4.90 8.10 6.88
C SER A 31 -3.85 7.76 5.82
N ASP A 32 -2.60 7.89 6.15
CA ASP A 32 -1.52 7.58 5.16
C ASP A 32 -1.31 6.06 5.14
N THR A 33 -0.71 5.55 4.09
CA THR A 33 -0.47 4.08 4.02
C THR A 33 0.93 3.80 3.47
N TYR A 34 1.64 2.90 4.09
CA TYR A 34 3.01 2.56 3.61
C TYR A 34 3.19 1.04 3.63
N TYR A 35 4.06 0.52 2.80
CA TYR A 35 4.26 -0.96 2.78
C TYR A 35 5.73 -1.29 3.10
N GLN A 36 6.00 -2.50 3.47
CA GLN A 36 7.40 -2.89 3.80
C GLN A 36 7.77 -4.15 3.01
N SER A 37 8.71 -4.05 2.11
CA SER A 37 9.11 -5.24 1.31
C SER A 37 9.47 -6.38 2.26
N PRO A 38 9.77 -7.53 1.69
CA PRO A 38 10.13 -8.72 2.46
C PRO A 38 11.58 -8.61 2.95
N THR A 39 12.30 -7.62 2.49
CA THR A 39 13.71 -7.46 2.94
C THR A 39 13.84 -6.22 3.83
N GLY A 40 12.85 -5.36 3.80
CA GLY A 40 12.90 -4.14 4.66
C GLY A 40 12.82 -2.89 3.77
N ASP A 41 12.32 -3.03 2.58
CA ASP A 41 12.21 -1.86 1.67
C ASP A 41 10.85 -1.18 1.89
N ARG A 42 10.84 -0.09 2.61
CA ARG A 42 9.55 0.62 2.86
C ARG A 42 9.20 1.45 1.63
N ILE A 43 8.02 1.27 1.09
CA ILE A 43 7.64 2.05 -0.13
C ILE A 43 6.46 2.96 0.18
N ARG A 44 6.24 3.95 -0.66
CA ARG A 44 5.11 4.88 -0.44
C ARG A 44 4.30 5.06 -1.74
N SER A 45 4.88 4.77 -2.87
CA SER A 45 4.14 4.92 -4.14
C SER A 45 3.63 3.55 -4.60
N LYS A 46 2.35 3.39 -4.72
CA LYS A 46 1.78 2.07 -5.15
C LYS A 46 2.54 1.54 -6.36
N VAL A 47 2.77 2.36 -7.36
CA VAL A 47 3.50 1.86 -8.56
C VAL A 47 4.99 1.71 -8.22
N GLU A 48 5.54 2.65 -7.51
CA GLU A 48 6.98 2.56 -7.15
C GLU A 48 7.29 1.17 -6.59
N LEU A 49 6.51 0.72 -5.65
CA LEU A 49 6.76 -0.64 -5.09
C LEU A 49 6.35 -1.69 -6.11
N THR A 50 5.31 -1.43 -6.87
CA THR A 50 4.90 -2.40 -7.90
C THR A 50 6.09 -2.71 -8.81
N ARG A 51 6.69 -1.70 -9.37
CA ARG A 51 7.87 -1.93 -10.26
C ARG A 51 9.04 -2.42 -9.40
N TYR A 52 8.96 -2.24 -8.11
CA TYR A 52 10.05 -2.72 -7.22
C TYR A 52 10.03 -4.25 -7.15
N LEU A 53 8.92 -4.82 -6.78
CA LEU A 53 8.84 -6.31 -6.72
C LEU A 53 8.93 -6.88 -8.13
N GLY A 54 8.16 -6.34 -9.04
CA GLY A 54 8.19 -6.83 -10.44
C GLY A 54 6.77 -6.91 -10.98
N PRO A 55 6.56 -7.77 -11.93
CA PRO A 55 5.24 -7.97 -12.56
C PRO A 55 4.34 -8.80 -11.65
N ALA A 56 4.91 -9.64 -10.82
CA ALA A 56 4.09 -10.47 -9.91
C ALA A 56 3.25 -9.57 -9.01
N CYS A 57 3.71 -8.38 -8.75
CA CYS A 57 2.94 -7.44 -7.89
C CYS A 57 2.63 -6.16 -8.68
N ASP A 58 1.40 -6.01 -9.11
CA ASP A 58 1.04 -4.79 -9.88
C ASP A 58 0.31 -3.81 -8.96
N LEU A 59 0.30 -2.56 -9.32
CA LEU A 59 -0.39 -1.56 -8.45
C LEU A 59 -0.89 -0.40 -9.32
N THR A 60 -1.02 -0.63 -10.60
CA THR A 60 -1.51 0.45 -11.50
C THR A 60 -2.78 1.07 -10.93
N LEU A 61 -3.66 0.26 -10.40
CA LEU A 61 -4.93 0.81 -9.83
C LEU A 61 -4.93 0.63 -8.31
N PHE A 62 -3.86 0.13 -7.75
CA PHE A 62 -3.80 -0.05 -6.28
C PHE A 62 -4.15 1.26 -5.57
N ASP A 63 -5.13 1.21 -4.70
CA ASP A 63 -5.50 2.45 -3.96
C ASP A 63 -4.59 2.58 -2.75
N PHE A 64 -3.55 3.37 -2.86
CA PHE A 64 -2.61 3.53 -1.72
C PHE A 64 -3.34 4.22 -0.56
N LYS A 65 -4.28 3.54 0.04
CA LYS A 65 -5.03 4.13 1.17
C LYS A 65 -6.15 3.16 1.58
N GLN A 66 -6.81 2.58 0.63
CA GLN A 66 -7.90 1.61 0.95
C GLN A 66 -7.33 0.20 0.99
N GLY A 67 -6.45 -0.11 0.09
CA GLY A 67 -5.84 -1.48 0.07
C GLY A 67 -6.54 -2.34 -1.00
N ILE A 68 -6.95 -1.74 -2.08
CA ILE A 68 -7.63 -2.53 -3.15
C ILE A 68 -7.18 -2.05 -4.53
N LEU A 69 -7.19 -2.92 -5.50
CA LEU A 69 -6.78 -2.54 -6.88
C LEU A 69 -7.72 -3.19 -7.89
N CYS A 70 -7.76 -2.68 -9.09
CA CYS A 70 -8.67 -3.28 -10.11
C CYS A 70 -8.07 -3.07 -11.50
N TYR A 71 -8.61 -3.73 -12.50
CA TYR A 71 -8.08 -3.55 -13.88
C TYR A 71 -8.89 -2.49 -14.62
N PRO A 72 -8.24 -1.79 -15.51
CA PRO A 72 -8.87 -0.73 -16.31
C PRO A 72 -9.72 -1.34 -17.44
N ALA A 73 -10.87 -0.79 -17.68
CA ALA A 73 -11.75 -1.32 -18.76
C ALA A 73 -12.32 -0.15 -19.59
N PRO A 74 -12.84 -0.50 -20.75
CA PRO A 74 -13.43 0.49 -21.66
C PRO A 74 -14.83 0.88 -21.20
N LYS A 75 -15.36 0.18 -20.24
CA LYS A 75 -16.73 0.51 -19.74
C LYS A 75 -16.69 0.73 -18.24
N MET A 1 -2.67 1.42 19.88
CA MET A 1 -2.42 0.91 18.51
C MET A 1 -2.43 2.08 17.52
N ALA A 2 -1.66 1.99 16.47
CA ALA A 2 -1.63 3.10 15.48
C ALA A 2 -1.82 2.54 14.07
N GLU A 3 -2.06 1.26 13.96
CA GLU A 3 -2.27 0.65 12.62
C GLU A 3 -3.43 -0.33 12.67
N ASP A 4 -3.95 -0.73 11.53
CA ASP A 4 -5.09 -1.68 11.53
C ASP A 4 -5.18 -2.36 10.16
N TRP A 5 -4.49 -3.46 9.98
CA TRP A 5 -4.54 -4.17 8.68
C TRP A 5 -5.98 -4.20 8.16
N LEU A 6 -6.28 -3.42 7.17
CA LEU A 6 -7.67 -3.39 6.62
C LEU A 6 -7.66 -3.90 5.17
N ASP A 7 -8.78 -4.35 4.68
CA ASP A 7 -8.84 -4.86 3.28
C ASP A 7 -8.22 -3.82 2.34
N CYS A 8 -7.56 -4.26 1.30
CA CYS A 8 -6.93 -3.30 0.36
C CYS A 8 -7.93 -2.94 -0.75
N PRO A 9 -8.34 -1.70 -0.78
CA PRO A 9 -9.31 -1.21 -1.79
C PRO A 9 -8.60 -0.97 -3.13
N ALA A 10 -7.58 -0.16 -3.13
CA ALA A 10 -6.84 0.12 -4.39
C ALA A 10 -6.54 -1.19 -5.13
N LEU A 11 -6.19 -2.23 -4.41
CA LEU A 11 -5.89 -3.53 -5.09
C LEU A 11 -7.13 -4.41 -5.09
N GLY A 12 -7.66 -4.74 -3.94
CA GLY A 12 -8.87 -5.60 -3.91
C GLY A 12 -8.85 -6.48 -2.65
N PRO A 13 -9.43 -7.65 -2.78
CA PRO A 13 -9.50 -8.62 -1.67
C PRO A 13 -8.16 -9.35 -1.49
N GLY A 14 -7.93 -9.91 -0.34
CA GLY A 14 -6.65 -10.63 -0.10
C GLY A 14 -5.57 -9.65 0.34
N TRP A 15 -5.12 -8.79 -0.55
CA TRP A 15 -4.07 -7.81 -0.18
C TRP A 15 -4.48 -7.07 1.10
N LYS A 16 -3.64 -7.06 2.09
CA LYS A 16 -3.98 -6.36 3.35
C LYS A 16 -3.32 -4.98 3.37
N ARG A 17 -4.08 -3.93 3.25
CA ARG A 17 -3.51 -2.56 3.24
C ARG A 17 -3.41 -2.03 4.67
N ARG A 18 -2.22 -2.00 5.22
CA ARG A 18 -2.06 -1.48 6.61
C ARG A 18 -1.67 0.01 6.55
N GLU A 19 -2.25 0.80 7.41
CA GLU A 19 -1.91 2.25 7.41
C GLU A 19 -1.32 2.65 8.76
N VAL A 20 -0.41 3.58 8.78
CA VAL A 20 0.19 4.02 10.06
C VAL A 20 0.23 5.55 10.12
N PHE A 21 -0.93 6.17 10.17
CA PHE A 21 -0.96 7.66 10.22
C PHE A 21 0.02 8.16 11.28
N ARG A 22 1.23 8.43 10.89
CA ARG A 22 2.23 8.94 11.87
C ARG A 22 1.93 10.40 12.21
N LYS A 23 1.45 11.15 11.25
CA LYS A 23 1.14 12.58 11.52
C LYS A 23 0.54 13.21 10.25
N SER A 24 -0.42 14.08 10.41
CA SER A 24 -1.04 14.72 9.20
C SER A 24 -0.31 16.03 8.89
N GLY A 25 0.28 16.64 9.88
CA GLY A 25 1.02 17.92 9.64
C GLY A 25 0.07 18.93 8.98
N ALA A 26 0.61 19.98 8.42
CA ALA A 26 -0.26 20.99 7.76
C ALA A 26 -0.56 20.56 6.34
N THR A 27 -1.64 19.85 6.14
CA THR A 27 -2.00 19.39 4.77
C THR A 27 -0.75 18.92 4.03
N CYS A 28 0.18 18.33 4.71
CA CYS A 28 1.42 17.85 4.04
C CYS A 28 1.93 16.60 4.75
N GLY A 29 1.05 15.89 5.41
CA GLY A 29 1.49 14.65 6.13
C GLY A 29 1.85 13.57 5.10
N ARG A 30 2.24 12.41 5.57
CA ARG A 30 2.60 11.32 4.63
C ARG A 30 2.10 9.98 5.19
N SER A 31 2.37 9.71 6.44
CA SER A 31 1.90 8.43 7.04
C SER A 31 2.60 7.27 6.35
N ASP A 32 2.92 6.23 7.09
CA ASP A 32 3.58 5.05 6.47
C ASP A 32 2.53 3.99 6.14
N THR A 33 2.75 3.23 5.09
CA THR A 33 1.75 2.19 4.72
C THR A 33 2.47 0.90 4.34
N TYR A 34 2.08 -0.20 4.93
CA TYR A 34 2.73 -1.50 4.61
C TYR A 34 1.65 -2.50 4.18
N TYR A 35 1.93 -3.31 3.19
CA TYR A 35 0.90 -4.30 2.75
C TYR A 35 1.44 -5.72 2.95
N GLN A 36 0.58 -6.63 3.31
CA GLN A 36 1.02 -8.03 3.52
C GLN A 36 0.30 -8.95 2.54
N SER A 37 1.03 -9.84 1.91
CA SER A 37 0.39 -10.77 0.93
C SER A 37 -0.25 -11.93 1.70
N PRO A 38 -0.99 -12.74 0.98
CA PRO A 38 -1.67 -13.91 1.56
C PRO A 38 -0.67 -15.06 1.76
N THR A 39 0.59 -14.81 1.52
CA THR A 39 1.61 -15.88 1.69
C THR A 39 2.54 -15.52 2.85
N GLY A 40 2.45 -14.31 3.34
CA GLY A 40 3.34 -13.89 4.45
C GLY A 40 4.48 -13.02 3.92
N ASP A 41 4.33 -12.49 2.73
CA ASP A 41 5.40 -11.63 2.17
C ASP A 41 5.06 -10.16 2.43
N ARG A 42 5.81 -9.51 3.28
CA ARG A 42 5.53 -8.07 3.58
C ARG A 42 6.28 -7.18 2.59
N ILE A 43 5.57 -6.36 1.86
CA ILE A 43 6.24 -5.46 0.89
C ILE A 43 5.89 -4.00 1.22
N ARG A 44 6.77 -3.09 0.93
CA ARG A 44 6.47 -1.66 1.23
C ARG A 44 6.70 -0.80 -0.02
N SER A 45 7.22 -1.38 -1.06
CA SER A 45 7.45 -0.59 -2.30
C SER A 45 6.21 -0.67 -3.19
N LYS A 46 5.87 0.40 -3.84
CA LYS A 46 4.66 0.40 -4.70
C LYS A 46 4.81 -0.59 -5.86
N VAL A 47 5.59 -0.26 -6.84
CA VAL A 47 5.74 -1.16 -8.01
C VAL A 47 6.36 -2.49 -7.58
N GLU A 48 7.12 -2.51 -6.52
CA GLU A 48 7.71 -3.82 -6.09
C GLU A 48 6.60 -4.75 -5.63
N LEU A 49 5.75 -4.30 -4.75
CA LEU A 49 4.64 -5.18 -4.29
C LEU A 49 3.75 -5.47 -5.50
N THR A 50 3.78 -4.61 -6.48
CA THR A 50 2.95 -4.82 -7.69
C THR A 50 3.47 -6.03 -8.46
N ARG A 51 4.63 -5.91 -9.06
CA ARG A 51 5.20 -7.06 -9.82
C ARG A 51 5.09 -8.32 -8.97
N TYR A 52 5.04 -8.17 -7.68
CA TYR A 52 4.93 -9.37 -6.80
C TYR A 52 3.62 -10.11 -7.08
N LEU A 53 2.51 -9.42 -6.99
CA LEU A 53 1.20 -10.09 -7.25
C LEU A 53 1.14 -10.49 -8.73
N GLY A 54 1.44 -9.58 -9.62
CA GLY A 54 1.38 -9.89 -11.07
C GLY A 54 0.38 -8.96 -11.76
N PRO A 55 -0.18 -9.42 -12.84
CA PRO A 55 -1.16 -8.64 -13.62
C PRO A 55 -2.53 -8.66 -12.93
N ALA A 56 -2.69 -9.48 -11.93
CA ALA A 56 -3.99 -9.55 -11.22
C ALA A 56 -4.15 -8.31 -10.34
N CYS A 57 -3.06 -7.72 -9.93
CA CYS A 57 -3.15 -6.50 -9.08
C CYS A 57 -2.30 -5.39 -9.70
N ASP A 58 -2.91 -4.54 -10.47
CA ASP A 58 -2.15 -3.44 -11.12
C ASP A 58 -1.84 -2.33 -10.11
N LEU A 59 -0.83 -1.56 -10.37
CA LEU A 59 -0.46 -0.46 -9.44
C LEU A 59 0.21 0.66 -10.23
N THR A 60 -0.28 0.95 -11.40
CA THR A 60 0.33 2.02 -12.23
C THR A 60 0.77 3.19 -11.37
N LEU A 61 -0.05 3.61 -10.45
CA LEU A 61 0.33 4.76 -9.58
C LEU A 61 -0.17 4.53 -8.16
N PHE A 62 -0.20 3.30 -7.73
CA PHE A 62 -0.67 2.99 -6.35
C PHE A 62 -0.01 3.95 -5.36
N ASP A 63 -0.78 4.76 -4.68
CA ASP A 63 -0.19 5.70 -3.70
C ASP A 63 0.11 4.93 -2.41
N PHE A 64 1.34 4.58 -2.19
CA PHE A 64 1.68 3.81 -0.97
C PHE A 64 1.46 4.68 0.27
N LYS A 65 0.25 5.11 0.51
CA LYS A 65 -0.03 5.96 1.69
C LYS A 65 -1.47 6.48 1.62
N GLN A 66 -1.99 6.67 0.43
CA GLN A 66 -3.38 7.18 0.31
C GLN A 66 -4.31 6.00 0.01
N GLY A 67 -3.92 5.11 -0.86
CA GLY A 67 -4.78 3.94 -1.18
C GLY A 67 -5.49 4.17 -2.51
N ILE A 68 -4.86 4.89 -3.42
CA ILE A 68 -5.49 5.15 -4.74
C ILE A 68 -4.44 5.06 -5.84
N LEU A 69 -4.83 5.23 -7.08
CA LEU A 69 -3.85 5.17 -8.19
C LEU A 69 -4.47 5.77 -9.45
N CYS A 70 -3.76 5.73 -10.55
CA CYS A 70 -4.33 6.28 -11.81
C CYS A 70 -3.57 5.71 -13.00
N TYR A 71 -4.08 5.89 -14.19
CA TYR A 71 -3.39 5.34 -15.40
C TYR A 71 -2.34 6.34 -15.92
N PRO A 72 -2.70 7.59 -16.00
CA PRO A 72 -1.80 8.64 -16.51
C PRO A 72 -0.82 9.09 -15.42
N ALA A 73 -0.23 10.24 -15.58
CA ALA A 73 0.75 10.75 -14.57
C ALA A 73 1.72 9.63 -14.17
N PRO A 74 2.45 9.15 -15.14
CA PRO A 74 3.44 8.07 -14.92
C PRO A 74 4.72 8.64 -14.31
N LYS A 75 5.60 7.80 -13.84
CA LYS A 75 6.87 8.30 -13.25
C LYS A 75 8.06 7.74 -14.03
N MET A 1 20.80 4.00 6.62
CA MET A 1 19.71 2.99 6.55
C MET A 1 18.93 3.19 5.24
N ALA A 2 18.06 2.27 4.92
CA ALA A 2 17.28 2.41 3.65
C ALA A 2 15.94 1.67 3.78
N GLU A 3 14.97 2.05 3.00
CA GLU A 3 13.65 1.38 3.07
C GLU A 3 13.70 0.08 2.26
N ASP A 4 12.58 -0.58 2.09
CA ASP A 4 12.58 -1.85 1.31
C ASP A 4 11.50 -1.80 0.23
N TRP A 5 11.57 -0.84 -0.66
CA TRP A 5 10.54 -0.76 -1.73
C TRP A 5 10.43 -2.12 -2.43
N LEU A 6 9.42 -2.87 -2.11
CA LEU A 6 9.26 -4.21 -2.74
C LEU A 6 8.10 -4.18 -3.74
N ASP A 7 8.20 -4.93 -4.80
CA ASP A 7 7.10 -4.95 -5.81
C ASP A 7 5.75 -5.00 -5.08
N CYS A 8 4.85 -4.13 -5.44
CA CYS A 8 3.51 -4.13 -4.77
C CYS A 8 2.58 -5.11 -5.48
N PRO A 9 2.22 -6.17 -4.79
CA PRO A 9 1.32 -7.21 -5.33
C PRO A 9 -0.14 -6.76 -5.24
N ALA A 10 -0.54 -6.27 -4.10
CA ALA A 10 -1.96 -5.82 -3.94
C ALA A 10 -2.40 -5.06 -5.19
N LEU A 11 -1.51 -4.31 -5.80
CA LEU A 11 -1.90 -3.55 -7.02
C LEU A 11 -1.30 -4.21 -8.26
N GLY A 12 0.00 -4.22 -8.37
CA GLY A 12 0.64 -4.85 -9.55
C GLY A 12 2.00 -4.20 -9.82
N PRO A 13 2.39 -4.20 -11.07
CA PRO A 13 3.67 -3.61 -11.50
C PRO A 13 3.56 -2.08 -11.56
N GLY A 14 4.66 -1.40 -11.41
CA GLY A 14 4.64 0.09 -11.46
C GLY A 14 4.39 0.66 -10.07
N TRP A 15 3.77 -0.10 -9.21
CA TRP A 15 3.51 0.41 -7.83
C TRP A 15 4.58 -0.11 -6.86
N LYS A 16 5.11 0.74 -6.04
CA LYS A 16 6.16 0.29 -5.08
C LYS A 16 5.56 0.22 -3.67
N ARG A 17 5.50 -0.95 -3.09
CA ARG A 17 4.94 -1.07 -1.72
C ARG A 17 6.06 -0.89 -0.68
N ARG A 18 6.11 0.25 -0.05
CA ARG A 18 7.19 0.49 0.96
C ARG A 18 6.66 0.22 2.36
N GLU A 19 7.46 -0.38 3.20
CA GLU A 19 7.00 -0.67 4.59
C GLU A 19 8.15 -0.36 5.56
N VAL A 20 7.88 0.35 6.62
CA VAL A 20 8.96 0.68 7.59
C VAL A 20 8.90 -0.28 8.78
N PHE A 21 8.21 -1.36 8.62
CA PHE A 21 8.10 -2.35 9.75
C PHE A 21 7.37 -1.73 10.93
N ARG A 22 7.97 -0.75 11.56
CA ARG A 22 7.30 -0.11 12.74
C ARG A 22 6.73 -1.22 13.65
N LYS A 23 7.44 -2.30 13.76
CA LYS A 23 6.94 -3.42 14.62
C LYS A 23 7.70 -3.41 15.96
N SER A 24 7.34 -2.53 16.85
CA SER A 24 8.03 -2.48 18.16
C SER A 24 7.17 -3.16 19.22
N GLY A 25 7.73 -3.47 20.35
CA GLY A 25 6.94 -4.14 21.42
C GLY A 25 5.79 -3.23 21.85
N ALA A 26 6.05 -1.95 21.97
CA ALA A 26 4.97 -1.01 22.39
C ALA A 26 3.78 -1.14 21.43
N THR A 27 2.67 -0.57 21.79
CA THR A 27 1.47 -0.66 20.90
C THR A 27 1.32 0.65 20.12
N CYS A 28 2.40 1.38 19.96
CA CYS A 28 2.31 2.66 19.20
C CYS A 28 1.69 2.41 17.83
N GLY A 29 2.27 1.52 17.07
CA GLY A 29 1.70 1.22 15.72
C GLY A 29 2.12 -0.18 15.28
N ARG A 30 1.73 -0.58 14.09
CA ARG A 30 2.11 -1.93 13.60
C ARG A 30 3.21 -1.80 12.54
N SER A 31 2.90 -1.16 11.44
CA SER A 31 3.91 -0.99 10.36
C SER A 31 3.38 0.01 9.34
N ASP A 32 4.16 0.99 8.98
CA ASP A 32 3.68 1.99 7.97
C ASP A 32 3.80 1.41 6.57
N THR A 33 2.85 1.70 5.72
CA THR A 33 2.91 1.15 4.33
C THR A 33 2.76 2.30 3.33
N TYR A 34 3.84 2.89 2.92
CA TYR A 34 3.75 4.00 1.94
C TYR A 34 4.06 3.48 0.54
N TYR A 35 3.36 3.94 -0.46
CA TYR A 35 3.60 3.44 -1.84
C TYR A 35 4.10 4.58 -2.72
N GLN A 36 4.76 4.26 -3.80
CA GLN A 36 5.26 5.31 -4.72
C GLN A 36 5.05 4.87 -6.16
N SER A 37 4.33 5.64 -6.93
CA SER A 37 4.08 5.27 -8.35
C SER A 37 5.36 5.49 -9.16
N PRO A 38 5.33 5.08 -10.40
CA PRO A 38 6.47 5.22 -11.32
C PRO A 38 6.56 6.65 -11.87
N THR A 39 5.78 7.55 -11.33
CA THR A 39 5.82 8.95 -11.84
C THR A 39 6.22 9.90 -10.70
N GLY A 40 6.68 9.37 -9.61
CA GLY A 40 7.09 10.25 -8.46
C GLY A 40 5.86 10.57 -7.60
N ASP A 41 4.83 9.78 -7.71
CA ASP A 41 3.61 10.04 -6.89
C ASP A 41 3.64 9.14 -5.65
N ARG A 42 3.75 9.72 -4.49
CA ARG A 42 3.78 8.89 -3.25
C ARG A 42 2.48 9.06 -2.48
N ILE A 43 1.92 7.98 -2.00
CA ILE A 43 0.64 8.08 -1.22
C ILE A 43 0.72 7.16 -0.01
N ARG A 44 -0.05 7.43 1.01
CA ARG A 44 -0.03 6.55 2.21
C ARG A 44 -1.45 6.38 2.75
N SER A 45 -2.44 6.66 1.96
CA SER A 45 -3.84 6.49 2.43
C SER A 45 -4.31 5.09 2.06
N LYS A 46 -4.84 4.92 0.87
CA LYS A 46 -5.32 3.59 0.42
C LYS A 46 -6.30 3.80 -0.72
N VAL A 47 -7.37 4.50 -0.47
CA VAL A 47 -8.35 4.76 -1.56
C VAL A 47 -7.91 6.04 -2.27
N GLU A 48 -7.11 6.84 -1.62
CA GLU A 48 -6.61 8.08 -2.26
C GLU A 48 -5.63 7.69 -3.37
N LEU A 49 -4.77 6.74 -3.09
CA LEU A 49 -3.82 6.30 -4.15
C LEU A 49 -4.57 5.43 -5.16
N THR A 50 -5.56 4.71 -4.69
CA THR A 50 -6.36 3.85 -5.61
C THR A 50 -7.08 4.78 -6.59
N ARG A 51 -7.63 5.85 -6.08
CA ARG A 51 -8.33 6.82 -6.97
C ARG A 51 -7.31 7.46 -7.90
N TYR A 52 -6.08 7.52 -7.48
CA TYR A 52 -5.02 8.13 -8.34
C TYR A 52 -4.78 7.22 -9.55
N LEU A 53 -4.33 6.01 -9.33
CA LEU A 53 -4.09 5.11 -10.49
C LEU A 53 -5.35 5.02 -11.35
N GLY A 54 -6.46 4.68 -10.74
CA GLY A 54 -7.73 4.57 -11.52
C GLY A 54 -8.50 3.32 -11.07
N PRO A 55 -9.35 2.84 -11.93
CA PRO A 55 -10.16 1.63 -11.66
C PRO A 55 -9.31 0.37 -11.84
N ALA A 56 -8.10 0.51 -12.31
CA ALA A 56 -7.23 -0.68 -12.51
C ALA A 56 -6.66 -1.12 -11.16
N CYS A 57 -6.58 -0.23 -10.22
CA CYS A 57 -6.02 -0.60 -8.89
C CYS A 57 -6.97 -0.13 -7.79
N ASP A 58 -7.80 -1.02 -7.29
CA ASP A 58 -8.75 -0.62 -6.22
C ASP A 58 -8.13 -0.91 -4.85
N LEU A 59 -8.46 -0.12 -3.87
CA LEU A 59 -7.89 -0.34 -2.51
C LEU A 59 -8.99 -0.12 -1.46
N THR A 60 -10.22 -0.15 -1.89
CA THR A 60 -11.34 0.05 -0.93
C THR A 60 -11.17 -0.88 0.27
N LEU A 61 -10.95 -2.14 0.02
CA LEU A 61 -10.78 -3.11 1.15
C LEU A 61 -9.29 -3.41 1.34
N PHE A 62 -8.44 -2.65 0.72
CA PHE A 62 -6.98 -2.89 0.88
C PHE A 62 -6.55 -2.54 2.30
N ASP A 63 -5.85 -3.43 2.95
CA ASP A 63 -5.39 -3.14 4.34
C ASP A 63 -4.11 -2.31 4.27
N PHE A 64 -4.19 -1.03 4.52
CA PHE A 64 -2.98 -0.18 4.47
C PHE A 64 -2.03 -0.57 5.59
N LYS A 65 -1.49 -1.76 5.51
CA LYS A 65 -0.55 -2.23 6.58
C LYS A 65 -0.25 -3.71 6.32
N GLN A 66 -1.21 -4.42 5.79
CA GLN A 66 -1.00 -5.87 5.50
C GLN A 66 -0.57 -6.01 4.04
N GLY A 67 -1.26 -5.36 3.15
CA GLY A 67 -0.88 -5.44 1.71
C GLY A 67 -1.87 -6.33 0.96
N ILE A 68 -3.11 -6.40 1.39
CA ILE A 68 -4.10 -7.25 0.67
C ILE A 68 -5.46 -6.55 0.61
N LEU A 69 -6.32 -6.99 -0.26
CA LEU A 69 -7.66 -6.35 -0.39
C LEU A 69 -8.67 -7.38 -0.90
N CYS A 70 -9.94 -7.10 -0.79
CA CYS A 70 -10.96 -8.06 -1.28
C CYS A 70 -12.25 -7.30 -1.59
N TYR A 71 -12.59 -7.19 -2.85
CA TYR A 71 -13.84 -6.46 -3.22
C TYR A 71 -14.54 -7.20 -4.36
N PRO A 72 -15.21 -8.27 -4.02
CA PRO A 72 -15.95 -9.09 -5.00
C PRO A 72 -17.29 -8.43 -5.33
N ALA A 73 -17.93 -8.85 -6.39
CA ALA A 73 -19.24 -8.25 -6.75
C ALA A 73 -20.25 -9.36 -7.05
N PRO A 74 -21.51 -9.02 -6.97
CA PRO A 74 -22.61 -9.96 -7.22
C PRO A 74 -22.81 -10.14 -8.73
N LYS A 75 -23.38 -9.17 -9.38
CA LYS A 75 -23.60 -9.28 -10.85
C LYS A 75 -24.54 -10.45 -11.14
N MET A 1 3.74 -1.76 -16.16
CA MET A 1 2.46 -1.23 -16.71
C MET A 1 2.54 0.30 -16.81
N ALA A 2 1.41 0.95 -16.94
CA ALA A 2 1.44 2.44 -17.05
C ALA A 2 1.80 3.05 -15.70
N GLU A 3 1.72 2.27 -14.66
CA GLU A 3 2.06 2.81 -13.30
C GLU A 3 3.38 2.20 -12.83
N ASP A 4 3.52 1.97 -11.55
CA ASP A 4 4.79 1.37 -11.04
C ASP A 4 4.47 0.33 -9.98
N TRP A 5 3.96 -0.81 -10.37
CA TRP A 5 3.63 -1.87 -9.38
C TRP A 5 4.93 -2.45 -8.81
N LEU A 6 5.36 -1.96 -7.68
CA LEU A 6 6.61 -2.48 -7.08
C LEU A 6 6.27 -3.48 -5.98
N ASP A 7 7.24 -4.23 -5.53
CA ASP A 7 6.97 -5.23 -4.45
C ASP A 7 6.61 -4.49 -3.17
N CYS A 8 5.73 -5.05 -2.38
CA CYS A 8 5.33 -4.36 -1.11
C CYS A 8 6.28 -4.77 0.02
N PRO A 9 7.05 -3.83 0.49
CA PRO A 9 8.02 -4.09 1.58
C PRO A 9 7.28 -4.08 2.93
N ALA A 10 6.35 -3.17 3.10
CA ALA A 10 5.60 -3.11 4.37
C ALA A 10 4.83 -4.41 4.59
N LEU A 11 4.04 -4.82 3.63
CA LEU A 11 3.27 -6.09 3.79
C LEU A 11 4.15 -7.28 3.44
N GLY A 12 4.84 -7.22 2.34
CA GLY A 12 5.72 -8.37 1.97
C GLY A 12 5.44 -8.78 0.51
N PRO A 13 5.61 -10.05 0.25
CA PRO A 13 5.38 -10.61 -1.10
C PRO A 13 3.88 -10.76 -1.38
N GLY A 14 3.50 -10.77 -2.63
CA GLY A 14 2.05 -10.90 -2.98
C GLY A 14 1.41 -9.52 -3.07
N TRP A 15 1.67 -8.68 -2.10
CA TRP A 15 1.05 -7.32 -2.12
C TRP A 15 1.85 -6.40 -3.05
N LYS A 16 1.17 -5.70 -3.93
CA LYS A 16 1.89 -4.78 -4.86
C LYS A 16 1.67 -3.33 -4.42
N ARG A 17 2.73 -2.59 -4.25
CA ARG A 17 2.59 -1.16 -3.81
C ARG A 17 2.69 -0.24 -5.02
N ARG A 18 1.60 0.33 -5.44
CA ARG A 18 1.64 1.25 -6.63
C ARG A 18 1.64 2.70 -6.16
N GLU A 19 2.36 3.56 -6.85
CA GLU A 19 2.40 5.00 -6.45
C GLU A 19 1.74 5.84 -7.54
N VAL A 20 1.13 6.93 -7.16
CA VAL A 20 0.46 7.80 -8.18
C VAL A 20 0.77 9.27 -7.88
N PHE A 21 0.82 10.09 -8.90
CA PHE A 21 1.11 11.54 -8.68
C PHE A 21 2.54 11.69 -8.13
N ARG A 22 3.33 10.66 -8.24
CA ARG A 22 4.74 10.76 -7.73
C ARG A 22 5.63 11.39 -8.80
N LYS A 23 5.05 11.78 -9.91
CA LYS A 23 5.88 12.41 -10.98
C LYS A 23 5.23 13.72 -11.42
N SER A 24 5.03 14.63 -10.51
CA SER A 24 4.40 15.94 -10.89
C SER A 24 5.50 16.98 -11.09
N GLY A 25 5.18 18.08 -11.72
CA GLY A 25 6.21 19.13 -11.94
C GLY A 25 5.78 20.43 -11.25
N ALA A 26 4.68 21.00 -11.67
CA ALA A 26 4.22 22.27 -11.04
C ALA A 26 3.39 21.95 -9.79
N THR A 27 2.16 21.58 -9.96
CA THR A 27 1.31 21.26 -8.79
C THR A 27 1.70 19.91 -8.20
N CYS A 28 2.50 19.91 -7.17
CA CYS A 28 2.91 18.62 -6.55
C CYS A 28 1.70 17.99 -5.85
N GLY A 29 1.32 18.49 -4.71
CA GLY A 29 0.15 17.92 -4.00
C GLY A 29 0.61 16.79 -3.07
N ARG A 30 0.35 15.56 -3.44
CA ARG A 30 0.77 14.41 -2.57
C ARG A 30 0.56 13.11 -3.33
N SER A 31 1.60 12.57 -3.90
CA SER A 31 1.46 11.30 -4.66
C SER A 31 0.57 10.33 -3.88
N ASP A 32 -0.49 9.86 -4.47
CA ASP A 32 -1.40 8.92 -3.76
C ASP A 32 -0.78 7.52 -3.80
N THR A 33 -1.26 6.62 -2.98
CA THR A 33 -0.69 5.25 -2.97
C THR A 33 -1.81 4.21 -2.88
N TYR A 34 -1.88 3.32 -3.85
CA TYR A 34 -2.94 2.27 -3.83
C TYR A 34 -2.26 0.90 -3.88
N TYR A 35 -2.86 -0.10 -3.28
CA TYR A 35 -2.23 -1.45 -3.32
C TYR A 35 -3.10 -2.40 -4.13
N GLN A 36 -2.50 -3.38 -4.75
CA GLN A 36 -3.29 -4.35 -5.56
C GLN A 36 -2.92 -5.78 -5.16
N SER A 37 -3.89 -6.57 -4.79
CA SER A 37 -3.59 -7.97 -4.38
C SER A 37 -3.21 -8.78 -5.64
N PRO A 38 -2.79 -9.99 -5.42
CA PRO A 38 -2.38 -10.89 -6.52
C PRO A 38 -3.61 -11.49 -7.22
N THR A 39 -4.78 -11.02 -6.89
CA THR A 39 -6.01 -11.57 -7.55
C THR A 39 -6.68 -10.48 -8.38
N GLY A 40 -6.44 -9.24 -8.06
CA GLY A 40 -7.06 -8.12 -8.83
C GLY A 40 -7.89 -7.24 -7.89
N ASP A 41 -7.69 -7.36 -6.61
CA ASP A 41 -8.46 -6.52 -5.65
C ASP A 41 -7.61 -5.33 -5.19
N ARG A 42 -7.96 -4.15 -5.59
CA ARG A 42 -7.18 -2.95 -5.16
C ARG A 42 -7.83 -2.32 -3.93
N ILE A 43 -7.05 -1.73 -3.07
CA ILE A 43 -7.63 -1.10 -1.85
C ILE A 43 -6.92 0.22 -1.56
N ARG A 44 -7.56 1.10 -0.82
CA ARG A 44 -6.93 2.41 -0.50
C ARG A 44 -7.14 2.77 0.97
N SER A 45 -7.95 2.05 1.69
CA SER A 45 -8.18 2.38 3.12
C SER A 45 -6.88 2.22 3.89
N LYS A 46 -6.60 1.04 4.35
CA LYS A 46 -5.34 0.79 5.12
C LYS A 46 -5.52 -0.51 5.88
N VAL A 47 -6.43 -0.54 6.79
CA VAL A 47 -6.67 -1.79 7.56
C VAL A 47 -7.68 -2.62 6.77
N GLU A 48 -8.41 -1.98 5.89
CA GLU A 48 -9.38 -2.74 5.06
C GLU A 48 -8.60 -3.66 4.13
N LEU A 49 -7.55 -3.15 3.55
CA LEU A 49 -6.73 -4.00 2.66
C LEU A 49 -6.00 -5.02 3.54
N THR A 50 -5.83 -4.69 4.78
CA THR A 50 -5.15 -5.63 5.73
C THR A 50 -6.09 -6.80 6.00
N ARG A 51 -7.21 -6.54 6.62
CA ARG A 51 -8.17 -7.64 6.90
C ARG A 51 -8.39 -8.44 5.62
N TYR A 52 -8.28 -7.79 4.48
CA TYR A 52 -8.48 -8.51 3.18
C TYR A 52 -7.49 -9.67 3.11
N LEU A 53 -6.22 -9.37 3.15
CA LEU A 53 -5.20 -10.46 3.08
C LEU A 53 -5.42 -11.43 4.24
N GLY A 54 -5.50 -10.92 5.45
CA GLY A 54 -5.72 -11.81 6.63
C GLY A 54 -4.74 -11.42 7.75
N PRO A 55 -4.44 -12.37 8.58
CA PRO A 55 -3.50 -12.18 9.71
C PRO A 55 -2.05 -12.19 9.20
N ALA A 56 -1.84 -12.72 8.03
CA ALA A 56 -0.45 -12.77 7.48
C ALA A 56 0.04 -11.35 7.20
N CYS A 57 -0.86 -10.43 6.99
CA CYS A 57 -0.44 -9.03 6.72
C CYS A 57 -0.97 -8.11 7.82
N ASP A 58 -0.34 -6.98 8.02
CA ASP A 58 -0.80 -6.05 9.08
C ASP A 58 -0.47 -4.61 8.66
N LEU A 59 -1.29 -3.68 9.06
CA LEU A 59 -1.05 -2.26 8.67
C LEU A 59 -1.55 -1.34 9.78
N THR A 60 -1.76 -1.86 10.96
CA THR A 60 -2.26 -1.01 12.08
C THR A 60 -1.52 0.32 12.07
N LEU A 61 -0.21 0.28 11.99
CA LEU A 61 0.58 1.54 11.98
C LEU A 61 1.24 1.71 10.62
N PHE A 62 0.77 1.01 9.62
CA PHE A 62 1.37 1.13 8.26
C PHE A 62 0.90 2.43 7.61
N ASP A 63 1.80 3.17 7.03
CA ASP A 63 1.41 4.45 6.37
C ASP A 63 0.94 4.16 4.94
N PHE A 64 -0.14 4.76 4.53
CA PHE A 64 -0.64 4.52 3.15
C PHE A 64 0.04 5.47 2.18
N LYS A 65 1.33 5.64 2.33
CA LYS A 65 2.08 6.56 1.42
C LYS A 65 3.58 6.30 1.55
N GLN A 66 4.05 6.14 2.76
CA GLN A 66 5.50 5.88 2.97
C GLN A 66 5.77 4.39 2.76
N GLY A 67 4.86 3.54 3.15
CA GLY A 67 5.07 2.08 2.96
C GLY A 67 5.79 1.51 4.19
N ILE A 68 5.51 2.02 5.36
CA ILE A 68 6.20 1.50 6.57
C ILE A 68 5.19 1.42 7.73
N LEU A 69 5.45 0.57 8.69
CA LEU A 69 4.53 0.44 9.85
C LEU A 69 5.35 0.18 11.11
N CYS A 70 4.75 0.31 12.26
CA CYS A 70 5.51 0.08 13.52
C CYS A 70 4.54 -0.34 14.63
N TYR A 71 5.02 -0.42 15.84
CA TYR A 71 4.14 -0.82 16.97
C TYR A 71 4.07 0.32 17.99
N PRO A 72 3.08 0.27 18.83
CA PRO A 72 2.86 1.29 19.88
C PRO A 72 3.82 1.06 21.06
N ALA A 73 5.10 1.02 20.79
CA ALA A 73 6.07 0.81 21.89
C ALA A 73 7.28 1.74 21.70
N PRO A 74 7.16 2.93 22.21
CA PRO A 74 8.22 3.95 22.12
C PRO A 74 9.32 3.67 23.15
N LYS A 75 10.49 3.30 22.69
CA LYS A 75 11.60 3.00 23.64
C LYS A 75 12.94 3.18 22.93
N MET A 1 -13.65 3.10 9.56
CA MET A 1 -14.14 2.31 8.40
C MET A 1 -14.45 3.25 7.24
N ALA A 2 -14.25 2.81 6.03
CA ALA A 2 -14.52 3.69 4.86
C ALA A 2 -13.81 5.03 5.05
N GLU A 3 -12.60 5.00 5.53
CA GLU A 3 -11.85 6.28 5.75
C GLU A 3 -11.27 6.75 4.42
N ASP A 4 -10.45 5.94 3.80
CA ASP A 4 -9.85 6.35 2.50
C ASP A 4 -9.50 5.10 1.69
N TRP A 5 -10.19 4.02 1.92
CA TRP A 5 -9.90 2.77 1.17
C TRP A 5 -10.23 2.97 -0.31
N LEU A 6 -9.27 3.39 -1.10
CA LEU A 6 -9.55 3.62 -2.55
C LEU A 6 -8.85 2.55 -3.37
N ASP A 7 -9.36 2.24 -4.53
CA ASP A 7 -8.72 1.22 -5.39
C ASP A 7 -7.21 1.46 -5.42
N CYS A 8 -6.42 0.43 -5.38
CA CYS A 8 -4.94 0.61 -5.40
C CYS A 8 -4.39 0.31 -6.80
N PRO A 9 -3.98 1.33 -7.49
CA PRO A 9 -3.41 1.19 -8.84
C PRO A 9 -1.98 0.67 -8.75
N ALA A 10 -1.27 1.03 -7.72
CA ALA A 10 0.13 0.56 -7.56
C ALA A 10 0.15 -0.97 -7.73
N LEU A 11 -0.93 -1.62 -7.37
CA LEU A 11 -0.98 -3.11 -7.51
C LEU A 11 -2.09 -3.49 -8.49
N GLY A 12 -3.32 -3.22 -8.14
CA GLY A 12 -4.44 -3.58 -9.07
C GLY A 12 -5.78 -3.44 -8.33
N PRO A 13 -6.71 -4.28 -8.70
CA PRO A 13 -8.06 -4.29 -8.10
C PRO A 13 -8.04 -4.98 -6.73
N GLY A 14 -9.15 -4.97 -6.04
CA GLY A 14 -9.20 -5.63 -4.70
C GLY A 14 -8.29 -4.88 -3.73
N TRP A 15 -7.01 -4.94 -3.93
CA TRP A 15 -6.06 -4.23 -3.03
C TRP A 15 -6.60 -2.82 -2.74
N LYS A 16 -6.85 -2.52 -1.49
CA LYS A 16 -7.38 -1.17 -1.15
C LYS A 16 -6.24 -0.31 -0.60
N ARG A 17 -5.89 0.74 -1.29
CA ARG A 17 -4.80 1.63 -0.80
C ARG A 17 -5.40 2.77 0.02
N ARG A 18 -5.17 2.77 1.31
CA ARG A 18 -5.74 3.86 2.16
C ARG A 18 -4.65 4.90 2.45
N GLU A 19 -5.03 6.14 2.60
CA GLU A 19 -4.02 7.20 2.88
C GLU A 19 -4.07 7.57 4.36
N VAL A 20 -2.95 7.88 4.95
CA VAL A 20 -2.94 8.24 6.39
C VAL A 20 -2.45 9.68 6.55
N PHE A 21 -2.83 10.34 7.62
CA PHE A 21 -2.39 11.75 7.83
C PHE A 21 -1.52 11.82 9.09
N ARG A 22 -0.65 10.86 9.28
CA ARG A 22 0.22 10.87 10.48
C ARG A 22 -0.62 11.21 11.72
N LYS A 23 -1.89 10.88 11.70
CA LYS A 23 -2.75 11.19 12.86
C LYS A 23 -2.92 12.70 13.00
N SER A 24 -1.89 13.39 13.39
CA SER A 24 -1.99 14.87 13.53
C SER A 24 -1.19 15.56 12.42
N GLY A 25 -0.77 14.80 11.44
CA GLY A 25 0.02 15.40 10.32
C GLY A 25 -0.91 15.62 9.11
N ALA A 26 -1.85 16.50 9.23
CA ALA A 26 -2.78 16.75 8.08
C ALA A 26 -2.08 17.61 7.02
N THR A 27 -1.42 18.66 7.43
CA THR A 27 -0.72 19.53 6.44
C THR A 27 0.68 19.85 6.96
N CYS A 28 1.31 18.92 7.63
CA CYS A 28 2.68 19.17 8.15
C CYS A 28 3.38 17.83 8.44
N GLY A 29 2.65 16.87 8.94
CA GLY A 29 3.26 15.55 9.23
C GLY A 29 3.26 14.69 7.96
N ARG A 30 4.28 13.92 7.75
CA ARG A 30 4.34 13.06 6.54
C ARG A 30 3.05 12.23 6.45
N SER A 31 2.71 11.78 5.27
CA SER A 31 1.48 10.96 5.12
C SER A 31 1.84 9.50 4.84
N ASP A 32 1.52 8.62 5.74
CA ASP A 32 1.85 7.18 5.53
C ASP A 32 0.70 6.50 4.79
N THR A 33 0.93 5.32 4.27
CA THR A 33 -0.16 4.60 3.54
C THR A 33 -0.25 3.17 4.05
N TYR A 34 -1.45 2.64 4.12
CA TYR A 34 -1.61 1.25 4.61
C TYR A 34 -2.37 0.43 3.56
N TYR A 35 -2.36 -0.86 3.66
CA TYR A 35 -3.07 -1.69 2.65
C TYR A 35 -4.13 -2.57 3.31
N GLN A 36 -5.20 -2.83 2.62
CA GLN A 36 -6.28 -3.69 3.20
C GLN A 36 -6.68 -4.74 2.17
N SER A 37 -6.42 -6.00 2.46
CA SER A 37 -6.77 -7.07 1.50
C SER A 37 -8.29 -7.26 1.48
N PRO A 38 -8.74 -8.10 0.57
CA PRO A 38 -10.17 -8.40 0.41
C PRO A 38 -10.64 -9.35 1.52
N THR A 39 -9.73 -9.85 2.30
CA THR A 39 -10.12 -10.77 3.40
C THR A 39 -10.04 -10.04 4.75
N GLY A 40 -9.26 -8.99 4.80
CA GLY A 40 -9.14 -8.23 6.07
C GLY A 40 -7.67 -8.19 6.51
N ASP A 41 -6.76 -8.28 5.58
CA ASP A 41 -5.32 -8.26 5.94
C ASP A 41 -4.81 -6.82 5.92
N ARG A 42 -4.43 -6.29 7.05
CA ARG A 42 -3.92 -4.88 7.09
C ARG A 42 -2.39 -4.90 7.07
N ILE A 43 -1.80 -4.67 5.93
CA ILE A 43 -0.31 -4.66 5.85
C ILE A 43 0.19 -3.26 5.50
N ARG A 44 1.33 -2.89 6.01
CA ARG A 44 1.87 -1.52 5.72
C ARG A 44 3.38 -1.60 5.50
N SER A 45 3.95 -2.78 5.52
CA SER A 45 5.42 -2.90 5.31
C SER A 45 5.77 -2.40 3.91
N LYS A 46 5.60 -3.23 2.92
CA LYS A 46 5.92 -2.82 1.53
C LYS A 46 6.12 -4.07 0.70
N VAL A 47 7.10 -4.85 1.05
CA VAL A 47 7.33 -6.11 0.29
C VAL A 47 6.65 -7.24 1.04
N GLU A 48 6.33 -7.02 2.30
CA GLU A 48 5.64 -8.06 3.08
C GLU A 48 4.19 -8.14 2.61
N LEU A 49 3.65 -7.02 2.19
CA LEU A 49 2.24 -7.03 1.70
C LEU A 49 2.23 -7.58 0.27
N THR A 50 3.30 -7.37 -0.45
CA THR A 50 3.37 -7.89 -1.84
C THR A 50 3.48 -9.41 -1.79
N ARG A 51 4.39 -9.92 -1.00
CA ARG A 51 4.53 -11.40 -0.90
C ARG A 51 3.21 -11.98 -0.41
N TYR A 52 2.49 -11.22 0.36
CA TYR A 52 1.17 -11.71 0.87
C TYR A 52 0.30 -12.10 -0.32
N LEU A 53 0.06 -11.18 -1.21
CA LEU A 53 -0.78 -11.50 -2.40
C LEU A 53 -0.09 -12.59 -3.22
N GLY A 54 1.21 -12.50 -3.36
CA GLY A 54 1.95 -13.52 -4.15
C GLY A 54 2.80 -12.82 -5.21
N PRO A 55 3.16 -13.55 -6.23
CA PRO A 55 3.98 -13.02 -7.33
C PRO A 55 3.11 -12.18 -8.28
N ALA A 56 1.82 -12.18 -8.07
CA ALA A 56 0.93 -11.39 -8.95
C ALA A 56 1.06 -9.90 -8.62
N CYS A 57 1.68 -9.58 -7.51
CA CYS A 57 1.83 -8.15 -7.13
C CYS A 57 3.23 -7.92 -6.57
N ASP A 58 3.91 -6.90 -7.03
CA ASP A 58 5.28 -6.63 -6.52
C ASP A 58 5.32 -5.24 -5.87
N LEU A 59 6.24 -5.02 -4.97
CA LEU A 59 6.32 -3.70 -4.30
C LEU A 59 7.78 -3.39 -3.93
N THR A 60 8.70 -4.08 -4.52
CA THR A 60 10.13 -3.83 -4.21
C THR A 60 10.46 -2.35 -4.47
N LEU A 61 9.88 -1.78 -5.49
CA LEU A 61 10.16 -0.35 -5.81
C LEU A 61 8.91 0.48 -5.52
N PHE A 62 7.91 -0.10 -4.92
CA PHE A 62 6.67 0.67 -4.63
C PHE A 62 6.93 1.69 -3.52
N ASP A 63 6.49 2.90 -3.71
CA ASP A 63 6.69 3.94 -2.67
C ASP A 63 5.53 3.86 -1.67
N PHE A 64 5.74 3.26 -0.54
CA PHE A 64 4.64 3.14 0.45
C PHE A 64 4.29 4.53 0.98
N LYS A 65 3.73 5.36 0.14
CA LYS A 65 3.36 6.73 0.58
C LYS A 65 2.82 7.50 -0.63
N GLN A 66 3.44 7.35 -1.76
CA GLN A 66 2.96 8.07 -2.98
C GLN A 66 1.97 7.18 -3.74
N GLY A 67 2.10 5.89 -3.61
CA GLY A 67 1.16 4.96 -4.31
C GLY A 67 1.73 4.61 -5.67
N ILE A 68 3.03 4.52 -5.80
CA ILE A 68 3.63 4.17 -7.12
C ILE A 68 4.81 3.21 -6.92
N LEU A 69 5.39 2.73 -7.99
CA LEU A 69 6.54 1.80 -7.86
C LEU A 69 7.38 1.87 -9.15
N CYS A 70 8.29 0.95 -9.31
CA CYS A 70 9.13 0.96 -10.53
C CYS A 70 9.74 -0.44 -10.74
N TYR A 71 10.57 -0.59 -11.74
CA TYR A 71 11.19 -1.92 -11.97
C TYR A 71 12.37 -1.78 -12.94
N PRO A 72 13.38 -2.58 -12.73
CA PRO A 72 14.59 -2.58 -13.57
C PRO A 72 14.32 -3.31 -14.89
N ALA A 73 14.69 -2.73 -15.99
CA ALA A 73 14.45 -3.40 -17.30
C ALA A 73 15.65 -3.17 -18.24
N PRO A 74 16.78 -3.70 -17.84
CA PRO A 74 18.03 -3.58 -18.61
C PRO A 74 18.02 -4.56 -19.79
N LYS A 75 18.24 -4.07 -20.99
CA LYS A 75 18.23 -4.98 -22.17
C LYS A 75 18.84 -4.25 -23.37
N MET A 1 12.03 11.24 8.07
CA MET A 1 11.98 9.76 8.12
C MET A 1 11.10 9.32 9.30
N ALA A 2 11.25 8.09 9.73
CA ALA A 2 10.43 7.60 10.87
C ALA A 2 8.96 7.97 10.64
N GLU A 3 8.21 7.11 10.02
CA GLU A 3 6.78 7.42 9.77
C GLU A 3 5.90 6.66 10.76
N ASP A 4 4.62 6.63 10.54
CA ASP A 4 3.71 5.91 11.47
C ASP A 4 3.08 4.70 10.76
N TRP A 5 3.84 3.66 10.55
CA TRP A 5 3.29 2.46 9.88
C TRP A 5 2.10 1.93 10.67
N LEU A 6 0.92 1.98 10.10
CA LEU A 6 -0.28 1.49 10.82
C LEU A 6 -0.65 0.09 10.32
N ASP A 7 -1.39 -0.66 11.10
CA ASP A 7 -1.77 -2.03 10.67
C ASP A 7 -2.34 -1.97 9.25
N CYS A 8 -1.89 -2.85 8.38
CA CYS A 8 -2.39 -2.84 6.99
C CYS A 8 -3.65 -3.72 6.87
N PRO A 9 -4.78 -3.09 6.62
CA PRO A 9 -6.06 -3.79 6.50
C PRO A 9 -6.20 -4.43 5.10
N ALA A 10 -6.14 -3.64 4.07
CA ALA A 10 -6.27 -4.19 2.68
C ALA A 10 -5.55 -5.54 2.58
N LEU A 11 -4.41 -5.68 3.19
CA LEU A 11 -3.68 -6.97 3.11
C LEU A 11 -4.00 -7.84 4.33
N GLY A 12 -3.63 -7.39 5.50
CA GLY A 12 -3.92 -8.19 6.73
C GLY A 12 -2.88 -7.88 7.81
N PRO A 13 -2.64 -8.84 8.67
CA PRO A 13 -1.67 -8.70 9.76
C PRO A 13 -0.25 -8.90 9.25
N GLY A 14 0.71 -8.25 9.84
CA GLY A 14 2.12 -8.40 9.38
C GLY A 14 2.47 -7.27 8.43
N TRP A 15 1.66 -7.07 7.42
CA TRP A 15 1.95 -5.97 6.45
C TRP A 15 1.76 -4.62 7.12
N LYS A 16 2.75 -3.77 7.07
CA LYS A 16 2.61 -2.43 7.70
C LYS A 16 2.16 -1.41 6.65
N ARG A 17 0.98 -0.89 6.80
CA ARG A 17 0.47 0.09 5.79
C ARG A 17 0.77 1.52 6.27
N ARG A 18 1.85 2.09 5.80
CA ARG A 18 2.17 3.48 6.22
C ARG A 18 1.77 4.46 5.12
N GLU A 19 1.34 5.63 5.49
CA GLU A 19 0.94 6.63 4.45
C GLU A 19 1.96 7.76 4.39
N VAL A 20 1.94 8.55 3.35
CA VAL A 20 2.92 9.66 3.24
C VAL A 20 2.22 10.92 2.74
N PHE A 21 1.33 11.47 3.54
CA PHE A 21 0.60 12.69 3.12
C PHE A 21 1.56 13.65 2.41
N ARG A 22 1.61 13.63 1.11
CA ARG A 22 2.52 14.54 0.37
C ARG A 22 2.14 15.99 0.69
N LYS A 23 0.91 16.36 0.47
CA LYS A 23 0.48 17.75 0.76
C LYS A 23 -0.95 17.95 0.25
N SER A 24 -1.72 18.77 0.92
CA SER A 24 -3.12 19.01 0.47
C SER A 24 -3.22 20.39 -0.17
N GLY A 25 -3.69 20.47 -1.39
CA GLY A 25 -3.82 21.78 -2.06
C GLY A 25 -5.18 21.89 -2.74
N ALA A 26 -5.24 22.48 -3.89
CA ALA A 26 -6.55 22.61 -4.60
C ALA A 26 -6.76 21.41 -5.53
N THR A 27 -5.70 20.72 -5.85
CA THR A 27 -5.83 19.54 -6.75
C THR A 27 -4.69 18.55 -6.47
N CYS A 28 -4.10 18.64 -5.30
CA CYS A 28 -2.98 17.72 -4.96
C CYS A 28 -3.56 16.48 -4.25
N GLY A 29 -3.90 15.46 -5.00
CA GLY A 29 -4.45 14.23 -4.37
C GLY A 29 -3.66 13.01 -4.84
N ARG A 30 -2.85 12.45 -3.98
CA ARG A 30 -2.05 11.26 -4.40
C ARG A 30 -0.99 10.96 -3.32
N SER A 31 -1.40 10.89 -2.08
CA SER A 31 -0.41 10.61 -1.00
C SER A 31 0.36 9.32 -1.34
N ASP A 32 1.58 9.22 -0.93
CA ASP A 32 2.38 7.99 -1.23
C ASP A 32 2.19 6.98 -0.10
N THR A 33 1.71 5.81 -0.43
CA THR A 33 1.49 4.78 0.62
C THR A 33 2.61 3.73 0.55
N TYR A 34 3.47 3.70 1.51
CA TYR A 34 4.57 2.70 1.50
C TYR A 34 4.28 1.62 2.55
N TYR A 35 4.61 0.39 2.25
CA TYR A 35 4.33 -0.71 3.22
C TYR A 35 5.64 -1.43 3.57
N GLN A 36 5.68 -2.06 4.71
CA GLN A 36 6.92 -2.78 5.12
C GLN A 36 6.54 -4.20 5.57
N SER A 37 7.10 -5.20 4.93
CA SER A 37 6.78 -6.61 5.30
C SER A 37 7.52 -6.97 6.60
N PRO A 38 7.18 -8.12 7.12
CA PRO A 38 7.78 -8.63 8.37
C PRO A 38 9.17 -9.21 8.09
N THR A 39 9.57 -9.25 6.84
CA THR A 39 10.91 -9.81 6.50
C THR A 39 11.89 -8.66 6.28
N GLY A 40 11.38 -7.46 6.16
CA GLY A 40 12.29 -6.29 5.92
C GLY A 40 12.18 -5.84 4.48
N ASP A 41 11.15 -6.23 3.79
CA ASP A 41 10.99 -5.83 2.36
C ASP A 41 10.10 -4.59 2.29
N ARG A 42 10.64 -3.47 1.91
CA ARG A 42 9.82 -2.23 1.82
C ARG A 42 9.41 -2.00 0.36
N ILE A 43 8.13 -1.94 0.09
CA ILE A 43 7.68 -1.72 -1.30
C ILE A 43 6.88 -0.42 -1.38
N ARG A 44 6.59 0.06 -2.56
CA ARG A 44 5.83 1.33 -2.70
C ARG A 44 5.09 1.34 -4.03
N SER A 45 4.98 0.22 -4.68
CA SER A 45 4.26 0.18 -5.98
C SER A 45 2.81 -0.25 -5.72
N LYS A 46 2.62 -1.53 -5.55
CA LYS A 46 1.25 -2.07 -5.28
C LYS A 46 1.21 -3.51 -5.76
N VAL A 47 1.40 -3.72 -7.04
CA VAL A 47 1.41 -5.09 -7.57
C VAL A 47 2.80 -5.69 -7.35
N GLU A 48 3.79 -4.84 -7.23
CA GLU A 48 5.17 -5.33 -7.00
C GLU A 48 5.20 -6.01 -5.63
N LEU A 49 4.68 -5.37 -4.62
CA LEU A 49 4.67 -5.99 -3.28
C LEU A 49 3.71 -7.18 -3.32
N THR A 50 2.69 -7.08 -4.13
CA THR A 50 1.72 -8.20 -4.24
C THR A 50 2.47 -9.44 -4.74
N ARG A 51 2.91 -9.41 -5.97
CA ARG A 51 3.66 -10.58 -6.51
C ARG A 51 4.70 -11.02 -5.49
N TYR A 52 5.23 -10.10 -4.72
CA TYR A 52 6.24 -10.47 -3.69
C TYR A 52 5.59 -11.37 -2.65
N LEU A 53 4.61 -10.87 -1.95
CA LEU A 53 3.93 -11.70 -0.92
C LEU A 53 3.53 -13.04 -1.54
N GLY A 54 2.86 -13.01 -2.65
CA GLY A 54 2.44 -14.28 -3.31
C GLY A 54 0.92 -14.26 -3.51
N PRO A 55 0.33 -15.42 -3.51
CA PRO A 55 -1.13 -15.58 -3.69
C PRO A 55 -1.85 -15.23 -2.38
N ALA A 56 -1.13 -15.12 -1.30
CA ALA A 56 -1.78 -14.78 0.00
C ALA A 56 -2.14 -13.30 0.01
N CYS A 57 -1.79 -12.58 -1.02
CA CYS A 57 -2.12 -11.13 -1.07
C CYS A 57 -2.67 -10.77 -2.45
N ASP A 58 -2.93 -9.51 -2.69
CA ASP A 58 -3.45 -9.10 -4.02
C ASP A 58 -3.69 -7.58 -4.01
N LEU A 59 -3.42 -6.92 -5.09
CA LEU A 59 -3.62 -5.45 -5.13
C LEU A 59 -3.90 -5.00 -6.57
N THR A 60 -4.24 -5.93 -7.42
CA THR A 60 -4.52 -5.55 -8.83
C THR A 60 -5.39 -4.29 -8.86
N LEU A 61 -6.34 -4.19 -7.98
CA LEU A 61 -7.22 -2.99 -7.95
C LEU A 61 -6.94 -2.17 -6.69
N PHE A 62 -6.15 -2.71 -5.79
CA PHE A 62 -5.86 -1.96 -4.54
C PHE A 62 -5.41 -0.54 -4.87
N ASP A 63 -5.88 0.43 -4.12
CA ASP A 63 -5.47 1.83 -4.39
C ASP A 63 -4.21 2.15 -3.60
N PHE A 64 -3.11 2.38 -4.27
CA PHE A 64 -1.85 2.69 -3.53
C PHE A 64 -1.94 4.08 -2.93
N LYS A 65 -2.84 4.30 -2.02
CA LYS A 65 -2.99 5.63 -1.38
C LYS A 65 -4.29 5.68 -0.59
N GLN A 66 -5.33 5.06 -1.10
CA GLN A 66 -6.63 5.05 -0.37
C GLN A 66 -6.61 3.95 0.67
N GLY A 67 -6.08 2.80 0.33
CA GLY A 67 -6.03 1.68 1.31
C GLY A 67 -7.19 0.71 1.06
N ILE A 68 -7.66 0.62 -0.16
CA ILE A 68 -8.78 -0.32 -0.45
C ILE A 68 -8.55 -0.99 -1.80
N LEU A 69 -9.46 -1.85 -2.20
CA LEU A 69 -9.29 -2.55 -3.51
C LEU A 69 -10.66 -3.09 -3.96
N CYS A 70 -10.69 -3.82 -5.04
CA CYS A 70 -11.99 -4.37 -5.52
C CYS A 70 -11.71 -5.53 -6.48
N TYR A 71 -12.73 -6.26 -6.85
CA TYR A 71 -12.52 -7.41 -7.78
C TYR A 71 -13.41 -7.22 -9.02
N PRO A 72 -12.95 -7.76 -10.12
CA PRO A 72 -13.66 -7.68 -11.41
C PRO A 72 -14.82 -8.67 -11.45
N ALA A 73 -15.88 -8.41 -10.73
CA ALA A 73 -17.04 -9.34 -10.75
C ALA A 73 -18.13 -8.82 -9.81
N PRO A 74 -17.78 -8.64 -8.56
CA PRO A 74 -18.73 -8.13 -7.55
C PRO A 74 -18.90 -6.62 -7.70
N LYS A 75 -20.02 -6.09 -7.30
CA LYS A 75 -20.26 -4.62 -7.43
C LYS A 75 -21.31 -4.18 -6.42
#